data_6VHF
# 
_entry.id   6VHF 
# 
_audit_conform.dict_name       mmcif_pdbx.dic 
_audit_conform.dict_version    5.389 
_audit_conform.dict_location   http://mmcif.pdb.org/dictionaries/ascii/mmcif_pdbx.dic 
# 
loop_
_database_2.database_id 
_database_2.database_code 
_database_2.pdbx_database_accession 
_database_2.pdbx_DOI 
PDB   6VHF         pdb_00006vhf 10.2210/pdb6vhf/pdb 
WWPDB D_1000246400 ?            ?                   
# 
loop_
_pdbx_audit_revision_history.ordinal 
_pdbx_audit_revision_history.data_content_type 
_pdbx_audit_revision_history.major_revision 
_pdbx_audit_revision_history.minor_revision 
_pdbx_audit_revision_history.revision_date 
1 'Structure model' 1 0 2020-01-22 
2 'Structure model' 1 1 2024-03-06 
3 'Structure model' 1 2 2024-04-03 
# 
_pdbx_audit_revision_details.ordinal             1 
_pdbx_audit_revision_details.revision_ordinal    1 
_pdbx_audit_revision_details.data_content_type   'Structure model' 
_pdbx_audit_revision_details.provider            repository 
_pdbx_audit_revision_details.type                'Initial release' 
_pdbx_audit_revision_details.description         ? 
_pdbx_audit_revision_details.details             ? 
# 
loop_
_pdbx_audit_revision_group.ordinal 
_pdbx_audit_revision_group.revision_ordinal 
_pdbx_audit_revision_group.data_content_type 
_pdbx_audit_revision_group.group 
1 2 'Structure model' 'Data collection'        
2 2 'Structure model' 'Database references'    
3 3 'Structure model' 'Refinement description' 
# 
loop_
_pdbx_audit_revision_category.ordinal 
_pdbx_audit_revision_category.revision_ordinal 
_pdbx_audit_revision_category.data_content_type 
_pdbx_audit_revision_category.category 
1 2 'Structure model' chem_comp_atom                
2 2 'Structure model' chem_comp_bond                
3 2 'Structure model' database_2                    
4 3 'Structure model' pdbx_initial_refinement_model 
# 
loop_
_pdbx_audit_revision_item.ordinal 
_pdbx_audit_revision_item.revision_ordinal 
_pdbx_audit_revision_item.data_content_type 
_pdbx_audit_revision_item.item 
1 2 'Structure model' '_database_2.pdbx_DOI'                
2 2 'Structure model' '_database_2.pdbx_database_accession' 
# 
_pdbx_database_status.status_code                     REL 
_pdbx_database_status.status_code_sf                  REL 
_pdbx_database_status.status_code_mr                  ? 
_pdbx_database_status.entry_id                        6VHF 
_pdbx_database_status.recvd_initial_deposition_date   2020-01-09 
_pdbx_database_status.SG_entry                        N 
_pdbx_database_status.deposit_site                    RCSB 
_pdbx_database_status.process_site                    RCSB 
_pdbx_database_status.status_code_cs                  ? 
_pdbx_database_status.status_code_nmr_data            ? 
_pdbx_database_status.methods_development_category    ? 
_pdbx_database_status.pdb_format_compatible           Y 
# 
loop_
_audit_author.name 
_audit_author.pdbx_ordinal 
_audit_author.identifier_ORCID 
'Joshi, M.'     1 ? 
'Couture, J.F.' 2 ? 
# 
_citation.abstract                  ? 
_citation.abstract_id_CAS           ? 
_citation.book_id_ISBN              ? 
_citation.book_publisher            ? 
_citation.book_publisher_city       ? 
_citation.book_title                ? 
_citation.coordinate_linkage        ? 
_citation.country                   UK 
_citation.database_id_Medline       ? 
_citation.details                   ? 
_citation.id                        primary 
_citation.journal_abbrev            'Nucleic Acids Res.' 
_citation.journal_id_ASTM           NARHAD 
_citation.journal_id_CSD            0389 
_citation.journal_id_ISSN           1362-4962 
_citation.journal_full              ? 
_citation.journal_issue             ? 
_citation.journal_volume            48 
_citation.language                  ? 
_citation.page_first                421 
_citation.page_last                 431 
_citation.title                     
'A non-canonical monovalent zinc finger stabilizes the integration of Cfp1 into the H3K4 methyltransferase complex COMPASS.' 
_citation.year                      2020 
_citation.database_id_CSD           ? 
_citation.pdbx_database_id_DOI      10.1093/nar/gkz1037 
_citation.pdbx_database_id_PubMed   31724694 
_citation.unpublished_flag          ? 
# 
loop_
_citation_author.citation_id 
_citation_author.name 
_citation_author.ordinal 
_citation_author.identifier_ORCID 
primary 'Yang, Y.'        1  ? 
primary 'Joshi, M.'       2  ? 
primary 'Takahashi, Y.H.' 3  ? 
primary 'Ning, Z.'        4  ? 
primary 'Qu, Q.'          5  ? 
primary 'Brunzelle, J.S.' 6  ? 
primary 'Skiniotis, G.'   7  ? 
primary 'Figeys, D.'      8  ? 
primary 'Shilatifard, A.' 9  ? 
primary 'Couture, J.F.'   10 ? 
# 
loop_
_entity.id 
_entity.type 
_entity.src_method 
_entity.pdbx_description 
_entity.formula_weight 
_entity.pdbx_number_of_molecules 
_entity.pdbx_ec 
_entity.pdbx_mutation 
_entity.pdbx_fragment 
_entity.details 
1 polymer     man 'PHD-type domain-containing protein' 24770.744 1  ? ? ? ? 
2 non-polymer syn 'ZINC ION'                           65.409    1  ? ? ? ? 
3 water       nat water                                18.015    21 ? ? ? ? 
# 
_entity_poly.entity_id                      1 
_entity_poly.type                           'polypeptide(L)' 
_entity_poly.nstd_linkage                   no 
_entity_poly.nstd_monomer                   no 
_entity_poly.pdbx_seq_one_letter_code       
;ALTPEEYAELTASAETRSKLSEQIALCRQMLQLIELAIARREAAIAAGIPGITKDICGYDTRLDTVGAAHQFSLFLQSPQ
GQSIFSTRSLDNPPYVTTTIKNPEDDTPAATSSNSAETAAGQDPRTAGMCLRKKCKPHNGWGALLTKTVRHDIRELALQI
RELLEAEQRVRDGAAGRFMRRMKERNEVIAIEEDEDDDEHGNGFLREEKLGHKRSDGDRMDLD
;
_entity_poly.pdbx_seq_one_letter_code_can   
;ALTPEEYAELTASAETRSKLSEQIALCRQMLQLIELAIARREAAIAAGIPGITKDICGYDTRLDTVGAAHQFSLFLQSPQ
GQSIFSTRSLDNPPYVTTTIKNPEDDTPAATSSNSAETAAGQDPRTAGMCLRKKCKPHNGWGALLTKTVRHDIRELALQI
RELLEAEQRVRDGAAGRFMRRMKERNEVIAIEEDEDDDEHGNGFLREEKLGHKRSDGDRMDLD
;
_entity_poly.pdbx_strand_id                 A 
_entity_poly.pdbx_target_identifier         ? 
# 
loop_
_pdbx_entity_nonpoly.entity_id 
_pdbx_entity_nonpoly.name 
_pdbx_entity_nonpoly.comp_id 
2 'ZINC ION' ZN  
3 water      HOH 
# 
loop_
_entity_poly_seq.entity_id 
_entity_poly_seq.num 
_entity_poly_seq.mon_id 
_entity_poly_seq.hetero 
1 1   ALA n 
1 2   LEU n 
1 3   THR n 
1 4   PRO n 
1 5   GLU n 
1 6   GLU n 
1 7   TYR n 
1 8   ALA n 
1 9   GLU n 
1 10  LEU n 
1 11  THR n 
1 12  ALA n 
1 13  SER n 
1 14  ALA n 
1 15  GLU n 
1 16  THR n 
1 17  ARG n 
1 18  SER n 
1 19  LYS n 
1 20  LEU n 
1 21  SER n 
1 22  GLU n 
1 23  GLN n 
1 24  ILE n 
1 25  ALA n 
1 26  LEU n 
1 27  CYS n 
1 28  ARG n 
1 29  GLN n 
1 30  MET n 
1 31  LEU n 
1 32  GLN n 
1 33  LEU n 
1 34  ILE n 
1 35  GLU n 
1 36  LEU n 
1 37  ALA n 
1 38  ILE n 
1 39  ALA n 
1 40  ARG n 
1 41  ARG n 
1 42  GLU n 
1 43  ALA n 
1 44  ALA n 
1 45  ILE n 
1 46  ALA n 
1 47  ALA n 
1 48  GLY n 
1 49  ILE n 
1 50  PRO n 
1 51  GLY n 
1 52  ILE n 
1 53  THR n 
1 54  LYS n 
1 55  ASP n 
1 56  ILE n 
1 57  CYS n 
1 58  GLY n 
1 59  TYR n 
1 60  ASP n 
1 61  THR n 
1 62  ARG n 
1 63  LEU n 
1 64  ASP n 
1 65  THR n 
1 66  VAL n 
1 67  GLY n 
1 68  ALA n 
1 69  ALA n 
1 70  HIS n 
1 71  GLN n 
1 72  PHE n 
1 73  SER n 
1 74  LEU n 
1 75  PHE n 
1 76  LEU n 
1 77  GLN n 
1 78  SER n 
1 79  PRO n 
1 80  GLN n 
1 81  GLY n 
1 82  GLN n 
1 83  SER n 
1 84  ILE n 
1 85  PHE n 
1 86  SER n 
1 87  THR n 
1 88  ARG n 
1 89  SER n 
1 90  LEU n 
1 91  ASP n 
1 92  ASN n 
1 93  PRO n 
1 94  PRO n 
1 95  TYR n 
1 96  VAL n 
1 97  THR n 
1 98  THR n 
1 99  THR n 
1 100 ILE n 
1 101 LYS n 
1 102 ASN n 
1 103 PRO n 
1 104 GLU n 
1 105 ASP n 
1 106 ASP n 
1 107 THR n 
1 108 PRO n 
1 109 ALA n 
1 110 ALA n 
1 111 THR n 
1 112 SER n 
1 113 SER n 
1 114 ASN n 
1 115 SER n 
1 116 ALA n 
1 117 GLU n 
1 118 THR n 
1 119 ALA n 
1 120 ALA n 
1 121 GLY n 
1 122 GLN n 
1 123 ASP n 
1 124 PRO n 
1 125 ARG n 
1 126 THR n 
1 127 ALA n 
1 128 GLY n 
1 129 MET n 
1 130 CYS n 
1 131 LEU n 
1 132 ARG n 
1 133 LYS n 
1 134 LYS n 
1 135 CYS n 
1 136 LYS n 
1 137 PRO n 
1 138 HIS n 
1 139 ASN n 
1 140 GLY n 
1 141 TRP n 
1 142 GLY n 
1 143 ALA n 
1 144 LEU n 
1 145 LEU n 
1 146 THR n 
1 147 LYS n 
1 148 THR n 
1 149 VAL n 
1 150 ARG n 
1 151 HIS n 
1 152 ASP n 
1 153 ILE n 
1 154 ARG n 
1 155 GLU n 
1 156 LEU n 
1 157 ALA n 
1 158 LEU n 
1 159 GLN n 
1 160 ILE n 
1 161 ARG n 
1 162 GLU n 
1 163 LEU n 
1 164 LEU n 
1 165 GLU n 
1 166 ALA n 
1 167 GLU n 
1 168 GLN n 
1 169 ARG n 
1 170 VAL n 
1 171 ARG n 
1 172 ASP n 
1 173 GLY n 
1 174 ALA n 
1 175 ALA n 
1 176 GLY n 
1 177 ARG n 
1 178 PHE n 
1 179 MET n 
1 180 ARG n 
1 181 ARG n 
1 182 MET n 
1 183 LYS n 
1 184 GLU n 
1 185 ARG n 
1 186 ASN n 
1 187 GLU n 
1 188 VAL n 
1 189 ILE n 
1 190 ALA n 
1 191 ILE n 
1 192 GLU n 
1 193 GLU n 
1 194 ASP n 
1 195 GLU n 
1 196 ASP n 
1 197 ASP n 
1 198 ASP n 
1 199 GLU n 
1 200 HIS n 
1 201 GLY n 
1 202 ASN n 
1 203 GLY n 
1 204 PHE n 
1 205 LEU n 
1 206 ARG n 
1 207 GLU n 
1 208 GLU n 
1 209 LYS n 
1 210 LEU n 
1 211 GLY n 
1 212 HIS n 
1 213 LYS n 
1 214 ARG n 
1 215 SER n 
1 216 ASP n 
1 217 GLY n 
1 218 ASP n 
1 219 ARG n 
1 220 MET n 
1 221 ASP n 
1 222 LEU n 
1 223 ASP n 
# 
_entity_src_gen.entity_id                          1 
_entity_src_gen.pdbx_src_id                        1 
_entity_src_gen.pdbx_alt_source_flag               sample 
_entity_src_gen.pdbx_seq_type                      'Biological sequence' 
_entity_src_gen.pdbx_beg_seq_num                   1 
_entity_src_gen.pdbx_end_seq_num                   223 
_entity_src_gen.gene_src_common_name               ? 
_entity_src_gen.gene_src_genus                     ? 
_entity_src_gen.pdbx_gene_src_gene                 CTHT_0014220 
_entity_src_gen.gene_src_species                   ? 
_entity_src_gen.gene_src_strain                    'DSM 1495 / CBS 144.50 / IMI 039719' 
_entity_src_gen.gene_src_tissue                    ? 
_entity_src_gen.gene_src_tissue_fraction           ? 
_entity_src_gen.gene_src_details                   ? 
_entity_src_gen.pdbx_gene_src_fragment             ? 
_entity_src_gen.pdbx_gene_src_scientific_name      'Chaetomium thermophilum (strain DSM 1495 / CBS 144.50 / IMI 039719)' 
_entity_src_gen.pdbx_gene_src_ncbi_taxonomy_id     759272 
_entity_src_gen.pdbx_gene_src_variant              ? 
_entity_src_gen.pdbx_gene_src_cell_line            ? 
_entity_src_gen.pdbx_gene_src_atcc                 ? 
_entity_src_gen.pdbx_gene_src_organ                ? 
_entity_src_gen.pdbx_gene_src_organelle            ? 
_entity_src_gen.pdbx_gene_src_cell                 ? 
_entity_src_gen.pdbx_gene_src_cellular_location    ? 
_entity_src_gen.host_org_common_name               ? 
_entity_src_gen.pdbx_host_org_scientific_name      'Escherichia coli' 
_entity_src_gen.pdbx_host_org_ncbi_taxonomy_id     562 
_entity_src_gen.host_org_genus                     ? 
_entity_src_gen.pdbx_host_org_gene                 ? 
_entity_src_gen.pdbx_host_org_organ                ? 
_entity_src_gen.host_org_species                   ? 
_entity_src_gen.pdbx_host_org_tissue               ? 
_entity_src_gen.pdbx_host_org_tissue_fraction      ? 
_entity_src_gen.pdbx_host_org_strain               ? 
_entity_src_gen.pdbx_host_org_variant              ? 
_entity_src_gen.pdbx_host_org_cell_line            ? 
_entity_src_gen.pdbx_host_org_atcc                 ? 
_entity_src_gen.pdbx_host_org_culture_collection   ? 
_entity_src_gen.pdbx_host_org_cell                 ? 
_entity_src_gen.pdbx_host_org_organelle            ? 
_entity_src_gen.pdbx_host_org_cellular_location    ? 
_entity_src_gen.pdbx_host_org_vector_type          ? 
_entity_src_gen.pdbx_host_org_vector               ? 
_entity_src_gen.host_org_details                   ? 
_entity_src_gen.expression_system_id               ? 
_entity_src_gen.plasmid_name                       ? 
_entity_src_gen.plasmid_details                    ? 
_entity_src_gen.pdbx_description                   ? 
# 
loop_
_chem_comp.id 
_chem_comp.type 
_chem_comp.mon_nstd_flag 
_chem_comp.name 
_chem_comp.pdbx_synonyms 
_chem_comp.formula 
_chem_comp.formula_weight 
ALA 'L-peptide linking' y ALANINE         ? 'C3 H7 N O2'     89.093  
ARG 'L-peptide linking' y ARGININE        ? 'C6 H15 N4 O2 1' 175.209 
ASN 'L-peptide linking' y ASPARAGINE      ? 'C4 H8 N2 O3'    132.118 
ASP 'L-peptide linking' y 'ASPARTIC ACID' ? 'C4 H7 N O4'     133.103 
CYS 'L-peptide linking' y CYSTEINE        ? 'C3 H7 N O2 S'   121.158 
GLN 'L-peptide linking' y GLUTAMINE       ? 'C5 H10 N2 O3'   146.144 
GLU 'L-peptide linking' y 'GLUTAMIC ACID' ? 'C5 H9 N O4'     147.129 
GLY 'peptide linking'   y GLYCINE         ? 'C2 H5 N O2'     75.067  
HIS 'L-peptide linking' y HISTIDINE       ? 'C6 H10 N3 O2 1' 156.162 
HOH non-polymer         . WATER           ? 'H2 O'           18.015  
ILE 'L-peptide linking' y ISOLEUCINE      ? 'C6 H13 N O2'    131.173 
LEU 'L-peptide linking' y LEUCINE         ? 'C6 H13 N O2'    131.173 
LYS 'L-peptide linking' y LYSINE          ? 'C6 H15 N2 O2 1' 147.195 
MET 'L-peptide linking' y METHIONINE      ? 'C5 H11 N O2 S'  149.211 
PHE 'L-peptide linking' y PHENYLALANINE   ? 'C9 H11 N O2'    165.189 
PRO 'L-peptide linking' y PROLINE         ? 'C5 H9 N O2'     115.130 
SER 'L-peptide linking' y SERINE          ? 'C3 H7 N O3'     105.093 
THR 'L-peptide linking' y THREONINE       ? 'C4 H9 N O3'     119.119 
TRP 'L-peptide linking' y TRYPTOPHAN      ? 'C11 H12 N2 O2'  204.225 
TYR 'L-peptide linking' y TYROSINE        ? 'C9 H11 N O3'    181.189 
VAL 'L-peptide linking' y VALINE          ? 'C5 H11 N O2'    117.146 
ZN  non-polymer         . 'ZINC ION'      ? 'Zn 2'           65.409  
# 
loop_
_pdbx_poly_seq_scheme.asym_id 
_pdbx_poly_seq_scheme.entity_id 
_pdbx_poly_seq_scheme.seq_id 
_pdbx_poly_seq_scheme.mon_id 
_pdbx_poly_seq_scheme.ndb_seq_num 
_pdbx_poly_seq_scheme.pdb_seq_num 
_pdbx_poly_seq_scheme.auth_seq_num 
_pdbx_poly_seq_scheme.pdb_mon_id 
_pdbx_poly_seq_scheme.auth_mon_id 
_pdbx_poly_seq_scheme.pdb_strand_id 
_pdbx_poly_seq_scheme.pdb_ins_code 
_pdbx_poly_seq_scheme.hetero 
A 1 1   ALA 1   322 322 ALA ALA A . n 
A 1 2   LEU 2   323 323 LEU LEU A . n 
A 1 3   THR 3   324 324 THR THR A . n 
A 1 4   PRO 4   325 325 PRO PRO A . n 
A 1 5   GLU 5   326 326 GLU GLU A . n 
A 1 6   GLU 6   327 327 GLU GLU A . n 
A 1 7   TYR 7   328 328 TYR TYR A . n 
A 1 8   ALA 8   329 329 ALA ALA A . n 
A 1 9   GLU 9   330 330 GLU GLU A . n 
A 1 10  LEU 10  331 331 LEU LEU A . n 
A 1 11  THR 11  332 332 THR THR A . n 
A 1 12  ALA 12  333 333 ALA ALA A . n 
A 1 13  SER 13  334 334 SER SER A . n 
A 1 14  ALA 14  335 335 ALA ALA A . n 
A 1 15  GLU 15  336 336 GLU GLU A . n 
A 1 16  THR 16  337 337 THR THR A . n 
A 1 17  ARG 17  338 338 ARG ARG A . n 
A 1 18  SER 18  339 339 SER SER A . n 
A 1 19  LYS 19  340 340 LYS LYS A . n 
A 1 20  LEU 20  341 341 LEU LEU A . n 
A 1 21  SER 21  342 342 SER SER A . n 
A 1 22  GLU 22  343 343 GLU GLU A . n 
A 1 23  GLN 23  344 344 GLN GLN A . n 
A 1 24  ILE 24  345 345 ILE ILE A . n 
A 1 25  ALA 25  346 346 ALA ALA A . n 
A 1 26  LEU 26  347 347 LEU LEU A . n 
A 1 27  CYS 27  348 348 CYS CYS A . n 
A 1 28  ARG 28  349 349 ARG ARG A . n 
A 1 29  GLN 29  350 350 GLN GLN A . n 
A 1 30  MET 30  351 351 MET MET A . n 
A 1 31  LEU 31  352 352 LEU LEU A . n 
A 1 32  GLN 32  353 353 GLN GLN A . n 
A 1 33  LEU 33  354 354 LEU LEU A . n 
A 1 34  ILE 34  355 355 ILE ILE A . n 
A 1 35  GLU 35  356 356 GLU GLU A . n 
A 1 36  LEU 36  357 357 LEU LEU A . n 
A 1 37  ALA 37  358 358 ALA ALA A . n 
A 1 38  ILE 38  359 359 ILE ILE A . n 
A 1 39  ALA 39  360 360 ALA ALA A . n 
A 1 40  ARG 40  361 361 ARG ARG A . n 
A 1 41  ARG 41  362 362 ARG ARG A . n 
A 1 42  GLU 42  363 363 GLU GLU A . n 
A 1 43  ALA 43  364 364 ALA ALA A . n 
A 1 44  ALA 44  365 365 ALA ALA A . n 
A 1 45  ILE 45  366 366 ILE ILE A . n 
A 1 46  ALA 46  367 367 ALA ALA A . n 
A 1 47  ALA 47  368 368 ALA ALA A . n 
A 1 48  GLY 48  369 369 GLY GLY A . n 
A 1 49  ILE 49  370 370 ILE ILE A . n 
A 1 50  PRO 50  371 371 PRO PRO A . n 
A 1 51  GLY 51  372 372 GLY GLY A . n 
A 1 52  ILE 52  373 373 ILE ILE A . n 
A 1 53  THR 53  374 374 THR THR A . n 
A 1 54  LYS 54  375 375 LYS LYS A . n 
A 1 55  ASP 55  376 376 ASP ASP A . n 
A 1 56  ILE 56  377 377 ILE ILE A . n 
A 1 57  CYS 57  378 378 CYS CYS A . n 
A 1 58  GLY 58  379 379 GLY GLY A . n 
A 1 59  TYR 59  380 380 TYR TYR A . n 
A 1 60  ASP 60  381 381 ASP ASP A . n 
A 1 61  THR 61  382 382 THR THR A . n 
A 1 62  ARG 62  383 383 ARG ARG A . n 
A 1 63  LEU 63  384 384 LEU LEU A . n 
A 1 64  ASP 64  385 385 ASP ASP A . n 
A 1 65  THR 65  386 386 THR THR A . n 
A 1 66  VAL 66  387 387 VAL VAL A . n 
A 1 67  GLY 67  388 388 GLY GLY A . n 
A 1 68  ALA 68  389 389 ALA ALA A . n 
A 1 69  ALA 69  390 390 ALA ALA A . n 
A 1 70  HIS 70  391 391 HIS HIS A . n 
A 1 71  GLN 71  392 392 GLN GLN A . n 
A 1 72  PHE 72  393 393 PHE PHE A . n 
A 1 73  SER 73  394 394 SER SER A . n 
A 1 74  LEU 74  395 395 LEU LEU A . n 
A 1 75  PHE 75  396 396 PHE PHE A . n 
A 1 76  LEU 76  397 397 LEU LEU A . n 
A 1 77  GLN 77  398 398 GLN GLN A . n 
A 1 78  SER 78  399 399 SER SER A . n 
A 1 79  PRO 79  400 400 PRO PRO A . n 
A 1 80  GLN 80  401 401 GLN GLN A . n 
A 1 81  GLY 81  402 402 GLY GLY A . n 
A 1 82  GLN 82  403 403 GLN GLN A . n 
A 1 83  SER 83  404 404 SER SER A . n 
A 1 84  ILE 84  405 ?   ?   ?   A . n 
A 1 85  PHE 85  406 ?   ?   ?   A . n 
A 1 86  SER 86  407 ?   ?   ?   A . n 
A 1 87  THR 87  408 ?   ?   ?   A . n 
A 1 88  ARG 88  409 ?   ?   ?   A . n 
A 1 89  SER 89  410 ?   ?   ?   A . n 
A 1 90  LEU 90  411 ?   ?   ?   A . n 
A 1 91  ASP 91  412 ?   ?   ?   A . n 
A 1 92  ASN 92  413 ?   ?   ?   A . n 
A 1 93  PRO 93  414 ?   ?   ?   A . n 
A 1 94  PRO 94  415 ?   ?   ?   A . n 
A 1 95  TYR 95  416 ?   ?   ?   A . n 
A 1 96  VAL 96  417 ?   ?   ?   A . n 
A 1 97  THR 97  418 ?   ?   ?   A . n 
A 1 98  THR 98  419 ?   ?   ?   A . n 
A 1 99  THR 99  420 ?   ?   ?   A . n 
A 1 100 ILE 100 421 ?   ?   ?   A . n 
A 1 101 LYS 101 422 ?   ?   ?   A . n 
A 1 102 ASN 102 423 ?   ?   ?   A . n 
A 1 103 PRO 103 424 ?   ?   ?   A . n 
A 1 104 GLU 104 425 ?   ?   ?   A . n 
A 1 105 ASP 105 426 ?   ?   ?   A . n 
A 1 106 ASP 106 427 ?   ?   ?   A . n 
A 1 107 THR 107 428 ?   ?   ?   A . n 
A 1 108 PRO 108 429 ?   ?   ?   A . n 
A 1 109 ALA 109 430 ?   ?   ?   A . n 
A 1 110 ALA 110 431 ?   ?   ?   A . n 
A 1 111 THR 111 432 ?   ?   ?   A . n 
A 1 112 SER 112 433 ?   ?   ?   A . n 
A 1 113 SER 113 434 ?   ?   ?   A . n 
A 1 114 ASN 114 435 ?   ?   ?   A . n 
A 1 115 SER 115 436 ?   ?   ?   A . n 
A 1 116 ALA 116 437 ?   ?   ?   A . n 
A 1 117 GLU 117 438 ?   ?   ?   A . n 
A 1 118 THR 118 439 ?   ?   ?   A . n 
A 1 119 ALA 119 440 ?   ?   ?   A . n 
A 1 120 ALA 120 441 ?   ?   ?   A . n 
A 1 121 GLY 121 442 ?   ?   ?   A . n 
A 1 122 GLN 122 443 443 GLN GLN A . n 
A 1 123 ASP 123 444 444 ASP ASP A . n 
A 1 124 PRO 124 445 445 PRO PRO A . n 
A 1 125 ARG 125 446 446 ARG ARG A . n 
A 1 126 THR 126 447 447 THR THR A . n 
A 1 127 ALA 127 448 448 ALA ALA A . n 
A 1 128 GLY 128 449 449 GLY GLY A . n 
A 1 129 MET 129 450 450 MET MET A . n 
A 1 130 CYS 130 451 451 CYS CYS A . n 
A 1 131 LEU 131 452 452 LEU LEU A . n 
A 1 132 ARG 132 453 453 ARG ARG A . n 
A 1 133 LYS 133 454 454 LYS LYS A . n 
A 1 134 LYS 134 455 455 LYS LYS A . n 
A 1 135 CYS 135 456 456 CYS CYS A . n 
A 1 136 LYS 136 457 457 LYS LYS A . n 
A 1 137 PRO 137 458 458 PRO PRO A . n 
A 1 138 HIS 138 459 459 HIS HIS A . n 
A 1 139 ASN 139 460 460 ASN ASN A . n 
A 1 140 GLY 140 461 461 GLY GLY A . n 
A 1 141 TRP 141 462 462 TRP TRP A . n 
A 1 142 GLY 142 463 463 GLY GLY A . n 
A 1 143 ALA 143 464 464 ALA ALA A . n 
A 1 144 LEU 144 465 465 LEU LEU A . n 
A 1 145 LEU 145 466 466 LEU LEU A . n 
A 1 146 THR 146 467 467 THR THR A . n 
A 1 147 LYS 147 468 468 LYS LYS A . n 
A 1 148 THR 148 469 469 THR THR A . n 
A 1 149 VAL 149 470 470 VAL VAL A . n 
A 1 150 ARG 150 471 471 ARG ARG A . n 
A 1 151 HIS 151 472 472 HIS HIS A . n 
A 1 152 ASP 152 473 473 ASP ASP A . n 
A 1 153 ILE 153 474 474 ILE ILE A . n 
A 1 154 ARG 154 475 475 ARG ARG A . n 
A 1 155 GLU 155 476 476 GLU GLU A . n 
A 1 156 LEU 156 477 477 LEU LEU A . n 
A 1 157 ALA 157 478 478 ALA ALA A . n 
A 1 158 LEU 158 479 479 LEU LEU A . n 
A 1 159 GLN 159 480 480 GLN GLN A . n 
A 1 160 ILE 160 481 481 ILE ILE A . n 
A 1 161 ARG 161 482 482 ARG ARG A . n 
A 1 162 GLU 162 483 483 GLU GLU A . n 
A 1 163 LEU 163 484 484 LEU LEU A . n 
A 1 164 LEU 164 485 485 LEU LEU A . n 
A 1 165 GLU 165 486 486 GLU GLU A . n 
A 1 166 ALA 166 487 487 ALA ALA A . n 
A 1 167 GLU 167 488 488 GLU GLU A . n 
A 1 168 GLN 168 489 489 GLN GLN A . n 
A 1 169 ARG 169 490 490 ARG ARG A . n 
A 1 170 VAL 170 491 491 VAL VAL A . n 
A 1 171 ARG 171 492 492 ARG ARG A . n 
A 1 172 ASP 172 493 493 ASP ASP A . n 
A 1 173 GLY 173 494 494 GLY GLY A . n 
A 1 174 ALA 174 495 495 ALA ALA A . n 
A 1 175 ALA 175 496 496 ALA ALA A . n 
A 1 176 GLY 176 497 497 GLY GLY A . n 
A 1 177 ARG 177 498 498 ARG ARG A . n 
A 1 178 PHE 178 499 499 PHE PHE A . n 
A 1 179 MET 179 500 ?   ?   ?   A . n 
A 1 180 ARG 180 501 ?   ?   ?   A . n 
A 1 181 ARG 181 502 ?   ?   ?   A . n 
A 1 182 MET 182 503 ?   ?   ?   A . n 
A 1 183 LYS 183 504 ?   ?   ?   A . n 
A 1 184 GLU 184 505 ?   ?   ?   A . n 
A 1 185 ARG 185 506 ?   ?   ?   A . n 
A 1 186 ASN 186 507 ?   ?   ?   A . n 
A 1 187 GLU 187 508 ?   ?   ?   A . n 
A 1 188 VAL 188 509 ?   ?   ?   A . n 
A 1 189 ILE 189 510 ?   ?   ?   A . n 
A 1 190 ALA 190 511 ?   ?   ?   A . n 
A 1 191 ILE 191 512 ?   ?   ?   A . n 
A 1 192 GLU 192 513 ?   ?   ?   A . n 
A 1 193 GLU 193 514 ?   ?   ?   A . n 
A 1 194 ASP 194 515 ?   ?   ?   A . n 
A 1 195 GLU 195 516 ?   ?   ?   A . n 
A 1 196 ASP 196 517 ?   ?   ?   A . n 
A 1 197 ASP 197 518 ?   ?   ?   A . n 
A 1 198 ASP 198 519 ?   ?   ?   A . n 
A 1 199 GLU 199 520 ?   ?   ?   A . n 
A 1 200 HIS 200 521 ?   ?   ?   A . n 
A 1 201 GLY 201 522 ?   ?   ?   A . n 
A 1 202 ASN 202 523 ?   ?   ?   A . n 
A 1 203 GLY 203 524 ?   ?   ?   A . n 
A 1 204 PHE 204 525 ?   ?   ?   A . n 
A 1 205 LEU 205 526 ?   ?   ?   A . n 
A 1 206 ARG 206 527 ?   ?   ?   A . n 
A 1 207 GLU 207 528 ?   ?   ?   A . n 
A 1 208 GLU 208 529 ?   ?   ?   A . n 
A 1 209 LYS 209 530 ?   ?   ?   A . n 
A 1 210 LEU 210 531 ?   ?   ?   A . n 
A 1 211 GLY 211 532 ?   ?   ?   A . n 
A 1 212 HIS 212 533 ?   ?   ?   A . n 
A 1 213 LYS 213 534 ?   ?   ?   A . n 
A 1 214 ARG 214 535 ?   ?   ?   A . n 
A 1 215 SER 215 536 ?   ?   ?   A . n 
A 1 216 ASP 216 537 ?   ?   ?   A . n 
A 1 217 GLY 217 538 ?   ?   ?   A . n 
A 1 218 ASP 218 539 ?   ?   ?   A . n 
A 1 219 ARG 219 540 ?   ?   ?   A . n 
A 1 220 MET 220 541 ?   ?   ?   A . n 
A 1 221 ASP 221 542 ?   ?   ?   A . n 
A 1 222 LEU 222 543 ?   ?   ?   A . n 
A 1 223 ASP 223 544 ?   ?   ?   A . n 
# 
loop_
_pdbx_nonpoly_scheme.asym_id 
_pdbx_nonpoly_scheme.entity_id 
_pdbx_nonpoly_scheme.mon_id 
_pdbx_nonpoly_scheme.ndb_seq_num 
_pdbx_nonpoly_scheme.pdb_seq_num 
_pdbx_nonpoly_scheme.auth_seq_num 
_pdbx_nonpoly_scheme.pdb_mon_id 
_pdbx_nonpoly_scheme.auth_mon_id 
_pdbx_nonpoly_scheme.pdb_strand_id 
_pdbx_nonpoly_scheme.pdb_ins_code 
B 2 ZN  1  601 4  ZN  ZN  A . 
C 3 HOH 1  701 4  HOH HOH A . 
C 3 HOH 2  702 10 HOH HOH A . 
C 3 HOH 3  703 6  HOH HOH A . 
C 3 HOH 4  704 7  HOH HOH A . 
C 3 HOH 5  705 5  HOH HOH A . 
C 3 HOH 6  706 3  HOH HOH A . 
C 3 HOH 7  707 19 HOH HOH A . 
C 3 HOH 8  708 11 HOH HOH A . 
C 3 HOH 9  709 20 HOH HOH A . 
C 3 HOH 10 710 14 HOH HOH A . 
C 3 HOH 11 711 8  HOH HOH A . 
C 3 HOH 12 712 1  HOH HOH A . 
C 3 HOH 13 713 16 HOH HOH A . 
C 3 HOH 14 714 13 HOH HOH A . 
C 3 HOH 15 715 2  HOH HOH A . 
C 3 HOH 16 716 22 HOH HOH A . 
C 3 HOH 17 717 21 HOH HOH A . 
C 3 HOH 18 718 18 HOH HOH A . 
C 3 HOH 19 719 9  HOH HOH A . 
C 3 HOH 20 720 17 HOH HOH A . 
C 3 HOH 21 721 12 HOH HOH A . 
# 
loop_
_pdbx_unobs_or_zero_occ_atoms.id 
_pdbx_unobs_or_zero_occ_atoms.PDB_model_num 
_pdbx_unobs_or_zero_occ_atoms.polymer_flag 
_pdbx_unobs_or_zero_occ_atoms.occupancy_flag 
_pdbx_unobs_or_zero_occ_atoms.auth_asym_id 
_pdbx_unobs_or_zero_occ_atoms.auth_comp_id 
_pdbx_unobs_or_zero_occ_atoms.auth_seq_id 
_pdbx_unobs_or_zero_occ_atoms.PDB_ins_code 
_pdbx_unobs_or_zero_occ_atoms.auth_atom_id 
_pdbx_unobs_or_zero_occ_atoms.label_alt_id 
_pdbx_unobs_or_zero_occ_atoms.label_asym_id 
_pdbx_unobs_or_zero_occ_atoms.label_comp_id 
_pdbx_unobs_or_zero_occ_atoms.label_seq_id 
_pdbx_unobs_or_zero_occ_atoms.label_atom_id 
1 1 Y 1 A PHE 499 ? CG  ? A PHE 178 CG  
2 1 Y 1 A PHE 499 ? CD1 ? A PHE 178 CD1 
3 1 Y 1 A PHE 499 ? CD2 ? A PHE 178 CD2 
4 1 Y 1 A PHE 499 ? CE1 ? A PHE 178 CE1 
5 1 Y 1 A PHE 499 ? CE2 ? A PHE 178 CE2 
6 1 Y 1 A PHE 499 ? CZ  ? A PHE 178 CZ  
# 
loop_
_software.citation_id 
_software.classification 
_software.compiler_name 
_software.compiler_version 
_software.contact_author 
_software.contact_author_email 
_software.date 
_software.description 
_software.dependencies 
_software.hardware 
_software.language 
_software.location 
_software.mods 
_software.name 
_software.os 
_software.os_version 
_software.type 
_software.version 
_software.pdbx_ordinal 
? refinement        ? ? ? ? ? ? ? ? ? ? ? PHENIX      ? ? ? 1.10.1_2155 1 
? 'data extraction' ? ? ? ? ? ? ? ? ? ? ? PDB_EXTRACT ? ? ? 3.25        2 
? 'data reduction'  ? ? ? ? ? ? ? ? ? ? ? XDS         ? ? ? .           3 
? 'data scaling'    ? ? ? ? ? ? ? ? ? ? ? Aimless     ? ? ? .           4 
? phasing           ? ? ? ? ? ? ? ? ? ? ? PHENIX      ? ? ? .           5 
# 
_cell.angle_alpha                  90.000 
_cell.angle_alpha_esd              ? 
_cell.angle_beta                   90.000 
_cell.angle_beta_esd               ? 
_cell.angle_gamma                  90.000 
_cell.angle_gamma_esd              ? 
_cell.entry_id                     6VHF 
_cell.details                      ? 
_cell.formula_units_Z              ? 
_cell.length_a                     67.266 
_cell.length_a_esd                 ? 
_cell.length_b                     71.614 
_cell.length_b_esd                 ? 
_cell.length_c                     78.132 
_cell.length_c_esd                 ? 
_cell.volume                       ? 
_cell.volume_esd                   ? 
_cell.Z_PDB                        8 
_cell.reciprocal_angle_alpha       ? 
_cell.reciprocal_angle_beta        ? 
_cell.reciprocal_angle_gamma       ? 
_cell.reciprocal_angle_alpha_esd   ? 
_cell.reciprocal_angle_beta_esd    ? 
_cell.reciprocal_angle_gamma_esd   ? 
_cell.reciprocal_length_a          ? 
_cell.reciprocal_length_b          ? 
_cell.reciprocal_length_c          ? 
_cell.reciprocal_length_a_esd      ? 
_cell.reciprocal_length_b_esd      ? 
_cell.reciprocal_length_c_esd      ? 
_cell.pdbx_unique_axis             ? 
# 
_symmetry.entry_id                         6VHF 
_symmetry.cell_setting                     ? 
_symmetry.Int_Tables_number                23 
_symmetry.space_group_name_Hall            ? 
_symmetry.space_group_name_H-M             'I 2 2 2' 
_symmetry.pdbx_full_space_group_name_H-M   ? 
# 
_exptl.absorpt_coefficient_mu     ? 
_exptl.absorpt_correction_T_max   ? 
_exptl.absorpt_correction_T_min   ? 
_exptl.absorpt_correction_type    ? 
_exptl.absorpt_process_details    ? 
_exptl.entry_id                   6VHF 
_exptl.crystals_number            1 
_exptl.details                    ? 
_exptl.method                     'X-RAY DIFFRACTION' 
_exptl.method_details             ? 
# 
_exptl_crystal.colour                      ? 
_exptl_crystal.density_diffrn              ? 
_exptl_crystal.density_Matthews            1.90 
_exptl_crystal.density_method              ? 
_exptl_crystal.density_percent_sol         35.24 
_exptl_crystal.description                 ? 
_exptl_crystal.F_000                       ? 
_exptl_crystal.id                          1 
_exptl_crystal.preparation                 ? 
_exptl_crystal.size_max                    ? 
_exptl_crystal.size_mid                    ? 
_exptl_crystal.size_min                    ? 
_exptl_crystal.size_rad                    ? 
_exptl_crystal.colour_lustre               ? 
_exptl_crystal.colour_modifier             ? 
_exptl_crystal.colour_primary              ? 
_exptl_crystal.density_meas                ? 
_exptl_crystal.density_meas_esd            ? 
_exptl_crystal.density_meas_gt             ? 
_exptl_crystal.density_meas_lt             ? 
_exptl_crystal.density_meas_temp           ? 
_exptl_crystal.density_meas_temp_esd       ? 
_exptl_crystal.density_meas_temp_gt        ? 
_exptl_crystal.density_meas_temp_lt        ? 
_exptl_crystal.pdbx_crystal_image_url      ? 
_exptl_crystal.pdbx_crystal_image_format   ? 
_exptl_crystal.pdbx_mosaicity              ? 
_exptl_crystal.pdbx_mosaicity_esd          ? 
# 
_exptl_crystal_grow.apparatus       ? 
_exptl_crystal_grow.atmosphere      ? 
_exptl_crystal_grow.crystal_id      1 
_exptl_crystal_grow.details         ? 
_exptl_crystal_grow.method          'VAPOR DIFFUSION' 
_exptl_crystal_grow.method_ref      ? 
_exptl_crystal_grow.pH              ? 
_exptl_crystal_grow.pressure        ? 
_exptl_crystal_grow.pressure_esd    ? 
_exptl_crystal_grow.seeding         ? 
_exptl_crystal_grow.seeding_ref     ? 
_exptl_crystal_grow.temp            277 
_exptl_crystal_grow.temp_details    ? 
_exptl_crystal_grow.temp_esd        ? 
_exptl_crystal_grow.time            ? 
_exptl_crystal_grow.pdbx_details    '0.2 M NH4Cl, and 22% (w/v) PEG 3350' 
_exptl_crystal_grow.pdbx_pH_range   ? 
# 
_diffrn.ambient_environment              ? 
_diffrn.ambient_temp                     100 
_diffrn.ambient_temp_details             ? 
_diffrn.ambient_temp_esd                 ? 
_diffrn.crystal_id                       1 
_diffrn.crystal_support                  ? 
_diffrn.crystal_treatment                ? 
_diffrn.details                          ? 
_diffrn.id                               1 
_diffrn.ambient_pressure                 ? 
_diffrn.ambient_pressure_esd             ? 
_diffrn.ambient_pressure_gt              ? 
_diffrn.ambient_pressure_lt              ? 
_diffrn.ambient_temp_gt                  ? 
_diffrn.ambient_temp_lt                  ? 
_diffrn.pdbx_serial_crystal_experiment   N 
# 
_diffrn_detector.details                      ? 
_diffrn_detector.detector                     PIXEL 
_diffrn_detector.diffrn_id                    1 
_diffrn_detector.type                         'DECTRIS EIGER X 16M' 
_diffrn_detector.area_resol_mean              ? 
_diffrn_detector.dtime                        ? 
_diffrn_detector.pdbx_frames_total            ? 
_diffrn_detector.pdbx_collection_time_total   ? 
_diffrn_detector.pdbx_collection_date         2017-06-24 
_diffrn_detector.pdbx_frequency               ? 
# 
_diffrn_radiation.collimation                      ? 
_diffrn_radiation.diffrn_id                        1 
_diffrn_radiation.filter_edge                      ? 
_diffrn_radiation.inhomogeneity                    ? 
_diffrn_radiation.monochromator                    ? 
_diffrn_radiation.polarisn_norm                    ? 
_diffrn_radiation.polarisn_ratio                   ? 
_diffrn_radiation.probe                            ? 
_diffrn_radiation.type                             ? 
_diffrn_radiation.xray_symbol                      ? 
_diffrn_radiation.wavelength_id                    1 
_diffrn_radiation.pdbx_monochromatic_or_laue_m_l   M 
_diffrn_radiation.pdbx_wavelength_list             ? 
_diffrn_radiation.pdbx_wavelength                  ? 
_diffrn_radiation.pdbx_diffrn_protocol             'SINGLE WAVELENGTH' 
_diffrn_radiation.pdbx_analyzer                    ? 
_diffrn_radiation.pdbx_scattering_type             x-ray 
# 
_diffrn_radiation_wavelength.id           1 
_diffrn_radiation_wavelength.wavelength   1 
_diffrn_radiation_wavelength.wt           1.0 
# 
_diffrn_source.current                     ? 
_diffrn_source.details                     ? 
_diffrn_source.diffrn_id                   1 
_diffrn_source.power                       ? 
_diffrn_source.size                        ? 
_diffrn_source.source                      SYNCHROTRON 
_diffrn_source.target                      ? 
_diffrn_source.type                        'APS BEAMLINE 17-ID' 
_diffrn_source.voltage                     ? 
_diffrn_source.take-off_angle              ? 
_diffrn_source.pdbx_wavelength_list        1 
_diffrn_source.pdbx_wavelength             ? 
_diffrn_source.pdbx_synchrotron_beamline   17-ID 
_diffrn_source.pdbx_synchrotron_site       APS 
# 
_reflns.B_iso_Wilson_estimate            ? 
_reflns.entry_id                         6VHF 
_reflns.data_reduction_details           ? 
_reflns.data_reduction_method            ? 
_reflns.d_resolution_high                2.31 
_reflns.d_resolution_low                 51.98 
_reflns.details                          ? 
_reflns.limit_h_max                      ? 
_reflns.limit_h_min                      ? 
_reflns.limit_k_max                      ? 
_reflns.limit_k_min                      ? 
_reflns.limit_l_max                      ? 
_reflns.limit_l_min                      ? 
_reflns.number_all                       ? 
_reflns.number_obs                       8459 
_reflns.observed_criterion               ? 
_reflns.observed_criterion_F_max         ? 
_reflns.observed_criterion_F_min         ? 
_reflns.observed_criterion_I_max         ? 
_reflns.observed_criterion_I_min         ? 
_reflns.observed_criterion_sigma_F       ? 
_reflns.observed_criterion_sigma_I       ? 
_reflns.percent_possible_obs             99.2 
_reflns.R_free_details                   ? 
_reflns.Rmerge_F_all                     ? 
_reflns.Rmerge_F_obs                     ? 
_reflns.Friedel_coverage                 ? 
_reflns.number_gt                        ? 
_reflns.threshold_expression             ? 
_reflns.pdbx_redundancy                  13.3 
_reflns.pdbx_Rmerge_I_obs                ? 
_reflns.pdbx_Rmerge_I_all                ? 
_reflns.pdbx_Rsym_value                  ? 
_reflns.pdbx_netI_over_av_sigmaI         ? 
_reflns.pdbx_netI_over_sigmaI            15.0 
_reflns.pdbx_res_netI_over_av_sigmaI_2   ? 
_reflns.pdbx_res_netI_over_sigmaI_2      ? 
_reflns.pdbx_chi_squared                 ? 
_reflns.pdbx_scaling_rejects             ? 
_reflns.pdbx_d_res_high_opt              ? 
_reflns.pdbx_d_res_low_opt               ? 
_reflns.pdbx_d_res_opt_method            ? 
_reflns.phase_calculation_details        ? 
_reflns.pdbx_Rrim_I_all                  ? 
_reflns.pdbx_Rpim_I_all                  ? 
_reflns.pdbx_d_opt                       ? 
_reflns.pdbx_number_measured_all         ? 
_reflns.pdbx_diffrn_id                   1 
_reflns.pdbx_ordinal                     1 
_reflns.pdbx_CC_half                     0.998 
_reflns.pdbx_CC_star                     ? 
_reflns.pdbx_R_split                     ? 
# 
_reflns_shell.d_res_high                  2.31 
_reflns_shell.d_res_low                   2.44 
_reflns_shell.meanI_over_sigI_all         ? 
_reflns_shell.meanI_over_sigI_obs         ? 
_reflns_shell.number_measured_all         ? 
_reflns_shell.number_measured_obs         ? 
_reflns_shell.number_possible             ? 
_reflns_shell.number_unique_all           ? 
_reflns_shell.number_unique_obs           799 
_reflns_shell.percent_possible_all        ? 
_reflns_shell.percent_possible_obs        ? 
_reflns_shell.Rmerge_F_all                ? 
_reflns_shell.Rmerge_F_obs                ? 
_reflns_shell.Rmerge_I_all                ? 
_reflns_shell.Rmerge_I_obs                ? 
_reflns_shell.meanI_over_sigI_gt          ? 
_reflns_shell.meanI_over_uI_all           ? 
_reflns_shell.meanI_over_uI_gt            ? 
_reflns_shell.number_measured_gt          ? 
_reflns_shell.number_unique_gt            ? 
_reflns_shell.percent_possible_gt         ? 
_reflns_shell.Rmerge_F_gt                 ? 
_reflns_shell.Rmerge_I_gt                 ? 
_reflns_shell.pdbx_redundancy             ? 
_reflns_shell.pdbx_Rsym_value             0.377 
_reflns_shell.pdbx_chi_squared            ? 
_reflns_shell.pdbx_netI_over_sigmaI_all   ? 
_reflns_shell.pdbx_netI_over_sigmaI_obs   ? 
_reflns_shell.pdbx_Rrim_I_all             ? 
_reflns_shell.pdbx_Rpim_I_all             ? 
_reflns_shell.pdbx_rejects                ? 
_reflns_shell.pdbx_ordinal                1 
_reflns_shell.pdbx_diffrn_id              1 
_reflns_shell.pdbx_CC_half                ? 
_reflns_shell.pdbx_CC_star                ? 
_reflns_shell.pdbx_R_split                ? 
# 
_refine.aniso_B[1][1]                            ? 
_refine.aniso_B[1][2]                            ? 
_refine.aniso_B[1][3]                            ? 
_refine.aniso_B[2][2]                            ? 
_refine.aniso_B[2][3]                            ? 
_refine.aniso_B[3][3]                            ? 
_refine.B_iso_max                                128.640 
_refine.B_iso_mean                               57.0761 
_refine.B_iso_min                                26.800 
_refine.correlation_coeff_Fo_to_Fc               ? 
_refine.correlation_coeff_Fo_to_Fc_free          ? 
_refine.details                                  ? 
_refine.diff_density_max                         ? 
_refine.diff_density_max_esd                     ? 
_refine.diff_density_min                         ? 
_refine.diff_density_min_esd                     ? 
_refine.diff_density_rms                         ? 
_refine.diff_density_rms_esd                     ? 
_refine.entry_id                                 6VHF 
_refine.pdbx_refine_id                           'X-RAY DIFFRACTION' 
_refine.ls_abs_structure_details                 ? 
_refine.ls_abs_structure_Flack                   ? 
_refine.ls_abs_structure_Flack_esd               ? 
_refine.ls_abs_structure_Rogers                  ? 
_refine.ls_abs_structure_Rogers_esd              ? 
_refine.ls_d_res_high                            2.3110 
_refine.ls_d_res_low                             49.0290 
_refine.ls_extinction_coef                       ? 
_refine.ls_extinction_coef_esd                   ? 
_refine.ls_extinction_expression                 ? 
_refine.ls_extinction_method                     ? 
_refine.ls_goodness_of_fit_all                   ? 
_refine.ls_goodness_of_fit_all_esd               ? 
_refine.ls_goodness_of_fit_obs                   ? 
_refine.ls_goodness_of_fit_obs_esd               ? 
_refine.ls_hydrogen_treatment                    ? 
_refine.ls_matrix_type                           ? 
_refine.ls_number_constraints                    ? 
_refine.ls_number_parameters                     ? 
_refine.ls_number_reflns_all                     ? 
_refine.ls_number_reflns_obs                     8459 
_refine.ls_number_reflns_R_free                  422 
_refine.ls_number_reflns_R_work                  8037 
_refine.ls_number_restraints                     ? 
_refine.ls_percent_reflns_obs                    98.7300 
_refine.ls_percent_reflns_R_free                 4.9900 
_refine.ls_R_factor_all                          ? 
_refine.ls_R_factor_obs                          0.2354 
_refine.ls_R_factor_R_free                       0.2727 
_refine.ls_R_factor_R_free_error                 ? 
_refine.ls_R_factor_R_free_error_details         ? 
_refine.ls_R_factor_R_work                       0.2332 
_refine.ls_R_Fsqd_factor_obs                     ? 
_refine.ls_R_I_factor_obs                        ? 
_refine.ls_redundancy_reflns_all                 ? 
_refine.ls_redundancy_reflns_obs                 ? 
_refine.ls_restrained_S_all                      ? 
_refine.ls_restrained_S_obs                      ? 
_refine.ls_shift_over_esd_max                    ? 
_refine.ls_shift_over_esd_mean                   ? 
_refine.ls_structure_factor_coef                 ? 
_refine.ls_weighting_details                     ? 
_refine.ls_weighting_scheme                      ? 
_refine.ls_wR_factor_all                         ? 
_refine.ls_wR_factor_obs                         ? 
_refine.ls_wR_factor_R_free                      ? 
_refine.ls_wR_factor_R_work                      ? 
_refine.occupancy_max                            ? 
_refine.occupancy_min                            ? 
_refine.solvent_model_details                    'FLAT BULK SOLVENT MODEL' 
_refine.solvent_model_param_bsol                 ? 
_refine.solvent_model_param_ksol                 ? 
_refine.pdbx_R_complete                          ? 
_refine.ls_R_factor_gt                           ? 
_refine.ls_goodness_of_fit_gt                    ? 
_refine.ls_goodness_of_fit_ref                   ? 
_refine.ls_shift_over_su_max                     ? 
_refine.ls_shift_over_su_max_lt                  ? 
_refine.ls_shift_over_su_mean                    ? 
_refine.ls_shift_over_su_mean_lt                 ? 
_refine.pdbx_ls_sigma_I                          ? 
_refine.pdbx_ls_sigma_F                          1.360 
_refine.pdbx_ls_sigma_Fsqd                       ? 
_refine.pdbx_data_cutoff_high_absF               ? 
_refine.pdbx_data_cutoff_high_rms_absF           ? 
_refine.pdbx_data_cutoff_low_absF                ? 
_refine.pdbx_isotropic_thermal_model             ? 
_refine.pdbx_ls_cross_valid_method               THROUGHOUT 
_refine.pdbx_method_to_determine_struct          'MOLECULAR REPLACEMENT' 
_refine.pdbx_starting_model                      'preliminary incomplete model' 
_refine.pdbx_stereochemistry_target_values       ML 
_refine.pdbx_R_Free_selection_details            ? 
_refine.pdbx_stereochem_target_val_spec_case     ? 
_refine.pdbx_overall_ESU_R                       ? 
_refine.pdbx_overall_ESU_R_Free                  ? 
_refine.pdbx_solvent_vdw_probe_radii             1.1100 
_refine.pdbx_solvent_ion_probe_radii             ? 
_refine.pdbx_solvent_shrinkage_radii             0.9000 
_refine.pdbx_real_space_R                        ? 
_refine.pdbx_density_correlation                 ? 
_refine.pdbx_pd_number_of_powder_patterns        ? 
_refine.pdbx_pd_number_of_points                 ? 
_refine.pdbx_pd_meas_number_of_points            ? 
_refine.pdbx_pd_proc_ls_prof_R_factor            ? 
_refine.pdbx_pd_proc_ls_prof_wR_factor           ? 
_refine.pdbx_pd_Marquardt_correlation_coeff      ? 
_refine.pdbx_pd_Fsqrd_R_factor                   ? 
_refine.pdbx_pd_ls_matrix_band_width             ? 
_refine.pdbx_overall_phase_error                 33.8000 
_refine.pdbx_overall_SU_R_free_Cruickshank_DPI   ? 
_refine.pdbx_overall_SU_R_free_Blow_DPI          ? 
_refine.pdbx_overall_SU_R_Blow_DPI               ? 
_refine.pdbx_TLS_residual_ADP_flag               ? 
_refine.pdbx_diffrn_id                           1 
_refine.overall_SU_B                             ? 
_refine.overall_SU_ML                            0.3100 
_refine.overall_SU_R_Cruickshank_DPI             ? 
_refine.overall_SU_R_free                        ? 
_refine.overall_FOM_free_R_set                   ? 
_refine.overall_FOM_work_R_set                   ? 
_refine.pdbx_average_fsc_overall                 ? 
_refine.pdbx_average_fsc_work                    ? 
_refine.pdbx_average_fsc_free                    ? 
# 
_refine_hist.pdbx_refine_id                   'X-RAY DIFFRACTION' 
_refine_hist.cycle_id                         final 
_refine_hist.details                          ? 
_refine_hist.d_res_high                       2.3110 
_refine_hist.d_res_low                        49.0290 
_refine_hist.number_atoms_solvent             22 
_refine_hist.number_atoms_total               1098 
_refine_hist.number_reflns_all                ? 
_refine_hist.number_reflns_obs                ? 
_refine_hist.number_reflns_R_free             ? 
_refine_hist.number_reflns_R_work             ? 
_refine_hist.R_factor_all                     ? 
_refine_hist.R_factor_obs                     ? 
_refine_hist.R_factor_R_free                  ? 
_refine_hist.R_factor_R_work                  ? 
_refine_hist.pdbx_number_residues_total       140 
_refine_hist.pdbx_B_iso_mean_ligand           75.64 
_refine_hist.pdbx_B_iso_mean_solvent          47.96 
_refine_hist.pdbx_number_atoms_protein        1075 
_refine_hist.pdbx_number_atoms_nucleic_acid   0 
_refine_hist.pdbx_number_atoms_ligand         1 
_refine_hist.pdbx_number_atoms_lipid          ? 
_refine_hist.pdbx_number_atoms_carb           ? 
_refine_hist.pdbx_pseudo_atom_details         ? 
# 
loop_
_refine_ls_restr.pdbx_refine_id 
_refine_ls_restr.criterion 
_refine_ls_restr.dev_ideal 
_refine_ls_restr.dev_ideal_target 
_refine_ls_restr.number 
_refine_ls_restr.rejects 
_refine_ls_restr.type 
_refine_ls_restr.weight 
_refine_ls_restr.pdbx_restraint_function 
'X-RAY DIFFRACTION' ? 0.008  ? 1087 ? f_bond_d           ? ? 
'X-RAY DIFFRACTION' ? 0.904  ? 1463 ? f_angle_d          ? ? 
'X-RAY DIFFRACTION' ? 0.041  ? 168  ? f_chiral_restr     ? ? 
'X-RAY DIFFRACTION' ? 0.006  ? 192  ? f_plane_restr      ? ? 
'X-RAY DIFFRACTION' ? 21.498 ? 677  ? f_dihedral_angle_d ? ? 
# 
loop_
_refine_ls_shell.pdbx_refine_id 
_refine_ls_shell.d_res_high 
_refine_ls_shell.d_res_low 
_refine_ls_shell.number_reflns_all 
_refine_ls_shell.number_reflns_obs 
_refine_ls_shell.number_reflns_R_free 
_refine_ls_shell.number_reflns_R_work 
_refine_ls_shell.percent_reflns_obs 
_refine_ls_shell.percent_reflns_R_free 
_refine_ls_shell.R_factor_all 
_refine_ls_shell.R_factor_obs 
_refine_ls_shell.R_factor_R_free 
_refine_ls_shell.R_factor_R_free_error 
_refine_ls_shell.R_factor_R_work 
_refine_ls_shell.redundancy_reflns_all 
_refine_ls_shell.redundancy_reflns_obs 
_refine_ls_shell.wR_factor_all 
_refine_ls_shell.wR_factor_obs 
_refine_ls_shell.wR_factor_R_free 
_refine_ls_shell.wR_factor_R_work 
_refine_ls_shell.pdbx_R_complete 
_refine_ls_shell.pdbx_total_number_of_bins_used 
_refine_ls_shell.pdbx_phase_error 
_refine_ls_shell.pdbx_fsc_work 
_refine_ls_shell.pdbx_fsc_free 
'X-RAY DIFFRACTION' 2.311  2.449  . . 100 2635 98.0000  . . . 0.3003 0.0000 0.2515 . . . . . . . . . . . 
'X-RAY DIFFRACTION' 2.449  3.3321 . . 124 2666 99.0000  . . . 0.2913 0.0000 0.2423 . . . . . . . . . . . 
'X-RAY DIFFRACTION' 3.3321 49.029 . . 198 2736 100.0000 . . . 0.2650 0.0000 0.2257 . . . . . . . . . . . 
# 
_struct.entry_id                     6VHF 
_struct.title                        'Crystal structure of RbBP5 interacting domain of Cfp1' 
_struct.pdbx_model_details           ? 
_struct.pdbx_formula_weight          ? 
_struct.pdbx_formula_weight_method   ? 
_struct.pdbx_model_type_details      ? 
_struct.pdbx_CASP_flag               N 
# 
_struct_keywords.entry_id        6VHF 
_struct_keywords.text            'histone, MLL, Cfp1, RbBP5, COMPASS, epigenetics, PEPTIDE BINDING PROTEIN' 
_struct_keywords.pdbx_keywords   'PEPTIDE BINDING PROTEIN' 
# 
loop_
_struct_asym.id 
_struct_asym.pdbx_blank_PDB_chainid_flag 
_struct_asym.pdbx_modified 
_struct_asym.entity_id 
_struct_asym.details 
A N N 1 ? 
B N N 2 ? 
C N N 3 ? 
# 
_struct_ref.id                         1 
_struct_ref.db_name                    UNP 
_struct_ref.db_code                    G0S1N3_CHATD 
_struct_ref.pdbx_db_accession          G0S1N3 
_struct_ref.pdbx_db_isoform            ? 
_struct_ref.entity_id                  1 
_struct_ref.pdbx_seq_one_letter_code   
;ALTPEEYAELTASAETRSKLSEQIALCRQMLQLIELAIARREAAIAAGIPGITKDICGYDTRLDTVGAAHQFSLFLQSPQ
GQSIFSTRSLDNPPYVTTTIKNPEDDTPAATSSNSAETAAGQDPRTAGMCLRKKCKPHNGWGALLTKTVRHDIRELALQI
RELLEAEQRVRDGAAGRFMRRMKERNEVIAIEEDEDDDEHGNGFLREEKLGHKRSDGDRMDLD
;
_struct_ref.pdbx_align_begin           322 
# 
_struct_ref_seq.align_id                      1 
_struct_ref_seq.ref_id                        1 
_struct_ref_seq.pdbx_PDB_id_code              6VHF 
_struct_ref_seq.pdbx_strand_id                A 
_struct_ref_seq.seq_align_beg                 1 
_struct_ref_seq.pdbx_seq_align_beg_ins_code   ? 
_struct_ref_seq.seq_align_end                 223 
_struct_ref_seq.pdbx_seq_align_end_ins_code   ? 
_struct_ref_seq.pdbx_db_accession             G0S1N3 
_struct_ref_seq.db_align_beg                  322 
_struct_ref_seq.pdbx_db_align_beg_ins_code    ? 
_struct_ref_seq.db_align_end                  544 
_struct_ref_seq.pdbx_db_align_end_ins_code    ? 
_struct_ref_seq.pdbx_auth_seq_align_beg       322 
_struct_ref_seq.pdbx_auth_seq_align_end       544 
# 
_pdbx_struct_assembly.id                   1 
_pdbx_struct_assembly.details              author_and_software_defined_assembly 
_pdbx_struct_assembly.method_details       PISA 
_pdbx_struct_assembly.oligomeric_details   monomeric 
_pdbx_struct_assembly.oligomeric_count     1 
# 
loop_
_pdbx_struct_assembly_prop.biol_id 
_pdbx_struct_assembly_prop.type 
_pdbx_struct_assembly_prop.value 
_pdbx_struct_assembly_prop.details 
1 'ABSA (A^2)' 0    ? 
1 MORE         0    ? 
1 'SSA (A^2)'  8950 ? 
# 
_pdbx_struct_assembly_gen.assembly_id       1 
_pdbx_struct_assembly_gen.oper_expression   1 
_pdbx_struct_assembly_gen.asym_id_list      A,B,C 
# 
_pdbx_struct_assembly_auth_evidence.id                     1 
_pdbx_struct_assembly_auth_evidence.assembly_id            1 
_pdbx_struct_assembly_auth_evidence.experimental_support   'gel filtration' 
_pdbx_struct_assembly_auth_evidence.details                ? 
# 
_pdbx_struct_oper_list.id                   1 
_pdbx_struct_oper_list.type                 'identity operation' 
_pdbx_struct_oper_list.name                 1_555 
_pdbx_struct_oper_list.symmetry_operation   x,y,z 
_pdbx_struct_oper_list.matrix[1][1]         1.0000000000 
_pdbx_struct_oper_list.matrix[1][2]         0.0000000000 
_pdbx_struct_oper_list.matrix[1][3]         0.0000000000 
_pdbx_struct_oper_list.vector[1]            0.0000000000 
_pdbx_struct_oper_list.matrix[2][1]         0.0000000000 
_pdbx_struct_oper_list.matrix[2][2]         1.0000000000 
_pdbx_struct_oper_list.matrix[2][3]         0.0000000000 
_pdbx_struct_oper_list.vector[2]            0.0000000000 
_pdbx_struct_oper_list.matrix[3][1]         0.0000000000 
_pdbx_struct_oper_list.matrix[3][2]         0.0000000000 
_pdbx_struct_oper_list.matrix[3][3]         1.0000000000 
_pdbx_struct_oper_list.vector[3]            0.0000000000 
# 
loop_
_struct_conf.conf_type_id 
_struct_conf.id 
_struct_conf.pdbx_PDB_helix_id 
_struct_conf.beg_label_comp_id 
_struct_conf.beg_label_asym_id 
_struct_conf.beg_label_seq_id 
_struct_conf.pdbx_beg_PDB_ins_code 
_struct_conf.end_label_comp_id 
_struct_conf.end_label_asym_id 
_struct_conf.end_label_seq_id 
_struct_conf.pdbx_end_PDB_ins_code 
_struct_conf.beg_auth_comp_id 
_struct_conf.beg_auth_asym_id 
_struct_conf.beg_auth_seq_id 
_struct_conf.end_auth_comp_id 
_struct_conf.end_auth_asym_id 
_struct_conf.end_auth_seq_id 
_struct_conf.pdbx_PDB_helix_class 
_struct_conf.details 
_struct_conf.pdbx_PDB_helix_length 
HELX_P HELX_P1 AA1 THR A 3   ? ALA A 47  ? THR A 324 ALA A 368 1 ? 45 
HELX_P HELX_P2 AA2 ASP A 60  ? ARG A 62  ? ASP A 381 ARG A 383 5 ? 3  
HELX_P HELX_P3 AA3 LEU A 63  ? SER A 78  ? LEU A 384 SER A 399 1 ? 16 
HELX_P HELX_P4 AA4 GLY A 140 ? PHE A 178 ? GLY A 461 PHE A 499 1 ? 39 
# 
_struct_conf_type.id          HELX_P 
_struct_conf_type.criteria    ? 
_struct_conf_type.reference   ? 
# 
loop_
_struct_conn.id 
_struct_conn.conn_type_id 
_struct_conn.pdbx_leaving_atom_flag 
_struct_conn.pdbx_PDB_id 
_struct_conn.ptnr1_label_asym_id 
_struct_conn.ptnr1_label_comp_id 
_struct_conn.ptnr1_label_seq_id 
_struct_conn.ptnr1_label_atom_id 
_struct_conn.pdbx_ptnr1_label_alt_id 
_struct_conn.pdbx_ptnr1_PDB_ins_code 
_struct_conn.pdbx_ptnr1_standard_comp_id 
_struct_conn.ptnr1_symmetry 
_struct_conn.ptnr2_label_asym_id 
_struct_conn.ptnr2_label_comp_id 
_struct_conn.ptnr2_label_seq_id 
_struct_conn.ptnr2_label_atom_id 
_struct_conn.pdbx_ptnr2_label_alt_id 
_struct_conn.pdbx_ptnr2_PDB_ins_code 
_struct_conn.ptnr1_auth_asym_id 
_struct_conn.ptnr1_auth_comp_id 
_struct_conn.ptnr1_auth_seq_id 
_struct_conn.ptnr2_auth_asym_id 
_struct_conn.ptnr2_auth_comp_id 
_struct_conn.ptnr2_auth_seq_id 
_struct_conn.ptnr2_symmetry 
_struct_conn.pdbx_ptnr3_label_atom_id 
_struct_conn.pdbx_ptnr3_label_seq_id 
_struct_conn.pdbx_ptnr3_label_comp_id 
_struct_conn.pdbx_ptnr3_label_asym_id 
_struct_conn.pdbx_ptnr3_label_alt_id 
_struct_conn.pdbx_ptnr3_PDB_ins_code 
_struct_conn.details 
_struct_conn.pdbx_dist_value 
_struct_conn.pdbx_value_order 
_struct_conn.pdbx_role 
metalc1 metalc ? ? A CYS 57  SG  ? ? ? 1_555 B ZN . ZN ? ? A CYS 378 A ZN 601 1_555 ? ? ? ? ? ? ? 2.418 ? ? 
metalc2 metalc ? ? A CYS 130 SG  ? ? ? 1_555 B ZN . ZN ? ? A CYS 451 A ZN 601 1_555 ? ? ? ? ? ? ? 2.610 ? ? 
metalc3 metalc ? ? A CYS 135 SG  ? ? ? 1_555 B ZN . ZN ? ? A CYS 456 A ZN 601 1_555 ? ? ? ? ? ? ? 2.351 ? ? 
metalc4 metalc ? ? A HIS 138 ND1 ? ? ? 1_555 B ZN . ZN ? ? A HIS 459 A ZN 601 1_555 ? ? ? ? ? ? ? 2.159 ? ? 
# 
_struct_conn_type.id          metalc 
_struct_conn_type.criteria    ? 
_struct_conn_type.reference   ? 
# 
loop_
_pdbx_struct_conn_angle.id 
_pdbx_struct_conn_angle.ptnr1_label_atom_id 
_pdbx_struct_conn_angle.ptnr1_label_alt_id 
_pdbx_struct_conn_angle.ptnr1_label_asym_id 
_pdbx_struct_conn_angle.ptnr1_label_comp_id 
_pdbx_struct_conn_angle.ptnr1_label_seq_id 
_pdbx_struct_conn_angle.ptnr1_auth_atom_id 
_pdbx_struct_conn_angle.ptnr1_auth_asym_id 
_pdbx_struct_conn_angle.ptnr1_auth_comp_id 
_pdbx_struct_conn_angle.ptnr1_auth_seq_id 
_pdbx_struct_conn_angle.ptnr1_PDB_ins_code 
_pdbx_struct_conn_angle.ptnr1_symmetry 
_pdbx_struct_conn_angle.ptnr2_label_atom_id 
_pdbx_struct_conn_angle.ptnr2_label_alt_id 
_pdbx_struct_conn_angle.ptnr2_label_asym_id 
_pdbx_struct_conn_angle.ptnr2_label_comp_id 
_pdbx_struct_conn_angle.ptnr2_label_seq_id 
_pdbx_struct_conn_angle.ptnr2_auth_atom_id 
_pdbx_struct_conn_angle.ptnr2_auth_asym_id 
_pdbx_struct_conn_angle.ptnr2_auth_comp_id 
_pdbx_struct_conn_angle.ptnr2_auth_seq_id 
_pdbx_struct_conn_angle.ptnr2_PDB_ins_code 
_pdbx_struct_conn_angle.ptnr2_symmetry 
_pdbx_struct_conn_angle.ptnr3_label_atom_id 
_pdbx_struct_conn_angle.ptnr3_label_alt_id 
_pdbx_struct_conn_angle.ptnr3_label_asym_id 
_pdbx_struct_conn_angle.ptnr3_label_comp_id 
_pdbx_struct_conn_angle.ptnr3_label_seq_id 
_pdbx_struct_conn_angle.ptnr3_auth_atom_id 
_pdbx_struct_conn_angle.ptnr3_auth_asym_id 
_pdbx_struct_conn_angle.ptnr3_auth_comp_id 
_pdbx_struct_conn_angle.ptnr3_auth_seq_id 
_pdbx_struct_conn_angle.ptnr3_PDB_ins_code 
_pdbx_struct_conn_angle.ptnr3_symmetry 
_pdbx_struct_conn_angle.value 
_pdbx_struct_conn_angle.value_esd 
1 SG ? A CYS 57  ? A CYS 378 ? 1_555 ZN ? B ZN . ? A ZN 601 ? 1_555 SG  ? A CYS 130 ? A CYS 451 ? 1_555 104.6 ? 
2 SG ? A CYS 57  ? A CYS 378 ? 1_555 ZN ? B ZN . ? A ZN 601 ? 1_555 SG  ? A CYS 135 ? A CYS 456 ? 1_555 105.8 ? 
3 SG ? A CYS 130 ? A CYS 451 ? 1_555 ZN ? B ZN . ? A ZN 601 ? 1_555 SG  ? A CYS 135 ? A CYS 456 ? 1_555 121.7 ? 
4 SG ? A CYS 57  ? A CYS 378 ? 1_555 ZN ? B ZN . ? A ZN 601 ? 1_555 ND1 ? A HIS 138 ? A HIS 459 ? 1_555 105.4 ? 
5 SG ? A CYS 130 ? A CYS 451 ? 1_555 ZN ? B ZN . ? A ZN 601 ? 1_555 ND1 ? A HIS 138 ? A HIS 459 ? 1_555 100.3 ? 
6 SG ? A CYS 135 ? A CYS 456 ? 1_555 ZN ? B ZN . ? A ZN 601 ? 1_555 ND1 ? A HIS 138 ? A HIS 459 ? 1_555 117.5 ? 
# 
_struct_site.id                   AC1 
_struct_site.pdbx_evidence_code   Software 
_struct_site.pdbx_auth_asym_id    A 
_struct_site.pdbx_auth_comp_id    ZN 
_struct_site.pdbx_auth_seq_id     601 
_struct_site.pdbx_auth_ins_code   ? 
_struct_site.pdbx_num_residues    4 
_struct_site.details              'binding site for residue ZN A 601' 
# 
loop_
_struct_site_gen.id 
_struct_site_gen.site_id 
_struct_site_gen.pdbx_num_res 
_struct_site_gen.label_comp_id 
_struct_site_gen.label_asym_id 
_struct_site_gen.label_seq_id 
_struct_site_gen.pdbx_auth_ins_code 
_struct_site_gen.auth_comp_id 
_struct_site_gen.auth_asym_id 
_struct_site_gen.auth_seq_id 
_struct_site_gen.label_atom_id 
_struct_site_gen.label_alt_id 
_struct_site_gen.symmetry 
_struct_site_gen.details 
1 AC1 4 CYS A 57  ? CYS A 378 . ? 1_555 ? 
2 AC1 4 CYS A 130 ? CYS A 451 . ? 1_555 ? 
3 AC1 4 CYS A 135 ? CYS A 456 . ? 1_555 ? 
4 AC1 4 HIS A 138 ? HIS A 459 . ? 1_555 ? 
# 
_pdbx_entry_details.entry_id                 6VHF 
_pdbx_entry_details.has_ligand_of_interest   Y 
_pdbx_entry_details.compound_details         ? 
_pdbx_entry_details.source_details           ? 
_pdbx_entry_details.nonpolymer_details       ? 
_pdbx_entry_details.sequence_details         ? 
# 
loop_
_pdbx_unobs_or_zero_occ_residues.id 
_pdbx_unobs_or_zero_occ_residues.PDB_model_num 
_pdbx_unobs_or_zero_occ_residues.polymer_flag 
_pdbx_unobs_or_zero_occ_residues.occupancy_flag 
_pdbx_unobs_or_zero_occ_residues.auth_asym_id 
_pdbx_unobs_or_zero_occ_residues.auth_comp_id 
_pdbx_unobs_or_zero_occ_residues.auth_seq_id 
_pdbx_unobs_or_zero_occ_residues.PDB_ins_code 
_pdbx_unobs_or_zero_occ_residues.label_asym_id 
_pdbx_unobs_or_zero_occ_residues.label_comp_id 
_pdbx_unobs_or_zero_occ_residues.label_seq_id 
1  1 Y 1 A ILE 405 ? A ILE 84  
2  1 Y 1 A PHE 406 ? A PHE 85  
3  1 Y 1 A SER 407 ? A SER 86  
4  1 Y 1 A THR 408 ? A THR 87  
5  1 Y 1 A ARG 409 ? A ARG 88  
6  1 Y 1 A SER 410 ? A SER 89  
7  1 Y 1 A LEU 411 ? A LEU 90  
8  1 Y 1 A ASP 412 ? A ASP 91  
9  1 Y 1 A ASN 413 ? A ASN 92  
10 1 Y 1 A PRO 414 ? A PRO 93  
11 1 Y 1 A PRO 415 ? A PRO 94  
12 1 Y 1 A TYR 416 ? A TYR 95  
13 1 Y 1 A VAL 417 ? A VAL 96  
14 1 Y 1 A THR 418 ? A THR 97  
15 1 Y 1 A THR 419 ? A THR 98  
16 1 Y 1 A THR 420 ? A THR 99  
17 1 Y 1 A ILE 421 ? A ILE 100 
18 1 Y 1 A LYS 422 ? A LYS 101 
19 1 Y 1 A ASN 423 ? A ASN 102 
20 1 Y 1 A PRO 424 ? A PRO 103 
21 1 Y 1 A GLU 425 ? A GLU 104 
22 1 Y 1 A ASP 426 ? A ASP 105 
23 1 Y 1 A ASP 427 ? A ASP 106 
24 1 Y 1 A THR 428 ? A THR 107 
25 1 Y 1 A PRO 429 ? A PRO 108 
26 1 Y 1 A ALA 430 ? A ALA 109 
27 1 Y 1 A ALA 431 ? A ALA 110 
28 1 Y 1 A THR 432 ? A THR 111 
29 1 Y 1 A SER 433 ? A SER 112 
30 1 Y 1 A SER 434 ? A SER 113 
31 1 Y 1 A ASN 435 ? A ASN 114 
32 1 Y 1 A SER 436 ? A SER 115 
33 1 Y 1 A ALA 437 ? A ALA 116 
34 1 Y 1 A GLU 438 ? A GLU 117 
35 1 Y 1 A THR 439 ? A THR 118 
36 1 Y 1 A ALA 440 ? A ALA 119 
37 1 Y 1 A ALA 441 ? A ALA 120 
38 1 Y 1 A GLY 442 ? A GLY 121 
39 1 Y 1 A MET 500 ? A MET 179 
40 1 Y 1 A ARG 501 ? A ARG 180 
41 1 Y 1 A ARG 502 ? A ARG 181 
42 1 Y 1 A MET 503 ? A MET 182 
43 1 Y 1 A LYS 504 ? A LYS 183 
44 1 Y 1 A GLU 505 ? A GLU 184 
45 1 Y 1 A ARG 506 ? A ARG 185 
46 1 Y 1 A ASN 507 ? A ASN 186 
47 1 Y 1 A GLU 508 ? A GLU 187 
48 1 Y 1 A VAL 509 ? A VAL 188 
49 1 Y 1 A ILE 510 ? A ILE 189 
50 1 Y 1 A ALA 511 ? A ALA 190 
51 1 Y 1 A ILE 512 ? A ILE 191 
52 1 Y 1 A GLU 513 ? A GLU 192 
53 1 Y 1 A GLU 514 ? A GLU 193 
54 1 Y 1 A ASP 515 ? A ASP 194 
55 1 Y 1 A GLU 516 ? A GLU 195 
56 1 Y 1 A ASP 517 ? A ASP 196 
57 1 Y 1 A ASP 518 ? A ASP 197 
58 1 Y 1 A ASP 519 ? A ASP 198 
59 1 Y 1 A GLU 520 ? A GLU 199 
60 1 Y 1 A HIS 521 ? A HIS 200 
61 1 Y 1 A GLY 522 ? A GLY 201 
62 1 Y 1 A ASN 523 ? A ASN 202 
63 1 Y 1 A GLY 524 ? A GLY 203 
64 1 Y 1 A PHE 525 ? A PHE 204 
65 1 Y 1 A LEU 526 ? A LEU 205 
66 1 Y 1 A ARG 527 ? A ARG 206 
67 1 Y 1 A GLU 528 ? A GLU 207 
68 1 Y 1 A GLU 529 ? A GLU 208 
69 1 Y 1 A LYS 530 ? A LYS 209 
70 1 Y 1 A LEU 531 ? A LEU 210 
71 1 Y 1 A GLY 532 ? A GLY 211 
72 1 Y 1 A HIS 533 ? A HIS 212 
73 1 Y 1 A LYS 534 ? A LYS 213 
74 1 Y 1 A ARG 535 ? A ARG 214 
75 1 Y 1 A SER 536 ? A SER 215 
76 1 Y 1 A ASP 537 ? A ASP 216 
77 1 Y 1 A GLY 538 ? A GLY 217 
78 1 Y 1 A ASP 539 ? A ASP 218 
79 1 Y 1 A ARG 540 ? A ARG 219 
80 1 Y 1 A MET 541 ? A MET 220 
81 1 Y 1 A ASP 542 ? A ASP 221 
82 1 Y 1 A LEU 543 ? A LEU 222 
83 1 Y 1 A ASP 544 ? A ASP 223 
# 
loop_
_chem_comp_atom.comp_id 
_chem_comp_atom.atom_id 
_chem_comp_atom.type_symbol 
_chem_comp_atom.pdbx_aromatic_flag 
_chem_comp_atom.pdbx_stereo_config 
_chem_comp_atom.pdbx_ordinal 
ALA N    N  N N 1   
ALA CA   C  N S 2   
ALA C    C  N N 3   
ALA O    O  N N 4   
ALA CB   C  N N 5   
ALA OXT  O  N N 6   
ALA H    H  N N 7   
ALA H2   H  N N 8   
ALA HA   H  N N 9   
ALA HB1  H  N N 10  
ALA HB2  H  N N 11  
ALA HB3  H  N N 12  
ALA HXT  H  N N 13  
ARG N    N  N N 14  
ARG CA   C  N S 15  
ARG C    C  N N 16  
ARG O    O  N N 17  
ARG CB   C  N N 18  
ARG CG   C  N N 19  
ARG CD   C  N N 20  
ARG NE   N  N N 21  
ARG CZ   C  N N 22  
ARG NH1  N  N N 23  
ARG NH2  N  N N 24  
ARG OXT  O  N N 25  
ARG H    H  N N 26  
ARG H2   H  N N 27  
ARG HA   H  N N 28  
ARG HB2  H  N N 29  
ARG HB3  H  N N 30  
ARG HG2  H  N N 31  
ARG HG3  H  N N 32  
ARG HD2  H  N N 33  
ARG HD3  H  N N 34  
ARG HE   H  N N 35  
ARG HH11 H  N N 36  
ARG HH12 H  N N 37  
ARG HH21 H  N N 38  
ARG HH22 H  N N 39  
ARG HXT  H  N N 40  
ASN N    N  N N 41  
ASN CA   C  N S 42  
ASN C    C  N N 43  
ASN O    O  N N 44  
ASN CB   C  N N 45  
ASN CG   C  N N 46  
ASN OD1  O  N N 47  
ASN ND2  N  N N 48  
ASN OXT  O  N N 49  
ASN H    H  N N 50  
ASN H2   H  N N 51  
ASN HA   H  N N 52  
ASN HB2  H  N N 53  
ASN HB3  H  N N 54  
ASN HD21 H  N N 55  
ASN HD22 H  N N 56  
ASN HXT  H  N N 57  
ASP N    N  N N 58  
ASP CA   C  N S 59  
ASP C    C  N N 60  
ASP O    O  N N 61  
ASP CB   C  N N 62  
ASP CG   C  N N 63  
ASP OD1  O  N N 64  
ASP OD2  O  N N 65  
ASP OXT  O  N N 66  
ASP H    H  N N 67  
ASP H2   H  N N 68  
ASP HA   H  N N 69  
ASP HB2  H  N N 70  
ASP HB3  H  N N 71  
ASP HD2  H  N N 72  
ASP HXT  H  N N 73  
CYS N    N  N N 74  
CYS CA   C  N R 75  
CYS C    C  N N 76  
CYS O    O  N N 77  
CYS CB   C  N N 78  
CYS SG   S  N N 79  
CYS OXT  O  N N 80  
CYS H    H  N N 81  
CYS H2   H  N N 82  
CYS HA   H  N N 83  
CYS HB2  H  N N 84  
CYS HB3  H  N N 85  
CYS HG   H  N N 86  
CYS HXT  H  N N 87  
GLN N    N  N N 88  
GLN CA   C  N S 89  
GLN C    C  N N 90  
GLN O    O  N N 91  
GLN CB   C  N N 92  
GLN CG   C  N N 93  
GLN CD   C  N N 94  
GLN OE1  O  N N 95  
GLN NE2  N  N N 96  
GLN OXT  O  N N 97  
GLN H    H  N N 98  
GLN H2   H  N N 99  
GLN HA   H  N N 100 
GLN HB2  H  N N 101 
GLN HB3  H  N N 102 
GLN HG2  H  N N 103 
GLN HG3  H  N N 104 
GLN HE21 H  N N 105 
GLN HE22 H  N N 106 
GLN HXT  H  N N 107 
GLU N    N  N N 108 
GLU CA   C  N S 109 
GLU C    C  N N 110 
GLU O    O  N N 111 
GLU CB   C  N N 112 
GLU CG   C  N N 113 
GLU CD   C  N N 114 
GLU OE1  O  N N 115 
GLU OE2  O  N N 116 
GLU OXT  O  N N 117 
GLU H    H  N N 118 
GLU H2   H  N N 119 
GLU HA   H  N N 120 
GLU HB2  H  N N 121 
GLU HB3  H  N N 122 
GLU HG2  H  N N 123 
GLU HG3  H  N N 124 
GLU HE2  H  N N 125 
GLU HXT  H  N N 126 
GLY N    N  N N 127 
GLY CA   C  N N 128 
GLY C    C  N N 129 
GLY O    O  N N 130 
GLY OXT  O  N N 131 
GLY H    H  N N 132 
GLY H2   H  N N 133 
GLY HA2  H  N N 134 
GLY HA3  H  N N 135 
GLY HXT  H  N N 136 
HIS N    N  N N 137 
HIS CA   C  N S 138 
HIS C    C  N N 139 
HIS O    O  N N 140 
HIS CB   C  N N 141 
HIS CG   C  Y N 142 
HIS ND1  N  Y N 143 
HIS CD2  C  Y N 144 
HIS CE1  C  Y N 145 
HIS NE2  N  Y N 146 
HIS OXT  O  N N 147 
HIS H    H  N N 148 
HIS H2   H  N N 149 
HIS HA   H  N N 150 
HIS HB2  H  N N 151 
HIS HB3  H  N N 152 
HIS HD1  H  N N 153 
HIS HD2  H  N N 154 
HIS HE1  H  N N 155 
HIS HE2  H  N N 156 
HIS HXT  H  N N 157 
HOH O    O  N N 158 
HOH H1   H  N N 159 
HOH H2   H  N N 160 
ILE N    N  N N 161 
ILE CA   C  N S 162 
ILE C    C  N N 163 
ILE O    O  N N 164 
ILE CB   C  N S 165 
ILE CG1  C  N N 166 
ILE CG2  C  N N 167 
ILE CD1  C  N N 168 
ILE OXT  O  N N 169 
ILE H    H  N N 170 
ILE H2   H  N N 171 
ILE HA   H  N N 172 
ILE HB   H  N N 173 
ILE HG12 H  N N 174 
ILE HG13 H  N N 175 
ILE HG21 H  N N 176 
ILE HG22 H  N N 177 
ILE HG23 H  N N 178 
ILE HD11 H  N N 179 
ILE HD12 H  N N 180 
ILE HD13 H  N N 181 
ILE HXT  H  N N 182 
LEU N    N  N N 183 
LEU CA   C  N S 184 
LEU C    C  N N 185 
LEU O    O  N N 186 
LEU CB   C  N N 187 
LEU CG   C  N N 188 
LEU CD1  C  N N 189 
LEU CD2  C  N N 190 
LEU OXT  O  N N 191 
LEU H    H  N N 192 
LEU H2   H  N N 193 
LEU HA   H  N N 194 
LEU HB2  H  N N 195 
LEU HB3  H  N N 196 
LEU HG   H  N N 197 
LEU HD11 H  N N 198 
LEU HD12 H  N N 199 
LEU HD13 H  N N 200 
LEU HD21 H  N N 201 
LEU HD22 H  N N 202 
LEU HD23 H  N N 203 
LEU HXT  H  N N 204 
LYS N    N  N N 205 
LYS CA   C  N S 206 
LYS C    C  N N 207 
LYS O    O  N N 208 
LYS CB   C  N N 209 
LYS CG   C  N N 210 
LYS CD   C  N N 211 
LYS CE   C  N N 212 
LYS NZ   N  N N 213 
LYS OXT  O  N N 214 
LYS H    H  N N 215 
LYS H2   H  N N 216 
LYS HA   H  N N 217 
LYS HB2  H  N N 218 
LYS HB3  H  N N 219 
LYS HG2  H  N N 220 
LYS HG3  H  N N 221 
LYS HD2  H  N N 222 
LYS HD3  H  N N 223 
LYS HE2  H  N N 224 
LYS HE3  H  N N 225 
LYS HZ1  H  N N 226 
LYS HZ2  H  N N 227 
LYS HZ3  H  N N 228 
LYS HXT  H  N N 229 
MET N    N  N N 230 
MET CA   C  N S 231 
MET C    C  N N 232 
MET O    O  N N 233 
MET CB   C  N N 234 
MET CG   C  N N 235 
MET SD   S  N N 236 
MET CE   C  N N 237 
MET OXT  O  N N 238 
MET H    H  N N 239 
MET H2   H  N N 240 
MET HA   H  N N 241 
MET HB2  H  N N 242 
MET HB3  H  N N 243 
MET HG2  H  N N 244 
MET HG3  H  N N 245 
MET HE1  H  N N 246 
MET HE2  H  N N 247 
MET HE3  H  N N 248 
MET HXT  H  N N 249 
PHE N    N  N N 250 
PHE CA   C  N S 251 
PHE C    C  N N 252 
PHE O    O  N N 253 
PHE CB   C  N N 254 
PHE CG   C  Y N 255 
PHE CD1  C  Y N 256 
PHE CD2  C  Y N 257 
PHE CE1  C  Y N 258 
PHE CE2  C  Y N 259 
PHE CZ   C  Y N 260 
PHE OXT  O  N N 261 
PHE H    H  N N 262 
PHE H2   H  N N 263 
PHE HA   H  N N 264 
PHE HB2  H  N N 265 
PHE HB3  H  N N 266 
PHE HD1  H  N N 267 
PHE HD2  H  N N 268 
PHE HE1  H  N N 269 
PHE HE2  H  N N 270 
PHE HZ   H  N N 271 
PHE HXT  H  N N 272 
PRO N    N  N N 273 
PRO CA   C  N S 274 
PRO C    C  N N 275 
PRO O    O  N N 276 
PRO CB   C  N N 277 
PRO CG   C  N N 278 
PRO CD   C  N N 279 
PRO OXT  O  N N 280 
PRO H    H  N N 281 
PRO HA   H  N N 282 
PRO HB2  H  N N 283 
PRO HB3  H  N N 284 
PRO HG2  H  N N 285 
PRO HG3  H  N N 286 
PRO HD2  H  N N 287 
PRO HD3  H  N N 288 
PRO HXT  H  N N 289 
SER N    N  N N 290 
SER CA   C  N S 291 
SER C    C  N N 292 
SER O    O  N N 293 
SER CB   C  N N 294 
SER OG   O  N N 295 
SER OXT  O  N N 296 
SER H    H  N N 297 
SER H2   H  N N 298 
SER HA   H  N N 299 
SER HB2  H  N N 300 
SER HB3  H  N N 301 
SER HG   H  N N 302 
SER HXT  H  N N 303 
THR N    N  N N 304 
THR CA   C  N S 305 
THR C    C  N N 306 
THR O    O  N N 307 
THR CB   C  N R 308 
THR OG1  O  N N 309 
THR CG2  C  N N 310 
THR OXT  O  N N 311 
THR H    H  N N 312 
THR H2   H  N N 313 
THR HA   H  N N 314 
THR HB   H  N N 315 
THR HG1  H  N N 316 
THR HG21 H  N N 317 
THR HG22 H  N N 318 
THR HG23 H  N N 319 
THR HXT  H  N N 320 
TRP N    N  N N 321 
TRP CA   C  N S 322 
TRP C    C  N N 323 
TRP O    O  N N 324 
TRP CB   C  N N 325 
TRP CG   C  Y N 326 
TRP CD1  C  Y N 327 
TRP CD2  C  Y N 328 
TRP NE1  N  Y N 329 
TRP CE2  C  Y N 330 
TRP CE3  C  Y N 331 
TRP CZ2  C  Y N 332 
TRP CZ3  C  Y N 333 
TRP CH2  C  Y N 334 
TRP OXT  O  N N 335 
TRP H    H  N N 336 
TRP H2   H  N N 337 
TRP HA   H  N N 338 
TRP HB2  H  N N 339 
TRP HB3  H  N N 340 
TRP HD1  H  N N 341 
TRP HE1  H  N N 342 
TRP HE3  H  N N 343 
TRP HZ2  H  N N 344 
TRP HZ3  H  N N 345 
TRP HH2  H  N N 346 
TRP HXT  H  N N 347 
TYR N    N  N N 348 
TYR CA   C  N S 349 
TYR C    C  N N 350 
TYR O    O  N N 351 
TYR CB   C  N N 352 
TYR CG   C  Y N 353 
TYR CD1  C  Y N 354 
TYR CD2  C  Y N 355 
TYR CE1  C  Y N 356 
TYR CE2  C  Y N 357 
TYR CZ   C  Y N 358 
TYR OH   O  N N 359 
TYR OXT  O  N N 360 
TYR H    H  N N 361 
TYR H2   H  N N 362 
TYR HA   H  N N 363 
TYR HB2  H  N N 364 
TYR HB3  H  N N 365 
TYR HD1  H  N N 366 
TYR HD2  H  N N 367 
TYR HE1  H  N N 368 
TYR HE2  H  N N 369 
TYR HH   H  N N 370 
TYR HXT  H  N N 371 
VAL N    N  N N 372 
VAL CA   C  N S 373 
VAL C    C  N N 374 
VAL O    O  N N 375 
VAL CB   C  N N 376 
VAL CG1  C  N N 377 
VAL CG2  C  N N 378 
VAL OXT  O  N N 379 
VAL H    H  N N 380 
VAL H2   H  N N 381 
VAL HA   H  N N 382 
VAL HB   H  N N 383 
VAL HG11 H  N N 384 
VAL HG12 H  N N 385 
VAL HG13 H  N N 386 
VAL HG21 H  N N 387 
VAL HG22 H  N N 388 
VAL HG23 H  N N 389 
VAL HXT  H  N N 390 
ZN  ZN   ZN N N 391 
# 
loop_
_chem_comp_bond.comp_id 
_chem_comp_bond.atom_id_1 
_chem_comp_bond.atom_id_2 
_chem_comp_bond.value_order 
_chem_comp_bond.pdbx_aromatic_flag 
_chem_comp_bond.pdbx_stereo_config 
_chem_comp_bond.pdbx_ordinal 
ALA N   CA   sing N N 1   
ALA N   H    sing N N 2   
ALA N   H2   sing N N 3   
ALA CA  C    sing N N 4   
ALA CA  CB   sing N N 5   
ALA CA  HA   sing N N 6   
ALA C   O    doub N N 7   
ALA C   OXT  sing N N 8   
ALA CB  HB1  sing N N 9   
ALA CB  HB2  sing N N 10  
ALA CB  HB3  sing N N 11  
ALA OXT HXT  sing N N 12  
ARG N   CA   sing N N 13  
ARG N   H    sing N N 14  
ARG N   H2   sing N N 15  
ARG CA  C    sing N N 16  
ARG CA  CB   sing N N 17  
ARG CA  HA   sing N N 18  
ARG C   O    doub N N 19  
ARG C   OXT  sing N N 20  
ARG CB  CG   sing N N 21  
ARG CB  HB2  sing N N 22  
ARG CB  HB3  sing N N 23  
ARG CG  CD   sing N N 24  
ARG CG  HG2  sing N N 25  
ARG CG  HG3  sing N N 26  
ARG CD  NE   sing N N 27  
ARG CD  HD2  sing N N 28  
ARG CD  HD3  sing N N 29  
ARG NE  CZ   sing N N 30  
ARG NE  HE   sing N N 31  
ARG CZ  NH1  sing N N 32  
ARG CZ  NH2  doub N N 33  
ARG NH1 HH11 sing N N 34  
ARG NH1 HH12 sing N N 35  
ARG NH2 HH21 sing N N 36  
ARG NH2 HH22 sing N N 37  
ARG OXT HXT  sing N N 38  
ASN N   CA   sing N N 39  
ASN N   H    sing N N 40  
ASN N   H2   sing N N 41  
ASN CA  C    sing N N 42  
ASN CA  CB   sing N N 43  
ASN CA  HA   sing N N 44  
ASN C   O    doub N N 45  
ASN C   OXT  sing N N 46  
ASN CB  CG   sing N N 47  
ASN CB  HB2  sing N N 48  
ASN CB  HB3  sing N N 49  
ASN CG  OD1  doub N N 50  
ASN CG  ND2  sing N N 51  
ASN ND2 HD21 sing N N 52  
ASN ND2 HD22 sing N N 53  
ASN OXT HXT  sing N N 54  
ASP N   CA   sing N N 55  
ASP N   H    sing N N 56  
ASP N   H2   sing N N 57  
ASP CA  C    sing N N 58  
ASP CA  CB   sing N N 59  
ASP CA  HA   sing N N 60  
ASP C   O    doub N N 61  
ASP C   OXT  sing N N 62  
ASP CB  CG   sing N N 63  
ASP CB  HB2  sing N N 64  
ASP CB  HB3  sing N N 65  
ASP CG  OD1  doub N N 66  
ASP CG  OD2  sing N N 67  
ASP OD2 HD2  sing N N 68  
ASP OXT HXT  sing N N 69  
CYS N   CA   sing N N 70  
CYS N   H    sing N N 71  
CYS N   H2   sing N N 72  
CYS CA  C    sing N N 73  
CYS CA  CB   sing N N 74  
CYS CA  HA   sing N N 75  
CYS C   O    doub N N 76  
CYS C   OXT  sing N N 77  
CYS CB  SG   sing N N 78  
CYS CB  HB2  sing N N 79  
CYS CB  HB3  sing N N 80  
CYS SG  HG   sing N N 81  
CYS OXT HXT  sing N N 82  
GLN N   CA   sing N N 83  
GLN N   H    sing N N 84  
GLN N   H2   sing N N 85  
GLN CA  C    sing N N 86  
GLN CA  CB   sing N N 87  
GLN CA  HA   sing N N 88  
GLN C   O    doub N N 89  
GLN C   OXT  sing N N 90  
GLN CB  CG   sing N N 91  
GLN CB  HB2  sing N N 92  
GLN CB  HB3  sing N N 93  
GLN CG  CD   sing N N 94  
GLN CG  HG2  sing N N 95  
GLN CG  HG3  sing N N 96  
GLN CD  OE1  doub N N 97  
GLN CD  NE2  sing N N 98  
GLN NE2 HE21 sing N N 99  
GLN NE2 HE22 sing N N 100 
GLN OXT HXT  sing N N 101 
GLU N   CA   sing N N 102 
GLU N   H    sing N N 103 
GLU N   H2   sing N N 104 
GLU CA  C    sing N N 105 
GLU CA  CB   sing N N 106 
GLU CA  HA   sing N N 107 
GLU C   O    doub N N 108 
GLU C   OXT  sing N N 109 
GLU CB  CG   sing N N 110 
GLU CB  HB2  sing N N 111 
GLU CB  HB3  sing N N 112 
GLU CG  CD   sing N N 113 
GLU CG  HG2  sing N N 114 
GLU CG  HG3  sing N N 115 
GLU CD  OE1  doub N N 116 
GLU CD  OE2  sing N N 117 
GLU OE2 HE2  sing N N 118 
GLU OXT HXT  sing N N 119 
GLY N   CA   sing N N 120 
GLY N   H    sing N N 121 
GLY N   H2   sing N N 122 
GLY CA  C    sing N N 123 
GLY CA  HA2  sing N N 124 
GLY CA  HA3  sing N N 125 
GLY C   O    doub N N 126 
GLY C   OXT  sing N N 127 
GLY OXT HXT  sing N N 128 
HIS N   CA   sing N N 129 
HIS N   H    sing N N 130 
HIS N   H2   sing N N 131 
HIS CA  C    sing N N 132 
HIS CA  CB   sing N N 133 
HIS CA  HA   sing N N 134 
HIS C   O    doub N N 135 
HIS C   OXT  sing N N 136 
HIS CB  CG   sing N N 137 
HIS CB  HB2  sing N N 138 
HIS CB  HB3  sing N N 139 
HIS CG  ND1  sing Y N 140 
HIS CG  CD2  doub Y N 141 
HIS ND1 CE1  doub Y N 142 
HIS ND1 HD1  sing N N 143 
HIS CD2 NE2  sing Y N 144 
HIS CD2 HD2  sing N N 145 
HIS CE1 NE2  sing Y N 146 
HIS CE1 HE1  sing N N 147 
HIS NE2 HE2  sing N N 148 
HIS OXT HXT  sing N N 149 
HOH O   H1   sing N N 150 
HOH O   H2   sing N N 151 
ILE N   CA   sing N N 152 
ILE N   H    sing N N 153 
ILE N   H2   sing N N 154 
ILE CA  C    sing N N 155 
ILE CA  CB   sing N N 156 
ILE CA  HA   sing N N 157 
ILE C   O    doub N N 158 
ILE C   OXT  sing N N 159 
ILE CB  CG1  sing N N 160 
ILE CB  CG2  sing N N 161 
ILE CB  HB   sing N N 162 
ILE CG1 CD1  sing N N 163 
ILE CG1 HG12 sing N N 164 
ILE CG1 HG13 sing N N 165 
ILE CG2 HG21 sing N N 166 
ILE CG2 HG22 sing N N 167 
ILE CG2 HG23 sing N N 168 
ILE CD1 HD11 sing N N 169 
ILE CD1 HD12 sing N N 170 
ILE CD1 HD13 sing N N 171 
ILE OXT HXT  sing N N 172 
LEU N   CA   sing N N 173 
LEU N   H    sing N N 174 
LEU N   H2   sing N N 175 
LEU CA  C    sing N N 176 
LEU CA  CB   sing N N 177 
LEU CA  HA   sing N N 178 
LEU C   O    doub N N 179 
LEU C   OXT  sing N N 180 
LEU CB  CG   sing N N 181 
LEU CB  HB2  sing N N 182 
LEU CB  HB3  sing N N 183 
LEU CG  CD1  sing N N 184 
LEU CG  CD2  sing N N 185 
LEU CG  HG   sing N N 186 
LEU CD1 HD11 sing N N 187 
LEU CD1 HD12 sing N N 188 
LEU CD1 HD13 sing N N 189 
LEU CD2 HD21 sing N N 190 
LEU CD2 HD22 sing N N 191 
LEU CD2 HD23 sing N N 192 
LEU OXT HXT  sing N N 193 
LYS N   CA   sing N N 194 
LYS N   H    sing N N 195 
LYS N   H2   sing N N 196 
LYS CA  C    sing N N 197 
LYS CA  CB   sing N N 198 
LYS CA  HA   sing N N 199 
LYS C   O    doub N N 200 
LYS C   OXT  sing N N 201 
LYS CB  CG   sing N N 202 
LYS CB  HB2  sing N N 203 
LYS CB  HB3  sing N N 204 
LYS CG  CD   sing N N 205 
LYS CG  HG2  sing N N 206 
LYS CG  HG3  sing N N 207 
LYS CD  CE   sing N N 208 
LYS CD  HD2  sing N N 209 
LYS CD  HD3  sing N N 210 
LYS CE  NZ   sing N N 211 
LYS CE  HE2  sing N N 212 
LYS CE  HE3  sing N N 213 
LYS NZ  HZ1  sing N N 214 
LYS NZ  HZ2  sing N N 215 
LYS NZ  HZ3  sing N N 216 
LYS OXT HXT  sing N N 217 
MET N   CA   sing N N 218 
MET N   H    sing N N 219 
MET N   H2   sing N N 220 
MET CA  C    sing N N 221 
MET CA  CB   sing N N 222 
MET CA  HA   sing N N 223 
MET C   O    doub N N 224 
MET C   OXT  sing N N 225 
MET CB  CG   sing N N 226 
MET CB  HB2  sing N N 227 
MET CB  HB3  sing N N 228 
MET CG  SD   sing N N 229 
MET CG  HG2  sing N N 230 
MET CG  HG3  sing N N 231 
MET SD  CE   sing N N 232 
MET CE  HE1  sing N N 233 
MET CE  HE2  sing N N 234 
MET CE  HE3  sing N N 235 
MET OXT HXT  sing N N 236 
PHE N   CA   sing N N 237 
PHE N   H    sing N N 238 
PHE N   H2   sing N N 239 
PHE CA  C    sing N N 240 
PHE CA  CB   sing N N 241 
PHE CA  HA   sing N N 242 
PHE C   O    doub N N 243 
PHE C   OXT  sing N N 244 
PHE CB  CG   sing N N 245 
PHE CB  HB2  sing N N 246 
PHE CB  HB3  sing N N 247 
PHE CG  CD1  doub Y N 248 
PHE CG  CD2  sing Y N 249 
PHE CD1 CE1  sing Y N 250 
PHE CD1 HD1  sing N N 251 
PHE CD2 CE2  doub Y N 252 
PHE CD2 HD2  sing N N 253 
PHE CE1 CZ   doub Y N 254 
PHE CE1 HE1  sing N N 255 
PHE CE2 CZ   sing Y N 256 
PHE CE2 HE2  sing N N 257 
PHE CZ  HZ   sing N N 258 
PHE OXT HXT  sing N N 259 
PRO N   CA   sing N N 260 
PRO N   CD   sing N N 261 
PRO N   H    sing N N 262 
PRO CA  C    sing N N 263 
PRO CA  CB   sing N N 264 
PRO CA  HA   sing N N 265 
PRO C   O    doub N N 266 
PRO C   OXT  sing N N 267 
PRO CB  CG   sing N N 268 
PRO CB  HB2  sing N N 269 
PRO CB  HB3  sing N N 270 
PRO CG  CD   sing N N 271 
PRO CG  HG2  sing N N 272 
PRO CG  HG3  sing N N 273 
PRO CD  HD2  sing N N 274 
PRO CD  HD3  sing N N 275 
PRO OXT HXT  sing N N 276 
SER N   CA   sing N N 277 
SER N   H    sing N N 278 
SER N   H2   sing N N 279 
SER CA  C    sing N N 280 
SER CA  CB   sing N N 281 
SER CA  HA   sing N N 282 
SER C   O    doub N N 283 
SER C   OXT  sing N N 284 
SER CB  OG   sing N N 285 
SER CB  HB2  sing N N 286 
SER CB  HB3  sing N N 287 
SER OG  HG   sing N N 288 
SER OXT HXT  sing N N 289 
THR N   CA   sing N N 290 
THR N   H    sing N N 291 
THR N   H2   sing N N 292 
THR CA  C    sing N N 293 
THR CA  CB   sing N N 294 
THR CA  HA   sing N N 295 
THR C   O    doub N N 296 
THR C   OXT  sing N N 297 
THR CB  OG1  sing N N 298 
THR CB  CG2  sing N N 299 
THR CB  HB   sing N N 300 
THR OG1 HG1  sing N N 301 
THR CG2 HG21 sing N N 302 
THR CG2 HG22 sing N N 303 
THR CG2 HG23 sing N N 304 
THR OXT HXT  sing N N 305 
TRP N   CA   sing N N 306 
TRP N   H    sing N N 307 
TRP N   H2   sing N N 308 
TRP CA  C    sing N N 309 
TRP CA  CB   sing N N 310 
TRP CA  HA   sing N N 311 
TRP C   O    doub N N 312 
TRP C   OXT  sing N N 313 
TRP CB  CG   sing N N 314 
TRP CB  HB2  sing N N 315 
TRP CB  HB3  sing N N 316 
TRP CG  CD1  doub Y N 317 
TRP CG  CD2  sing Y N 318 
TRP CD1 NE1  sing Y N 319 
TRP CD1 HD1  sing N N 320 
TRP CD2 CE2  doub Y N 321 
TRP CD2 CE3  sing Y N 322 
TRP NE1 CE2  sing Y N 323 
TRP NE1 HE1  sing N N 324 
TRP CE2 CZ2  sing Y N 325 
TRP CE3 CZ3  doub Y N 326 
TRP CE3 HE3  sing N N 327 
TRP CZ2 CH2  doub Y N 328 
TRP CZ2 HZ2  sing N N 329 
TRP CZ3 CH2  sing Y N 330 
TRP CZ3 HZ3  sing N N 331 
TRP CH2 HH2  sing N N 332 
TRP OXT HXT  sing N N 333 
TYR N   CA   sing N N 334 
TYR N   H    sing N N 335 
TYR N   H2   sing N N 336 
TYR CA  C    sing N N 337 
TYR CA  CB   sing N N 338 
TYR CA  HA   sing N N 339 
TYR C   O    doub N N 340 
TYR C   OXT  sing N N 341 
TYR CB  CG   sing N N 342 
TYR CB  HB2  sing N N 343 
TYR CB  HB3  sing N N 344 
TYR CG  CD1  doub Y N 345 
TYR CG  CD2  sing Y N 346 
TYR CD1 CE1  sing Y N 347 
TYR CD1 HD1  sing N N 348 
TYR CD2 CE2  doub Y N 349 
TYR CD2 HD2  sing N N 350 
TYR CE1 CZ   doub Y N 351 
TYR CE1 HE1  sing N N 352 
TYR CE2 CZ   sing Y N 353 
TYR CE2 HE2  sing N N 354 
TYR CZ  OH   sing N N 355 
TYR OH  HH   sing N N 356 
TYR OXT HXT  sing N N 357 
VAL N   CA   sing N N 358 
VAL N   H    sing N N 359 
VAL N   H2   sing N N 360 
VAL CA  C    sing N N 361 
VAL CA  CB   sing N N 362 
VAL CA  HA   sing N N 363 
VAL C   O    doub N N 364 
VAL C   OXT  sing N N 365 
VAL CB  CG1  sing N N 366 
VAL CB  CG2  sing N N 367 
VAL CB  HB   sing N N 368 
VAL CG1 HG11 sing N N 369 
VAL CG1 HG12 sing N N 370 
VAL CG1 HG13 sing N N 371 
VAL CG2 HG21 sing N N 372 
VAL CG2 HG22 sing N N 373 
VAL CG2 HG23 sing N N 374 
VAL OXT HXT  sing N N 375 
# 
_pdbx_audit_support.funding_organization   'Canadian Institutes of Health Research (CIHR)' 
_pdbx_audit_support.country                Canada 
_pdbx_audit_support.grant_number           ? 
_pdbx_audit_support.ordinal                1 
# 
_pdbx_entity_instance_feature.ordinal        1 
_pdbx_entity_instance_feature.comp_id        ZN 
_pdbx_entity_instance_feature.asym_id        ? 
_pdbx_entity_instance_feature.seq_num        ? 
_pdbx_entity_instance_feature.auth_comp_id   ZN 
_pdbx_entity_instance_feature.auth_asym_id   ? 
_pdbx_entity_instance_feature.auth_seq_num   ? 
_pdbx_entity_instance_feature.feature_type   'SUBJECT OF INVESTIGATION' 
_pdbx_entity_instance_feature.details        ? 
# 
_pdbx_initial_refinement_model.accession_code   ? 
_pdbx_initial_refinement_model.id               1 
_pdbx_initial_refinement_model.entity_id_list   ? 
_pdbx_initial_refinement_model.type             'experimental model' 
_pdbx_initial_refinement_model.source_name      Other 
_pdbx_initial_refinement_model.details          'preliminary incomplete model' 
# 
_atom_sites.entry_id                    6VHF 
_atom_sites.Cartn_transf_matrix[1][1]   ? 
_atom_sites.Cartn_transf_matrix[1][2]   ? 
_atom_sites.Cartn_transf_matrix[1][3]   ? 
_atom_sites.Cartn_transf_matrix[2][1]   ? 
_atom_sites.Cartn_transf_matrix[2][2]   ? 
_atom_sites.Cartn_transf_matrix[2][3]   ? 
_atom_sites.Cartn_transf_matrix[3][1]   ? 
_atom_sites.Cartn_transf_matrix[3][2]   ? 
_atom_sites.Cartn_transf_matrix[3][3]   ? 
_atom_sites.Cartn_transf_vector[1]      ? 
_atom_sites.Cartn_transf_vector[2]      ? 
_atom_sites.Cartn_transf_vector[3]      ? 
_atom_sites.fract_transf_matrix[1][1]   -0.00376684 
_atom_sites.fract_transf_matrix[1][2]   -0.01012359 
_atom_sites.fract_transf_matrix[1][3]   -0.01021381 
_atom_sites.fract_transf_matrix[2][1]   0.00433268 
_atom_sites.fract_transf_matrix[2][2]   -0.01019267 
_atom_sites.fract_transf_matrix[2][3]   0.00850475 
_atom_sites.fract_transf_matrix[3][1]   -0.01172716 
_atom_sites.fract_transf_matrix[3][2]   -0.00075325 
_atom_sites.fract_transf_matrix[3][3]   0.00507156 
_atom_sites.fract_transf_vector[1]      0.340871 
_atom_sites.fract_transf_vector[2]      0.166398 
_atom_sites.fract_transf_vector[3]      0.423382 
_atom_sites.solution_primary            ? 
_atom_sites.solution_secondary          ? 
_atom_sites.solution_hydrogens          ? 
_atom_sites.special_details             ? 
# 
loop_
_atom_type.symbol 
C  
N  
O  
S  
ZN 
# 
loop_
_atom_site.group_PDB 
_atom_site.id 
_atom_site.type_symbol 
_atom_site.label_atom_id 
_atom_site.label_alt_id 
_atom_site.label_comp_id 
_atom_site.label_asym_id 
_atom_site.label_entity_id 
_atom_site.label_seq_id 
_atom_site.pdbx_PDB_ins_code 
_atom_site.Cartn_x 
_atom_site.Cartn_y 
_atom_site.Cartn_z 
_atom_site.occupancy 
_atom_site.B_iso_or_equiv 
_atom_site.pdbx_formal_charge 
_atom_site.auth_seq_id 
_atom_site.auth_comp_id 
_atom_site.auth_asym_id 
_atom_site.auth_atom_id 
_atom_site.pdbx_PDB_model_num 
ATOM   1    N  N   . ALA A 1 1   ? -28.970 8.459   22.795  1.00 77.09  ? 322 ALA A N   1 
ATOM   2    C  CA  . ALA A 1 1   ? -30.007 8.994   21.923  1.00 74.15  ? 322 ALA A CA  1 
ATOM   3    C  C   . ALA A 1 1   ? -29.943 8.366   20.529  1.00 71.79  ? 322 ALA A C   1 
ATOM   4    O  O   . ALA A 1 1   ? -30.364 8.985   19.559  1.00 78.31  ? 322 ALA A O   1 
ATOM   5    C  CB  . ALA A 1 1   ? -29.882 10.519  21.829  1.00 73.35  ? 322 ALA A CB  1 
ATOM   6    N  N   . LEU A 1 2   ? -29.434 7.136   20.428  1.00 65.15  ? 323 LEU A N   1 
ATOM   7    C  CA  . LEU A 1 2   ? -29.116 6.519   19.145  1.00 63.20  ? 323 LEU A CA  1 
ATOM   8    C  C   . LEU A 1 2   ? -29.945 5.259   18.899  1.00 61.95  ? 323 LEU A C   1 
ATOM   9    O  O   . LEU A 1 2   ? -30.156 4.459   19.813  1.00 59.61  ? 323 LEU A O   1 
ATOM   10   C  CB  . LEU A 1 2   ? -27.601 6.183   19.071  1.00 62.61  ? 323 LEU A CB  1 
ATOM   11   C  CG  . LEU A 1 2   ? -26.659 7.348   18.707  1.00 61.14  ? 323 LEU A CG  1 
ATOM   12   C  CD1 . LEU A 1 2   ? -25.354 7.328   19.481  1.00 53.37  ? 323 LEU A CD1 1 
ATOM   13   C  CD2 . LEU A 1 2   ? -26.390 7.347   17.219  1.00 58.27  ? 323 LEU A CD2 1 
ATOM   14   N  N   . THR A 1 3   ? -30.400 5.088   17.651  1.00 64.20  ? 324 THR A N   1 
ATOM   15   C  CA  . THR A 1 3   ? -31.069 3.864   17.216  1.00 61.10  ? 324 THR A CA  1 
ATOM   16   C  C   . THR A 1 3   ? -30.133 2.672   17.381  1.00 60.31  ? 324 THR A C   1 
ATOM   17   O  O   . THR A 1 3   ? -28.915 2.816   17.243  1.00 62.65  ? 324 THR A O   1 
ATOM   18   C  CB  . THR A 1 3   ? -31.468 3.947   15.733  1.00 66.03  ? 324 THR A CB  1 
ATOM   19   O  OG1 . THR A 1 3   ? -31.990 5.245   15.417  1.00 78.88  ? 324 THR A OG1 1 
ATOM   20   C  CG2 . THR A 1 3   ? -32.518 2.886   15.374  1.00 64.37  ? 324 THR A CG2 1 
ATOM   21   N  N   . PRO A 1 4   ? -30.672 1.478   17.643  1.00 59.14  ? 325 PRO A N   1 
ATOM   22   C  CA  . PRO A 1 4   ? -29.885 0.254   17.419  1.00 54.22  ? 325 PRO A CA  1 
ATOM   23   C  C   . PRO A 1 4   ? -29.150 0.214   16.082  1.00 56.24  ? 325 PRO A C   1 
ATOM   24   O  O   . PRO A 1 4   ? -28.010 -0.268  16.020  1.00 57.98  ? 325 PRO A O   1 
ATOM   25   C  CB  . PRO A 1 4   ? -30.948 -0.845  17.503  1.00 58.18  ? 325 PRO A CB  1 
ATOM   26   C  CG  . PRO A 1 4   ? -31.942 -0.309  18.485  1.00 54.17  ? 325 PRO A CG  1 
ATOM   27   C  CD  . PRO A 1 4   ? -31.958 1.190   18.309  1.00 58.34  ? 325 PRO A CD  1 
ATOM   28   N  N   . GLU A 1 5   ? -29.771 0.691   15.005  1.00 56.16  ? 326 GLU A N   1 
ATOM   29   C  CA  . GLU A 1 5   ? -29.121 0.611   13.705  1.00 60.68  ? 326 GLU A CA  1 
ATOM   30   C  C   . GLU A 1 5   ? -28.001 1.644   13.578  1.00 58.67  ? 326 GLU A C   1 
ATOM   31   O  O   . GLU A 1 5   ? -27.012 1.393   12.885  1.00 54.67  ? 326 GLU A O   1 
ATOM   32   C  CB  . GLU A 1 5   ? -30.157 0.775   12.580  1.00 58.25  ? 326 GLU A CB  1 
ATOM   33   C  CG  . GLU A 1 5   ? -29.564 1.249   11.232  1.00 70.10  ? 326 GLU A CG  1 
ATOM   34   C  CD  . GLU A 1 5   ? -28.920 0.120   10.434  1.00 77.87  ? 326 GLU A CD  1 
ATOM   35   O  OE1 . GLU A 1 5   ? -29.036 -1.029  10.914  1.00 81.31  ? 326 GLU A OE1 1 
ATOM   36   O  OE2 . GLU A 1 5   ? -28.275 0.390   9.381   1.00 76.79  ? 326 GLU A OE2 1 
ATOM   37   N  N   . GLU A 1 6   ? -28.145 2.796   14.246  1.00 58.84  ? 327 GLU A N   1 
ATOM   38   C  CA  . GLU A 1 6   ? -27.090 3.804   14.264  1.00 54.56  ? 327 GLU A CA  1 
ATOM   39   C  C   . GLU A 1 6   ? -25.865 3.313   15.032  1.00 54.56  ? 327 GLU A C   1 
ATOM   40   O  O   . GLU A 1 6   ? -24.728 3.588   14.626  1.00 53.36  ? 327 GLU A O   1 
ATOM   41   C  CB  . GLU A 1 6   ? -27.622 5.125   14.845  1.00 53.33  ? 327 GLU A CB  1 
ATOM   42   C  CG  . GLU A 1 6   ? -28.592 5.894   13.889  1.00 59.79  ? 327 GLU A CG  1 
ATOM   43   C  CD  . GLU A 1 6   ? -29.460 6.973   14.567  1.00 61.97  ? 327 GLU A CD  1 
ATOM   44   O  OE1 . GLU A 1 6   ? -29.918 7.893   13.862  1.00 61.11  ? 327 GLU A OE1 1 
ATOM   45   O  OE2 . GLU A 1 6   ? -29.706 6.888   15.789  1.00 66.74  ? 327 GLU A OE2 1 
ATOM   46   N  N   . TYR A 1 7   ? -26.070 2.591   16.146  1.00 52.67  ? 328 TYR A N   1 
ATOM   47   C  CA  . TYR A 1 7   ? -24.942 1.960   16.832  1.00 50.30  ? 328 TYR A CA  1 
ATOM   48   C  C   . TYR A 1 7   ? -24.222 0.994   15.906  1.00 51.29  ? 328 TYR A C   1 
ATOM   49   O  O   . TYR A 1 7   ? -22.979 0.954   15.869  1.00 46.67  ? 328 TYR A O   1 
ATOM   50   C  CB  . TYR A 1 7   ? -25.401 1.208   18.083  1.00 51.53  ? 328 TYR A CB  1 
ATOM   51   C  CG  . TYR A 1 7   ? -25.745 2.062   19.286  1.00 52.01  ? 328 TYR A CG  1 
ATOM   52   C  CD1 . TYR A 1 7   ? -24.777 2.823   19.916  1.00 46.11  ? 328 TYR A CD1 1 
ATOM   53   C  CD2 . TYR A 1 7   ? -27.044 2.079   19.809  1.00 52.92  ? 328 TYR A CD2 1 
ATOM   54   C  CE1 . TYR A 1 7   ? -25.082 3.598   21.021  1.00 52.47  ? 328 TYR A CE1 1 
ATOM   55   C  CE2 . TYR A 1 7   ? -27.365 2.859   20.923  1.00 53.86  ? 328 TYR A CE2 1 
ATOM   56   C  CZ  . TYR A 1 7   ? -26.373 3.615   21.524  1.00 56.89  ? 328 TYR A CZ  1 
ATOM   57   O  OH  . TYR A 1 7   ? -26.655 4.400   22.622  1.00 60.05  ? 328 TYR A OH  1 
ATOM   58   N  N   . ALA A 1 8   ? -24.988 0.200   15.158  1.00 45.77  ? 329 ALA A N   1 
ATOM   59   C  CA  . ALA A 1 8   ? -24.374 -0.772  14.265  1.00 48.92  ? 329 ALA A CA  1 
ATOM   60   C  C   . ALA A 1 8   ? -23.547 -0.076  13.184  1.00 49.48  ? 329 ALA A C   1 
ATOM   61   O  O   . ALA A 1 8   ? -22.465 -0.550  12.822  1.00 48.00  ? 329 ALA A O   1 
ATOM   62   C  CB  . ALA A 1 8   ? -25.455 -1.666  13.651  1.00 43.77  ? 329 ALA A CB  1 
ATOM   63   N  N   . GLU A 1 9   ? -24.026 1.062   12.672  1.00 49.61  ? 330 GLU A N   1 
ATOM   64   C  CA  . GLU A 1 9   ? -23.292 1.773   11.626  1.00 52.35  ? 330 GLU A CA  1 
ATOM   65   C  C   . GLU A 1 9   ? -22.027 2.423   12.173  1.00 46.00  ? 330 GLU A C   1 
ATOM   66   O  O   . GLU A 1 9   ? -20.958 2.330   11.561  1.00 44.60  ? 330 GLU A O   1 
ATOM   67   C  CB  . GLU A 1 9   ? -24.186 2.830   10.984  1.00 51.33  ? 330 GLU A CB  1 
ATOM   68   C  CG  . GLU A 1 9   ? -25.439 2.276   10.332  1.00 63.47  ? 330 GLU A CG  1 
ATOM   69   C  CD  . GLU A 1 9   ? -26.316 3.375   9.762   1.00 70.48  ? 330 GLU A CD  1 
ATOM   70   O  OE1 . GLU A 1 9   ? -27.514 3.118   9.529   1.00 69.37  ? 330 GLU A OE1 1 
ATOM   71   O  OE2 . GLU A 1 9   ? -25.789 4.487   9.557   1.00 70.11  ? 330 GLU A OE2 1 
ATOM   72   N  N   . LEU A 1 10  ? -22.149 3.143   13.290  1.00 40.68  ? 331 LEU A N   1 
ATOM   73   C  CA  . LEU A 1 10  ? -20.988 3.778   13.894  1.00 40.56  ? 331 LEU A CA  1 
ATOM   74   C  C   . LEU A 1 10  ? -19.918 2.751   14.210  1.00 43.68  ? 331 LEU A C   1 
ATOM   75   O  O   . LEU A 1 10  ? -18.727 2.988   13.972  1.00 39.29  ? 331 LEU A O   1 
ATOM   76   C  CB  . LEU A 1 10  ? -21.395 4.531   15.162  1.00 40.37  ? 331 LEU A CB  1 
ATOM   77   C  CG  . LEU A 1 10  ? -22.395 5.656   14.884  1.00 49.11  ? 331 LEU A CG  1 
ATOM   78   C  CD1 . LEU A 1 10  ? -23.154 6.129   16.135  1.00 51.76  ? 331 LEU A CD1 1 
ATOM   79   C  CD2 . LEU A 1 10  ? -21.696 6.815   14.184  1.00 43.68  ? 331 LEU A CD2 1 
ATOM   80   N  N   . THR A 1 11  ? -20.329 1.593   14.730  1.00 39.31  ? 332 THR A N   1 
ATOM   81   C  CA  . THR A 1 11  ? -19.377 0.561   15.118  1.00 38.04  ? 332 THR A CA  1 
ATOM   82   C  C   . THR A 1 11  ? -18.660 0.004   13.898  1.00 42.16  ? 332 THR A C   1 
ATOM   83   O  O   . THR A 1 11  ? -17.430 -0.163  13.908  1.00 41.40  ? 332 THR A O   1 
ATOM   84   C  CB  . THR A 1 11  ? -20.095 -0.561  15.876  1.00 40.95  ? 332 THR A CB  1 
ATOM   85   O  OG1 . THR A 1 11  ? -20.852 -0.004  16.965  1.00 42.22  ? 332 THR A OG1 1 
ATOM   86   C  CG2 . THR A 1 11  ? -19.083 -1.622  16.389  1.00 37.36  ? 332 THR A CG2 1 
ATOM   87   N  N   . ALA A 1 12  ? -19.415 -0.286  12.833  1.00 37.61  ? 333 ALA A N   1 
ATOM   88   C  CA  . ALA A 1 12  ? -18.804 -0.797  11.613  1.00 43.92  ? 333 ALA A CA  1 
ATOM   89   C  C   . ALA A 1 12  ? -17.919 0.252   10.963  1.00 41.98  ? 333 ALA A C   1 
ATOM   90   O  O   . ALA A 1 12  ? -16.882 -0.083  10.391  1.00 38.62  ? 333 ALA A O   1 
ATOM   91   C  CB  . ALA A 1 12  ? -19.878 -1.253  10.628  1.00 38.35  ? 333 ALA A CB  1 
ATOM   92   N  N   . SER A 1 13  ? -18.317 1.520   11.043  1.00 43.01  ? 334 SER A N   1 
ATOM   93   C  CA  . SER A 1 13  ? -17.493 2.600   10.519  1.00 42.21  ? 334 SER A CA  1 
ATOM   94   C  C   . SER A 1 13  ? -16.159 2.671   11.248  1.00 40.92  ? 334 SER A C   1 
ATOM   95   O  O   . SER A 1 13  ? -15.095 2.750   10.618  1.00 38.85  ? 334 SER A O   1 
ATOM   96   C  CB  . SER A 1 13  ? -18.239 3.922   10.647  1.00 39.71  ? 334 SER A CB  1 
ATOM   97   O  OG  . SER A 1 13  ? -17.482 4.950   10.047  1.00 46.03  ? 334 SER A OG  1 
ATOM   98   N  N   . ALA A 1 14  ? -16.195 2.621   12.580  1.00 37.02  ? 335 ALA A N   1 
ATOM   99   C  CA  . ALA A 1 14  ? -14.958 2.699   13.351  1.00 39.33  ? 335 ALA A CA  1 
ATOM   100  C  C   . ALA A 1 14  ? -14.068 1.481   13.095  1.00 42.73  ? 335 ALA A C   1 
ATOM   101  O  O   . ALA A 1 14  ? -12.831 1.592   13.065  1.00 40.44  ? 335 ALA A O   1 
ATOM   102  C  CB  . ALA A 1 14  ? -15.279 2.834   14.833  1.00 35.28  ? 335 ALA A CB  1 
ATOM   103  N  N   . GLU A 1 15  ? -14.682 0.305   12.915  1.00 39.09  ? 336 GLU A N   1 
ATOM   104  C  CA  . GLU A 1 15  ? -13.908 -0.887  12.594  1.00 45.72  ? 336 GLU A CA  1 
ATOM   105  C  C   . GLU A 1 15  ? -13.279 -0.781  11.213  1.00 39.74  ? 336 GLU A C   1 
ATOM   106  O  O   . GLU A 1 15  ? -12.174 -1.280  11.000  1.00 41.36  ? 336 GLU A O   1 
ATOM   107  C  CB  . GLU A 1 15  ? -14.797 -2.126  12.684  1.00 40.91  ? 336 GLU A CB  1 
ATOM   108  C  CG  . GLU A 1 15  ? -15.115 -2.510  14.116  1.00 49.98  ? 336 GLU A CG  1 
ATOM   109  C  CD  . GLU A 1 15  ? -16.203 -3.560  14.229  1.00 56.49  ? 336 GLU A CD  1 
ATOM   110  O  OE1 . GLU A 1 15  ? -16.911 -3.786  13.224  1.00 50.16  ? 336 GLU A OE1 1 
ATOM   111  O  OE2 . GLU A 1 15  ? -16.331 -4.166  15.319  1.00 64.09  ? 336 GLU A OE2 1 
ATOM   112  N  N   . THR A 1 16  ? -13.981 -0.156  10.266  1.00 38.75  ? 337 THR A N   1 
ATOM   113  C  CA  . THR A 1 16  ? -13.434 0.075   8.936   1.00 38.42  ? 337 THR A CA  1 
ATOM   114  C  C   . THR A 1 16  ? -12.244 1.028   8.985   1.00 42.19  ? 337 THR A C   1 
ATOM   115  O  O   . THR A 1 16  ? -11.215 0.785   8.341   1.00 41.50  ? 337 THR A O   1 
ATOM   116  C  CB  . THR A 1 16  ? -14.527 0.629   8.031   1.00 40.45  ? 337 THR A CB  1 
ATOM   117  O  OG1 . THR A 1 16  ? -15.575 -0.337  7.942   1.00 44.90  ? 337 THR A OG1 1 
ATOM   118  C  CG2 . THR A 1 16  ? -14.000 0.889   6.644   1.00 39.75  ? 337 THR A CG2 1 
ATOM   119  N  N   . ARG A 1 17  ? -12.373 2.131   9.727   1.00 39.12  ? 338 ARG A N   1 
ATOM   120  C  CA  . ARG A 1 17  ? -11.224 2.997   9.946   1.00 39.98  ? 338 ARG A CA  1 
ATOM   121  C  C   . ARG A 1 17  ? -10.035 2.193   10.461  1.00 41.26  ? 338 ARG A C   1 
ATOM   122  O  O   . ARG A 1 17  ? -8.893  2.386   10.015  1.00 36.31  ? 338 ARG A O   1 
ATOM   123  C  CB  . ARG A 1 17  ? -11.597 4.116   10.922  1.00 34.60  ? 338 ARG A CB  1 
ATOM   124  C  CG  . ARG A 1 17  ? -12.419 5.208   10.266  1.00 36.12  ? 338 ARG A CG  1 
ATOM   125  C  CD  . ARG A 1 17  ? -12.473 6.418   11.161  1.00 36.42  ? 338 ARG A CD  1 
ATOM   126  N  NE  . ARG A 1 17  ? -13.339 6.214   12.320  1.00 37.51  ? 338 ARG A NE  1 
ATOM   127  C  CZ  . ARG A 1 17  ? -12.927 6.227   13.584  1.00 38.16  ? 338 ARG A CZ  1 
ATOM   128  N  NH1 . ARG A 1 17  ? -11.653 6.437   13.858  1.00 32.33  ? 338 ARG A NH1 1 
ATOM   129  N  NH2 . ARG A 1 17  ? -13.806 6.070   14.572  1.00 40.90  ? 338 ARG A NH2 1 
ATOM   130  N  N   . SER A 1 18  ? -10.301 1.267   11.382  1.00 38.37  ? 339 SER A N   1 
ATOM   131  C  CA  . SER A 1 18  ? -9.257  0.421   11.931  1.00 38.98  ? 339 SER A CA  1 
ATOM   132  C  C   . SER A 1 18  ? -8.561  -0.363  10.825  1.00 42.71  ? 339 SER A C   1 
ATOM   133  O  O   . SER A 1 18  ? -7.325  -0.370  10.736  1.00 39.28  ? 339 SER A O   1 
ATOM   134  C  CB  . SER A 1 18  ? -9.879  -0.520  12.955  1.00 37.85  ? 339 SER A CB  1 
ATOM   135  O  OG  . SER A 1 18  ? -8.962  -0.821  13.976  1.00 50.85  ? 339 SER A OG  1 
ATOM   136  N  N   . LYS A 1 19  ? -9.347  -1.016  9.949   1.00 38.72  ? 340 LYS A N   1 
ATOM   137  C  CA  . LYS A 1 19  ? -8.760  -1.786  8.849   1.00 42.96  ? 340 LYS A CA  1 
ATOM   138  C  C   . LYS A 1 19  ? -7.983  -0.879  7.903   1.00 42.17  ? 340 LYS A C   1 
ATOM   139  O  O   . LYS A 1 19  ? -6.909  -1.257  7.405   1.00 42.62  ? 340 LYS A O   1 
ATOM   140  C  CB  . LYS A 1 19  ? -9.840  -2.545  8.056   1.00 42.49  ? 340 LYS A CB  1 
ATOM   141  C  CG  . LYS A 1 19  ? -10.827 -3.414  8.884   1.00 51.47  ? 340 LYS A CG  1 
ATOM   142  C  CD  . LYS A 1 19  ? -11.508 -4.525  8.018   1.00 64.89  ? 340 LYS A CD  1 
ATOM   143  C  CE  . LYS A 1 19  ? -12.887 -4.960  8.569   1.00 70.06  ? 340 LYS A CE  1 
ATOM   144  N  NZ  . LYS A 1 19  ? -13.796 -5.548  7.524   1.00 83.03  ? 340 LYS A NZ  1 
ATOM   145  N  N   . LEU A 1 20  ? -8.515  0.319   7.636   1.00 36.11  ? 341 LEU A N   1 
ATOM   146  C  CA  . LEU A 1 20  ? -7.843  1.235   6.723   1.00 39.27  ? 341 LEU A CA  1 
ATOM   147  C  C   . LEU A 1 20  ? -6.507  1.683   7.291   1.00 38.92  ? 341 LEU A C   1 
ATOM   148  O  O   . LEU A 1 20  ? -5.536  1.816   6.542   1.00 35.17  ? 341 LEU A O   1 
ATOM   149  C  CB  . LEU A 1 20  ? -8.730  2.442   6.424   1.00 38.23  ? 341 LEU A CB  1 
ATOM   150  C  CG  . LEU A 1 20  ? -10.023 2.154   5.647   1.00 44.33  ? 341 LEU A CG  1 
ATOM   151  C  CD1 . LEU A 1 20  ? -10.977 3.353   5.719   1.00 42.21  ? 341 LEU A CD1 1 
ATOM   152  C  CD2 . LEU A 1 20  ? -9.695  1.816   4.200   1.00 43.27  ? 341 LEU A CD2 1 
ATOM   153  N  N   . SER A 1 21  ? -6.435  1.913   8.614   1.00 36.64  ? 342 SER A N   1 
ATOM   154  C  CA  . SER A 1 21  ? -5.170  2.310   9.226   1.00 40.03  ? 342 SER A CA  1 
ATOM   155  C  C   . SER A 1 21  ? -4.141  1.189   9.155   1.00 43.82  ? 342 SER A C   1 
ATOM   156  O  O   . SER A 1 21  ? -2.954  1.444   8.888   1.00 41.00  ? 342 SER A O   1 
ATOM   157  C  CB  . SER A 1 21  ? -5.389  2.744   10.666  1.00 34.59  ? 342 SER A CB  1 
ATOM   158  O  OG  . SER A 1 21  ? -6.195  3.898   10.661  1.00 39.73  ? 342 SER A OG  1 
ATOM   159  N  N   . GLU A 1 22  ? -4.579  -0.057  9.384   1.00 40.04  ? 343 GLU A N   1 
ATOM   160  C  CA  . GLU A 1 22  ? -3.692  -1.204  9.219   1.00 42.05  ? 343 GLU A CA  1 
ATOM   161  C  C   . GLU A 1 22  ? -3.239  -1.353  7.766   1.00 43.85  ? 343 GLU A C   1 
ATOM   162  O  O   . GLU A 1 22  ? -2.082  -1.699  7.500   1.00 40.80  ? 343 GLU A O   1 
ATOM   163  C  CB  . GLU A 1 22  ? -4.395  -2.468  9.710   1.00 46.64  ? 343 GLU A CB  1 
ATOM   164  C  CG  . GLU A 1 22  ? -4.560  -2.511  11.233  1.00 48.84  ? 343 GLU A CG  1 
ATOM   165  C  CD  . GLU A 1 22  ? -5.783  -3.305  11.698  1.00 58.60  ? 343 GLU A CD  1 
ATOM   166  O  OE1 . GLU A 1 22  ? -6.236  -3.062  12.841  1.00 60.25  ? 343 GLU A OE1 1 
ATOM   167  O  OE2 . GLU A 1 22  ? -6.295  -4.169  10.936  1.00 58.42  ? 343 GLU A OE2 1 
ATOM   168  N  N   . GLN A 1 23  ? -4.124  -1.078  6.807   1.00 42.33  ? 344 GLN A N   1 
ATOM   169  C  CA  . GLN A 1 23  ? -3.680  -1.120  5.415   1.00 42.30  ? 344 GLN A CA  1 
ATOM   170  C  C   . GLN A 1 23  ? -2.629  -0.040  5.129   1.00 43.03  ? 344 GLN A C   1 
ATOM   171  O  O   . GLN A 1 23  ? -1.692  -0.263  4.345   1.00 40.31  ? 344 GLN A O   1 
ATOM   172  C  CB  . GLN A 1 23  ? -4.874  -0.974  4.473   1.00 37.57  ? 344 GLN A CB  1 
ATOM   173  C  CG  . GLN A 1 23  ? -4.558  -1.230  2.985   1.00 45.79  ? 344 GLN A CG  1 
ATOM   174  C  CD  . GLN A 1 23  ? -3.951  -2.614  2.720   1.00 50.09  ? 344 GLN A CD  1 
ATOM   175  O  OE1 . GLN A 1 23  ? -3.984  -3.493  3.573   1.00 51.96  ? 344 GLN A OE1 1 
ATOM   176  N  NE2 . GLN A 1 23  ? -3.385  -2.798  1.533   1.00 56.58  ? 344 GLN A NE2 1 
ATOM   177  N  N   . ILE A 1 24  ? -2.766  1.136   5.744   1.00 40.06  ? 345 ILE A N   1 
ATOM   178  C  CA  . ILE A 1 24  ? -1.775  2.184   5.524   1.00 38.28  ? 345 ILE A CA  1 
ATOM   179  C  C   . ILE A 1 24  ? -0.433  1.766   6.105   1.00 40.89  ? 345 ILE A C   1 
ATOM   180  O  O   . ILE A 1 24  ? 0.619   1.982   5.481   1.00 40.62  ? 345 ILE A O   1 
ATOM   181  C  CB  . ILE A 1 24  ? -2.262  3.518   6.104   1.00 35.77  ? 345 ILE A CB  1 
ATOM   182  C  CG1 . ILE A 1 24  ? -3.307  4.156   5.170   1.00 39.24  ? 345 ILE A CG1 1 
ATOM   183  C  CG2 . ILE A 1 24  ? -1.089  4.451   6.350   1.00 38.94  ? 345 ILE A CG2 1 
ATOM   184  C  CD1 . ILE A 1 24  ? -4.037  5.394   5.736   1.00 31.80  ? 345 ILE A CD1 1 
ATOM   185  N  N   . ALA A 1 25  ? -0.447  1.159   7.300   1.00 39.21  ? 346 ALA A N   1 
ATOM   186  C  CA  . ALA A 1 25  ? 0.774   0.598   7.877   1.00 42.81  ? 346 ALA A CA  1 
ATOM   187  C  C   . ALA A 1 25  ? 1.424   -0.406  6.930   1.00 43.67  ? 346 ALA A C   1 
ATOM   188  O  O   . ALA A 1 25  ? 2.647   -0.362  6.698   1.00 43.81  ? 346 ALA A O   1 
ATOM   189  C  CB  . ALA A 1 25  ? 0.470   -0.065  9.222   1.00 37.42  ? 346 ALA A CB  1 
ATOM   190  N  N   . LEU A 1 26  ? 0.624   -1.317  6.368   1.00 40.96  ? 347 LEU A N   1 
ATOM   191  C  CA  . LEU A 1 26  ? 1.165   -2.250  5.385   1.00 45.61  ? 347 LEU A CA  1 
ATOM   192  C  C   . LEU A 1 26  ? 1.832   -1.498  4.243   1.00 43.48  ? 347 LEU A C   1 
ATOM   193  O  O   . LEU A 1 26  ? 2.920   -1.876  3.807   1.00 42.05  ? 347 LEU A O   1 
ATOM   194  C  CB  . LEU A 1 26  ? 0.069   -3.174  4.851   1.00 43.48  ? 347 LEU A CB  1 
ATOM   195  C  CG  . LEU A 1 26  ? 0.488   -4.137  3.739   1.00 48.68  ? 347 LEU A CG  1 
ATOM   196  C  CD1 . LEU A 1 26  ? 1.777   -4.885  4.123   1.00 50.43  ? 347 LEU A CD1 1 
ATOM   197  C  CD2 . LEU A 1 26  ? -0.613  -5.125  3.387   1.00 49.37  ? 347 LEU A CD2 1 
ATOM   198  N  N   . CYS A 1 27  ? 1.207   -0.403  3.787   1.00 41.17  ? 348 CYS A N   1 
ATOM   199  C  CA  . CYS A 1 27  ? 1.725   0.388   2.678   1.00 41.65  ? 348 CYS A CA  1 
ATOM   200  C  C   . CYS A 1 27  ? 3.070   1.022   3.018   1.00 43.61  ? 348 CYS A C   1 
ATOM   201  O  O   . CYS A 1 27  ? 3.971   1.085   2.167   1.00 37.85  ? 348 CYS A O   1 
ATOM   202  C  CB  . CYS A 1 27  ? 0.715   1.470   2.294   1.00 39.25  ? 348 CYS A CB  1 
ATOM   203  S  SG  . CYS A 1 27  ? -0.681  0.902   1.266   1.00 49.98  ? 348 CYS A SG  1 
ATOM   204  N  N   . ARG A 1 28  ? 3.220   1.509   4.253   1.00 36.59  ? 349 ARG A N   1 
ATOM   205  C  CA  . ARG A 1 28  ? 4.495   2.092   4.642   1.00 43.12  ? 349 ARG A CA  1 
ATOM   206  C  C   . ARG A 1 28  ? 5.602   1.046   4.596   1.00 40.12  ? 349 ARG A C   1 
ATOM   207  O  O   . ARG A 1 28  ? 6.730   1.354   4.218   1.00 42.82  ? 349 ARG A O   1 
ATOM   208  C  CB  . ARG A 1 28  ? 4.400   2.725   6.035   1.00 39.56  ? 349 ARG A CB  1 
ATOM   209  C  CG  . ARG A 1 28  ? 3.338   3.814   6.142   1.00 48.99  ? 349 ARG A CG  1 
ATOM   210  C  CD  . ARG A 1 28  ? 3.530   4.776   7.324   1.00 44.46  ? 349 ARG A CD  1 
ATOM   211  N  NE  . ARG A 1 28  ? 2.373   5.671   7.415   1.00 56.92  ? 349 ARG A NE  1 
ATOM   212  C  CZ  . ARG A 1 28  ? 2.271   6.834   6.772   1.00 57.73  ? 349 ARG A CZ  1 
ATOM   213  N  NH1 . ARG A 1 28  ? 3.268   7.233   6.000   1.00 55.34  ? 349 ARG A NH1 1 
ATOM   214  N  NH2 . ARG A 1 28  ? 1.172   7.597   6.886   1.00 53.60  ? 349 ARG A NH2 1 
ATOM   215  N  N   . GLN A 1 29  ? 5.283   -0.199  4.958   1.00 41.42  ? 350 GLN A N   1 
ATOM   216  C  CA  . GLN A 1 29  ? 6.240   -1.292  4.885   1.00 42.95  ? 350 GLN A CA  1 
ATOM   217  C  C   . GLN A 1 29  ? 6.532   -1.698  3.452   1.00 45.15  ? 350 GLN A C   1 
ATOM   218  O  O   . GLN A 1 29  ? 7.653   -2.128  3.156   1.00 43.41  ? 350 GLN A O   1 
ATOM   219  C  CB  . GLN A 1 29  ? 5.726   -2.500  5.653   1.00 45.23  ? 350 GLN A CB  1 
ATOM   220  C  CG  . GLN A 1 29  ? 5.745   -2.299  7.141   1.00 51.46  ? 350 GLN A CG  1 
ATOM   221  C  CD  . GLN A 1 29  ? 5.076   -3.431  7.867   1.00 59.59  ? 350 GLN A CD  1 
ATOM   222  O  OE1 . GLN A 1 29  ? 4.299   -3.210  8.787   1.00 58.59  ? 350 GLN A OE1 1 
ATOM   223  N  NE2 . GLN A 1 29  ? 5.366   -4.664  7.447   1.00 69.89  ? 350 GLN A NE2 1 
ATOM   224  N  N   . MET A 1 30  ? 5.550   -1.588  2.553   1.00 42.33  ? 351 MET A N   1 
ATOM   225  C  CA  . MET A 1 30  ? 5.872   -1.766  1.142   1.00 43.82  ? 351 MET A CA  1 
ATOM   226  C  C   . MET A 1 30  ? 6.870   -0.706  0.685   1.00 44.93  ? 351 MET A C   1 
ATOM   227  O  O   . MET A 1 30  ? 7.789   -0.998  -0.094  1.00 45.43  ? 351 MET A O   1 
ATOM   228  C  CB  . MET A 1 30  ? 4.601   -1.735  0.296   1.00 43.70  ? 351 MET A CB  1 
ATOM   229  C  CG  . MET A 1 30  ? 3.615   -2.879  0.591   1.00 43.67  ? 351 MET A CG  1 
ATOM   230  S  SD  . MET A 1 30  ? 4.305   -4.533  0.244   1.00 57.17  ? 351 MET A SD  1 
ATOM   231  C  CE  . MET A 1 30  ? 5.029   -5.031  1.813   1.00 38.63  ? 351 MET A CE  1 
ATOM   232  N  N   . LEU A 1 31  ? 6.743   0.523   1.192   1.00 38.30  ? 352 LEU A N   1 
ATOM   233  C  CA  . LEU A 1 31  ? 7.727   1.534   0.838   1.00 41.48  ? 352 LEU A CA  1 
ATOM   234  C  C   . LEU A 1 31  ? 9.113   1.150   1.346   1.00 41.74  ? 352 LEU A C   1 
ATOM   235  O  O   . LEU A 1 31  ? 10.106  1.359   0.647   1.00 44.07  ? 352 LEU A O   1 
ATOM   236  C  CB  . LEU A 1 31  ? 7.314   2.907   1.349   1.00 37.24  ? 352 LEU A CB  1 
ATOM   237  C  CG  . LEU A 1 31  ? 6.083   3.451   0.607   1.00 43.84  ? 352 LEU A CG  1 
ATOM   238  C  CD1 . LEU A 1 31  ? 5.457   4.665   1.308   1.00 40.65  ? 352 LEU A CD1 1 
ATOM   239  C  CD2 . LEU A 1 31  ? 6.421   3.770   -0.839  1.00 46.63  ? 352 LEU A CD2 1 
ATOM   240  N  N   . GLN A 1 32  ? 9.207   0.550   2.531   1.00 40.06  ? 353 GLN A N   1 
ATOM   241  C  CA  . GLN A 1 32  ? 10.522  0.098   2.984   1.00 43.61  ? 353 GLN A CA  1 
ATOM   242  C  C   . GLN A 1 32  ? 11.047  -1.023  2.101   1.00 45.67  ? 353 GLN A C   1 
ATOM   243  O  O   . GLN A 1 32  ? 12.235  -1.035  1.740   1.00 47.38  ? 353 GLN A O   1 
ATOM   244  C  CB  . GLN A 1 32  ? 10.473  -0.376  4.430   1.00 43.39  ? 353 GLN A CB  1 
ATOM   245  C  CG  . GLN A 1 32  ? 9.983   0.651   5.433   1.00 46.68  ? 353 GLN A CG  1 
ATOM   246  C  CD  . GLN A 1 32  ? 10.184  0.158   6.850   1.00 48.12  ? 353 GLN A CD  1 
ATOM   247  O  OE1 . GLN A 1 32  ? 9.309   -0.480  7.424   1.00 45.56  ? 353 GLN A OE1 1 
ATOM   248  N  NE2 . GLN A 1 32  ? 11.356  0.423   7.408   1.00 50.66  ? 353 GLN A NE2 1 
ATOM   249  N  N   . LEU A 1 33  ? 10.183  -1.979  1.758   1.00 41.57  ? 354 LEU A N   1 
ATOM   250  C  CA  . LEU A 1 33  ? 10.585  -3.059  0.862   1.00 44.84  ? 354 LEU A CA  1 
ATOM   251  C  C   . LEU A 1 33  ? 11.127  -2.506  -0.451  1.00 44.22  ? 354 LEU A C   1 
ATOM   252  O  O   . LEU A 1 33  ? 12.179  -2.935  -0.935  1.00 40.76  ? 354 LEU A O   1 
ATOM   253  C  CB  . LEU A 1 33  ? 9.394   -3.978  0.608   1.00 45.23  ? 354 LEU A CB  1 
ATOM   254  C  CG  . LEU A 1 33  ? 9.586   -5.120  -0.382  1.00 50.94  ? 354 LEU A CG  1 
ATOM   255  C  CD1 . LEU A 1 33  ? 10.645  -6.091  0.131   1.00 48.74  ? 354 LEU A CD1 1 
ATOM   256  C  CD2 . LEU A 1 33  ? 8.250   -5.837  -0.641  1.00 50.55  ? 354 LEU A CD2 1 
ATOM   257  N  N   . ILE A 1 34  ? 10.421  -1.537  -1.037  1.00 43.37  ? 355 ILE A N   1 
ATOM   258  C  CA  . ILE A 1 34  ? 10.891  -0.910  -2.267  1.00 39.85  ? 355 ILE A CA  1 
ATOM   259  C  C   . ILE A 1 34  ? 12.240  -0.239  -2.038  1.00 42.45  ? 355 ILE A C   1 
ATOM   260  O  O   . ILE A 1 34  ? 13.161  -0.362  -2.855  1.00 39.64  ? 355 ILE A O   1 
ATOM   261  C  CB  . ILE A 1 34  ? 9.849   0.091   -2.783  1.00 38.95  ? 355 ILE A CB  1 
ATOM   262  C  CG1 . ILE A 1 34  ? 8.534   -0.618  -3.115  1.00 43.85  ? 355 ILE A CG1 1 
ATOM   263  C  CG2 . ILE A 1 34  ? 10.367  0.804   -4.011  1.00 44.87  ? 355 ILE A CG2 1 
ATOM   264  C  CD1 . ILE A 1 34  ? 7.387   0.371   -3.358  1.00 42.74  ? 355 ILE A CD1 1 
ATOM   265  N  N   . GLU A 1 35  ? 12.379  0.490   -0.927  1.00 37.94  ? 356 GLU A N   1 
ATOM   266  C  CA  . GLU A 1 35  ? 13.679  1.057   -0.593  1.00 44.08  ? 356 GLU A CA  1 
ATOM   267  C  C   . GLU A 1 35  ? 14.742  -0.032  -0.449  1.00 42.82  ? 356 GLU A C   1 
ATOM   268  O  O   . GLU A 1 35  ? 15.864  0.126   -0.935  1.00 40.01  ? 356 GLU A O   1 
ATOM   269  C  CB  . GLU A 1 35  ? 13.584  1.879   0.693   1.00 46.28  ? 356 GLU A CB  1 
ATOM   270  C  CG  . GLU A 1 35  ? 14.346  3.188   0.644   1.00 54.22  ? 356 GLU A CG  1 
ATOM   271  C  CD  . GLU A 1 35  ? 14.110  4.070   1.877   1.00 70.20  ? 356 GLU A CD  1 
ATOM   272  O  OE1 . GLU A 1 35  ? 15.074  4.252   2.667   1.00 63.49  ? 356 GLU A OE1 1 
ATOM   273  O  OE2 . GLU A 1 35  ? 12.965  4.574   2.056   1.00 70.13  ? 356 GLU A OE2 1 
ATOM   274  N  N   . LEU A 1 36  ? 14.423  -1.136  0.236   1.00 41.43  ? 357 LEU A N   1 
ATOM   275  C  CA  . LEU A 1 36  ? 15.418  -2.196  0.377   1.00 41.17  ? 357 LEU A CA  1 
ATOM   276  C  C   . LEU A 1 36  ? 15.826  -2.751  -0.987  1.00 42.18  ? 357 LEU A C   1 
ATOM   277  O  O   . LEU A 1 36  ? 17.009  -3.039  -1.222  1.00 40.47  ? 357 LEU A O   1 
ATOM   278  C  CB  . LEU A 1 36  ? 14.895  -3.303  1.292   1.00 34.29  ? 357 LEU A CB  1 
ATOM   279  C  CG  . LEU A 1 36  ? 15.628  -4.651  1.262   1.00 40.50  ? 357 LEU A CG  1 
ATOM   280  C  CD1 . LEU A 1 36  ? 17.074  -4.505  1.707   1.00 39.26  ? 357 LEU A CD1 1 
ATOM   281  C  CD2 . LEU A 1 36  ? 14.922  -5.680  2.115   1.00 43.37  ? 357 LEU A CD2 1 
ATOM   282  N  N   . ALA A 1 37  ? 14.866  -2.866  -1.909  1.00 36.90  ? 358 ALA A N   1 
ATOM   283  C  CA  . ALA A 1 37  ? 15.158  -3.377  -3.242  1.00 38.82  ? 358 ALA A CA  1 
ATOM   284  C  C   . ALA A 1 37  ? 16.067  -2.421  -3.998  1.00 44.11  ? 358 ALA A C   1 
ATOM   285  O  O   . ALA A 1 37  ? 17.066  -2.845  -4.594  1.00 42.52  ? 358 ALA A O   1 
ATOM   286  C  CB  . ALA A 1 37  ? 13.856  -3.613  -4.013  1.00 42.90  ? 358 ALA A CB  1 
ATOM   287  N  N   . ILE A 1 38  ? 15.758  -1.120  -3.948  1.00 41.22  ? 359 ILE A N   1 
ATOM   288  C  CA  . ILE A 1 38  ? 16.617  -0.121  -4.567  1.00 42.63  ? 359 ILE A CA  1 
ATOM   289  C  C   . ILE A 1 38  ? 18.039  -0.200  -4.009  1.00 41.06  ? 359 ILE A C   1 
ATOM   290  O  O   . ILE A 1 38  ? 19.006  -0.220  -4.772  1.00 39.99  ? 359 ILE A O   1 
ATOM   291  C  CB  . ILE A 1 38  ? 16.002  1.277   -4.400  1.00 37.76  ? 359 ILE A CB  1 
ATOM   292  C  CG1 . ILE A 1 38  ? 14.828  1.437   -5.356  1.00 45.63  ? 359 ILE A CG1 1 
ATOM   293  C  CG2 . ILE A 1 38  ? 17.023  2.359   -4.699  1.00 39.33  ? 359 ILE A CG2 1 
ATOM   294  C  CD1 . ILE A 1 38  ? 13.796  2.493   -4.914  1.00 43.72  ? 359 ILE A CD1 1 
ATOM   295  N  N   . ALA A 1 39  ? 18.186  -0.285  -2.675  1.00 41.03  ? 360 ALA A N   1 
ATOM   296  C  CA  . ALA A 1 39  ? 19.511  -0.278  -2.047  1.00 42.00  ? 360 ALA A CA  1 
ATOM   297  C  C   . ALA A 1 39  ? 20.313  -1.526  -2.400  1.00 40.20  ? 360 ALA A C   1 
ATOM   298  O  O   . ALA A 1 39  ? 21.536  -1.459  -2.555  1.00 39.37  ? 360 ALA A O   1 
ATOM   299  C  CB  . ALA A 1 39  ? 19.392  -0.175  -0.525  1.00 37.55  ? 360 ALA A CB  1 
ATOM   300  N  N   . ARG A 1 40  ? 19.648  -2.681  -2.456  1.00 42.17  ? 361 ARG A N   1 
ATOM   301  C  CA  . ARG A 1 40  ? 20.324  -3.919  -2.823  1.00 41.15  ? 361 ARG A CA  1 
ATOM   302  C  C   . ARG A 1 40  ? 20.746  -3.893  -4.280  1.00 39.99  ? 361 ARG A C   1 
ATOM   303  O  O   . ARG A 1 40  ? 21.773  -4.480  -4.643  1.00 41.76  ? 361 ARG A O   1 
ATOM   304  C  CB  . ARG A 1 40  ? 19.414  -5.120  -2.557  1.00 41.86  ? 361 ARG A CB  1 
ATOM   305  C  CG  . ARG A 1 40  ? 19.228  -5.455  -1.095  1.00 41.67  ? 361 ARG A CG  1 
ATOM   306  C  CD  . ARG A 1 40  ? 18.355  -6.712  -0.940  1.00 44.34  ? 361 ARG A CD  1 
ATOM   307  N  NE  . ARG A 1 40  ? 18.832  -7.795  -1.790  1.00 50.15  ? 361 ARG A NE  1 
ATOM   308  C  CZ  . ARG A 1 40  ? 19.803  -8.636  -1.437  1.00 52.07  ? 361 ARG A CZ  1 
ATOM   309  N  NH1 . ARG A 1 40  ? 20.370  -8.526  -0.234  1.00 49.87  ? 361 ARG A NH1 1 
ATOM   310  N  NH2 . ARG A 1 40  ? 20.192  -9.593  -2.278  1.00 47.62  ? 361 ARG A NH2 1 
ATOM   311  N  N   . ARG A 1 41  ? 19.977  -3.196  -5.115  1.00 39.46  ? 362 ARG A N   1 
ATOM   312  C  CA  . ARG A 1 41  ? 20.344  -3.004  -6.508  1.00 40.54  ? 362 ARG A CA  1 
ATOM   313  C  C   . ARG A 1 41  ? 21.575  -2.119  -6.621  1.00 42.53  ? 362 ARG A C   1 
ATOM   314  O  O   . ARG A 1 41  ? 22.517  -2.443  -7.348  1.00 41.03  ? 362 ARG A O   1 
ATOM   315  C  CB  . ARG A 1 41  ? 19.162  -2.398  -7.273  1.00 42.65  ? 362 ARG A CB  1 
ATOM   316  C  CG  . ARG A 1 41  ? 19.466  -2.171  -8.749  1.00 46.86  ? 362 ARG A CG  1 
ATOM   317  C  CD  . ARG A 1 41  ? 18.434  -1.297  -9.463  1.00 49.83  ? 362 ARG A CD  1 
ATOM   318  N  NE  . ARG A 1 41  ? 18.856  -1.096  -10.844 1.00 48.00  ? 362 ARG A NE  1 
ATOM   319  C  CZ  . ARG A 1 41  ? 19.510  -0.031  -11.295 1.00 48.41  ? 362 ARG A CZ  1 
ATOM   320  N  NH1 . ARG A 1 41  ? 19.786  0.985   -10.483 1.00 50.58  ? 362 ARG A NH1 1 
ATOM   321  N  NH2 . ARG A 1 41  ? 19.882  0.025   -12.573 1.00 49.09  ? 362 ARG A NH2 1 
ATOM   322  N  N   . GLU A 1 42  ? 21.602  -1.011  -5.881  1.00 43.39  ? 363 GLU A N   1 
ATOM   323  C  CA  . GLU A 1 42  ? 22.777  -0.150  -5.899  1.00 42.97  ? 363 GLU A CA  1 
ATOM   324  C  C   . GLU A 1 42  ? 24.003  -0.883  -5.361  1.00 42.99  ? 363 GLU A C   1 
ATOM   325  O  O   . GLU A 1 42  ? 25.107  -0.707  -5.883  1.00 39.09  ? 363 GLU A O   1 
ATOM   326  C  CB  . GLU A 1 42  ? 22.500  1.132   -5.107  1.00 43.39  ? 363 GLU A CB  1 
ATOM   327  C  CG  . GLU A 1 42  ? 23.730  2.012   -4.880  1.00 54.67  ? 363 GLU A CG  1 
ATOM   328  C  CD  . GLU A 1 42  ? 23.539  3.075   -3.783  1.00 66.42  ? 363 GLU A CD  1 
ATOM   329  O  OE1 . GLU A 1 42  ? 24.533  3.786   -3.461  1.00 71.98  ? 363 GLU A OE1 1 
ATOM   330  O  OE2 . GLU A 1 42  ? 22.412  3.179   -3.234  1.00 62.87  ? 363 GLU A OE2 1 
ATOM   331  N  N   . ALA A 1 43  ? 23.835  -1.742  -4.343  1.00 41.85  ? 364 ALA A N   1 
ATOM   332  C  CA  . ALA A 1 43  ? 25.006  -2.460  -3.840  1.00 42.78  ? 364 ALA A CA  1 
ATOM   333  C  C   . ALA A 1 43  ? 25.564  -3.433  -4.885  1.00 45.20  ? 364 ALA A C   1 
ATOM   334  O  O   . ALA A 1 43  ? 26.788  -3.535  -5.054  1.00 40.64  ? 364 ALA A O   1 
ATOM   335  C  CB  . ALA A 1 43  ? 24.685  -3.209  -2.550  1.00 33.00  ? 364 ALA A CB  1 
ATOM   336  N  N   . ALA A 1 44  ? 24.685  -4.172  -5.576  1.00 43.79  ? 365 ALA A N   1 
ATOM   337  C  CA  . ALA A 1 44  ? 25.148  -5.126  -6.588  1.00 44.77  ? 365 ALA A CA  1 
ATOM   338  C  C   . ALA A 1 44  ? 25.898  -4.420  -7.715  1.00 45.21  ? 365 ALA A C   1 
ATOM   339  O  O   . ALA A 1 44  ? 26.917  -4.922  -8.205  1.00 43.78  ? 365 ALA A O   1 
ATOM   340  C  CB  . ALA A 1 44  ? 23.956  -5.920  -7.135  1.00 41.11  ? 365 ALA A CB  1 
ATOM   341  N  N   . ILE A 1 45  ? 25.432  -3.237  -8.117  1.00 43.95  ? 366 ILE A N   1 
ATOM   342  C  CA  . ILE A 1 45  ? 26.136  -2.498  -9.157  1.00 48.17  ? 366 ILE A CA  1 
ATOM   343  C  C   . ILE A 1 45  ? 27.468  -1.961  -8.631  1.00 47.97  ? 366 ILE A C   1 
ATOM   344  O  O   . ILE A 1 45  ? 28.490  -2.002  -9.331  1.00 42.63  ? 366 ILE A O   1 
ATOM   345  C  CB  . ILE A 1 45  ? 25.237  -1.387  -9.720  1.00 44.09  ? 366 ILE A CB  1 
ATOM   346  C  CG1 . ILE A 1 45  ? 24.062  -2.014  -10.463 1.00 47.73  ? 366 ILE A CG1 1 
ATOM   347  C  CG2 . ILE A 1 45  ? 26.001  -0.506  -10.694 1.00 46.90  ? 366 ILE A CG2 1 
ATOM   348  C  CD1 . ILE A 1 45  ? 23.016  -1.021  -10.882 1.00 47.16  ? 366 ILE A CD1 1 
ATOM   349  N  N   . ALA A 1 46  ? 27.498  -1.498  -7.378  1.00 44.00  ? 367 ALA A N   1 
ATOM   350  C  CA  . ALA A 1 46  ? 28.743  -0.964  -6.827  1.00 39.52  ? 367 ALA A CA  1 
ATOM   351  C  C   . ALA A 1 46  ? 29.799  -2.048  -6.612  1.00 41.12  ? 367 ALA A C   1 
ATOM   352  O  O   . ALA A 1 46  ? 31.004  -1.735  -6.577  1.00 39.87  ? 367 ALA A O   1 
ATOM   353  C  CB  . ALA A 1 46  ? 28.471  -0.229  -5.510  1.00 36.97  ? 367 ALA A CB  1 
ATOM   354  N  N   . ALA A 1 47  ? 29.386  -3.309  -6.474  1.00 38.28  ? 368 ALA A N   1 
ATOM   355  C  CA  . ALA A 1 47  ? 30.342  -4.372  -6.175  1.00 42.06  ? 368 ALA A CA  1 
ATOM   356  C  C   . ALA A 1 47  ? 31.202  -4.752  -7.372  1.00 44.80  ? 368 ALA A C   1 
ATOM   357  O  O   . ALA A 1 47  ? 32.160  -5.516  -7.208  1.00 46.03  ? 368 ALA A O   1 
ATOM   358  C  CB  . ALA A 1 47  ? 29.603  -5.617  -5.663  1.00 42.04  ? 368 ALA A CB  1 
ATOM   359  N  N   . GLY A 1 48  ? 30.891  -4.244  -8.559  1.00 49.73  ? 369 GLY A N   1 
ATOM   360  C  CA  . GLY A 1 48  ? 31.656  -4.610  -9.737  1.00 52.98  ? 369 GLY A CA  1 
ATOM   361  C  C   . GLY A 1 48  ? 31.614  -6.090  -10.056 1.00 50.57  ? 369 GLY A C   1 
ATOM   362  O  O   . GLY A 1 48  ? 32.656  -6.686  -10.344 1.00 54.84  ? 369 GLY A O   1 
ATOM   363  N  N   . ILE A 1 49  ? 30.436  -6.698  -9.999  1.00 50.14  ? 370 ILE A N   1 
ATOM   364  C  CA  . ILE A 1 49  ? 30.284  -8.107  -10.368 1.00 51.52  ? 370 ILE A CA  1 
ATOM   365  C  C   . ILE A 1 49  ? 30.223  -8.182  -11.888 1.00 53.73  ? 370 ILE A C   1 
ATOM   366  O  O   . ILE A 1 49  ? 29.501  -7.382  -12.512 1.00 52.16  ? 370 ILE A O   1 
ATOM   367  C  CB  . ILE A 1 49  ? 29.026  -8.742  -9.756  1.00 49.14  ? 370 ILE A CB  1 
ATOM   368  C  CG1 . ILE A 1 49  ? 28.891  -8.435  -8.257  1.00 50.04  ? 370 ILE A CG1 1 
ATOM   369  C  CG2 . ILE A 1 49  ? 28.999  -10.248 -9.983  1.00 45.90  ? 370 ILE A CG2 1 
ATOM   370  C  CD1 . ILE A 1 49  ? 27.480  -8.767  -7.718  1.00 43.00  ? 370 ILE A CD1 1 
ATOM   371  N  N   . PRO A 1 50  ? 30.937  -9.124  -12.512 1.00 52.01  ? 371 PRO A N   1 
ATOM   372  C  CA  . PRO A 1 50  ? 30.955  -9.198  -13.982 1.00 54.21  ? 371 PRO A CA  1 
ATOM   373  C  C   . PRO A 1 50  ? 29.550  -9.280  -14.558 1.00 53.79  ? 371 PRO A C   1 
ATOM   374  O  O   . PRO A 1 50  ? 28.727  -10.091 -14.127 1.00 53.77  ? 371 PRO A O   1 
ATOM   375  C  CB  . PRO A 1 50  ? 31.763  -10.477 -14.264 1.00 50.11  ? 371 PRO A CB  1 
ATOM   376  C  CG  . PRO A 1 50  ? 32.700  -10.587 -13.077 1.00 49.53  ? 371 PRO A CG  1 
ATOM   377  C  CD  . PRO A 1 50  ? 31.903  -10.059 -11.893 1.00 51.56  ? 371 PRO A CD  1 
ATOM   378  N  N   . GLY A 1 51  ? 29.282  -8.412  -15.537 1.00 52.39  ? 372 GLY A N   1 
ATOM   379  C  CA  . GLY A 1 51  ? 27.992  -8.358  -16.187 1.00 53.06  ? 372 GLY A CA  1 
ATOM   380  C  C   . GLY A 1 51  ? 26.935  -7.550  -15.467 1.00 55.07  ? 372 GLY A C   1 
ATOM   381  O  O   . GLY A 1 51  ? 25.940  -7.167  -16.090 1.00 57.01  ? 372 GLY A O   1 
ATOM   382  N  N   . ILE A 1 52  ? 27.106  -7.276  -14.177 1.00 53.24  ? 373 ILE A N   1 
ATOM   383  C  CA  . ILE A 1 52  ? 26.093  -6.533  -13.420 1.00 53.07  ? 373 ILE A CA  1 
ATOM   384  C  C   . ILE A 1 52  ? 26.446  -5.067  -13.569 1.00 56.07  ? 373 ILE A C   1 
ATOM   385  O  O   . ILE A 1 52  ? 27.232  -4.496  -12.806 1.00 58.52  ? 373 ILE A O   1 
ATOM   386  C  CB  . ILE A 1 52  ? 26.008  -7.007  -11.975 1.00 51.49  ? 373 ILE A CB  1 
ATOM   387  C  CG1 . ILE A 1 52  ? 25.395  -8.400  -11.989 1.00 44.81  ? 373 ILE A CG1 1 
ATOM   388  C  CG2 . ILE A 1 52  ? 25.132  -6.082  -11.127 1.00 56.05  ? 373 ILE A CG2 1 
ATOM   389  C  CD1 . ILE A 1 52  ? 25.642  -9.172  -10.751 1.00 51.96  ? 373 ILE A CD1 1 
ATOM   390  N  N   . THR A 1 53  ? 25.892  -4.456  -14.619 1.00 55.76  ? 374 THR A N   1 
ATOM   391  C  CA  . THR A 1 53  ? 26.117  -3.079  -15.014 1.00 60.60  ? 374 THR A CA  1 
ATOM   392  C  C   . THR A 1 53  ? 24.962  -2.204  -14.511 1.00 61.05  ? 374 THR A C   1 
ATOM   393  O  O   . THR A 1 53  ? 24.020  -2.681  -13.868 1.00 62.44  ? 374 THR A O   1 
ATOM   394  C  CB  . THR A 1 53  ? 26.266  -3.001  -16.541 1.00 61.03  ? 374 THR A CB  1 
ATOM   395  O  OG1 . THR A 1 53  ? 24.972  -2.921  -17.147 1.00 66.90  ? 374 THR A OG1 1 
ATOM   396  C  CG2 . THR A 1 53  ? 26.915  -4.244  -17.063 1.00 60.80  ? 374 THR A CG2 1 
ATOM   397  N  N   . LYS A 1 54  ? 25.018  -0.911  -14.834 1.00 58.77  ? 375 LYS A N   1 
ATOM   398  C  CA  . LYS A 1 54  ? 23.986  0.059   -14.481 1.00 61.70  ? 375 LYS A CA  1 
ATOM   399  C  C   . LYS A 1 54  ? 22.696  -0.137  -15.270 1.00 59.37  ? 375 LYS A C   1 
ATOM   400  O  O   . LYS A 1 54  ? 21.666  0.409   -14.876 1.00 60.63  ? 375 LYS A O   1 
ATOM   401  C  CB  . LYS A 1 54  ? 24.499  1.497   -14.684 1.00 62.29  ? 375 LYS A CB  1 
ATOM   402  C  CG  . LYS A 1 54  ? 25.713  1.945   -13.814 1.00 63.33  ? 375 LYS A CG  1 
ATOM   403  C  CD  . LYS A 1 54  ? 26.966  1.036   -13.913 1.00 72.40  ? 375 LYS A CD  1 
ATOM   404  C  CE  . LYS A 1 54  ? 27.453  0.830   -15.355 1.00 68.04  ? 375 LYS A CE  1 
ATOM   405  N  NZ  . LYS A 1 54  ? 28.586  -0.127  -15.361 1.00 69.43  ? 375 LYS A NZ  1 
ATOM   406  N  N   . ASP A 1 55  ? 22.736  -0.873  -16.380 1.00 64.61  ? 376 ASP A N   1 
ATOM   407  C  CA  . ASP A 1 55  ? 21.537  -1.270  -17.106 1.00 62.82  ? 376 ASP A CA  1 
ATOM   408  C  C   . ASP A 1 55  ? 20.765  -2.367  -16.391 1.00 60.08  ? 376 ASP A C   1 
ATOM   409  O  O   . ASP A 1 55  ? 19.675  -2.725  -16.847 1.00 62.21  ? 376 ASP A O   1 
ATOM   410  C  CB  . ASP A 1 55  ? 21.908  -1.764  -18.515 1.00 66.90  ? 376 ASP A CB  1 
ATOM   411  C  CG  . ASP A 1 55  ? 22.757  -0.776  -19.281 1.00 74.86  ? 376 ASP A CG  1 
ATOM   412  O  OD1 . ASP A 1 55  ? 23.832  -1.176  -19.791 1.00 78.55  ? 376 ASP A OD1 1 
ATOM   413  O  OD2 . ASP A 1 55  ? 22.342  0.399   -19.390 1.00 77.11  ? 376 ASP A OD2 1 
ATOM   414  N  N   . ILE A 1 56  ? 21.324  -2.937  -15.319 1.00 52.90  ? 377 ILE A N   1 
ATOM   415  C  CA  . ILE A 1 56  ? 20.663  -4.029  -14.609 1.00 59.94  ? 377 ILE A CA  1 
ATOM   416  C  C   . ILE A 1 56  ? 19.302  -3.579  -14.086 1.00 54.69  ? 377 ILE A C   1 
ATOM   417  O  O   . ILE A 1 56  ? 19.162  -2.479  -13.536 1.00 49.63  ? 377 ILE A O   1 
ATOM   418  C  CB  . ILE A 1 56  ? 21.571  -4.529  -13.473 1.00 57.82  ? 377 ILE A CB  1 
ATOM   419  C  CG1 . ILE A 1 56  ? 22.535  -5.590  -13.992 1.00 60.30  ? 377 ILE A CG1 1 
ATOM   420  C  CG2 . ILE A 1 56  ? 20.749  -5.039  -12.281 1.00 56.65  ? 377 ILE A CG2 1 
ATOM   421  C  CD1 . ILE A 1 56  ? 21.848  -6.824  -14.498 1.00 58.50  ? 377 ILE A CD1 1 
ATOM   422  N  N   . CYS A 1 57  ? 18.286  -4.430  -14.269 1.00 57.95  ? 378 CYS A N   1 
ATOM   423  C  CA  . CYS A 1 57  ? 16.935  -4.132  -13.797 1.00 55.12  ? 378 CYS A CA  1 
ATOM   424  C  C   . CYS A 1 57  ? 16.898  -4.024  -12.277 1.00 51.66  ? 378 CYS A C   1 
ATOM   425  O  O   . CYS A 1 57  ? 16.634  -2.951  -11.723 1.00 47.41  ? 378 CYS A O   1 
ATOM   426  C  CB  . CYS A 1 57  ? 15.956  -5.202  -14.276 1.00 56.38  ? 378 CYS A CB  1 
ATOM   427  S  SG  . CYS A 1 57  ? 14.259  -4.976  -13.576 1.00 53.29  ? 378 CYS A SG  1 
ATOM   428  N  N   . GLY A 1 58  ? 17.184  -5.128  -11.585 1.00 47.64  ? 379 GLY A N   1 
ATOM   429  C  CA  . GLY A 1 58  ? 17.315  -5.107  -10.145 1.00 56.03  ? 379 GLY A CA  1 
ATOM   430  C  C   . GLY A 1 58  ? 16.036  -5.381  -9.373  1.00 51.95  ? 379 GLY A C   1 
ATOM   431  O  O   . GLY A 1 58  ? 16.080  -5.440  -8.138  1.00 49.39  ? 379 GLY A O   1 
ATOM   432  N  N   . TYR A 1 59  ? 14.913  -5.559  -10.067 1.00 53.75  ? 380 TYR A N   1 
ATOM   433  C  CA  . TYR A 1 59  ? 13.643  -5.881  -9.434  1.00 54.32  ? 380 TYR A CA  1 
ATOM   434  C  C   . TYR A 1 59  ? 13.775  -7.108  -8.541  1.00 53.77  ? 380 TYR A C   1 
ATOM   435  O  O   . TYR A 1 59  ? 14.263  -8.156  -8.971  1.00 55.99  ? 380 TYR A O   1 
ATOM   436  C  CB  . TYR A 1 59  ? 12.587  -6.109  -10.519 1.00 56.22  ? 380 TYR A CB  1 
ATOM   437  C  CG  . TYR A 1 59  ? 11.179  -6.317  -10.033 1.00 58.78  ? 380 TYR A CG  1 
ATOM   438  C  CD1 . TYR A 1 59  ? 10.692  -7.593  -9.799  1.00 58.01  ? 380 TYR A CD1 1 
ATOM   439  C  CD2 . TYR A 1 59  ? 10.323  -5.246  -9.843  1.00 58.92  ? 380 TYR A CD2 1 
ATOM   440  C  CE1 . TYR A 1 59  ? 9.409   -7.799  -9.379  1.00 58.92  ? 380 TYR A CE1 1 
ATOM   441  C  CE2 . TYR A 1 59  ? 9.024   -5.441  -9.421  1.00 56.99  ? 380 TYR A CE2 1 
ATOM   442  C  CZ  . TYR A 1 59  ? 8.570   -6.724  -9.187  1.00 62.16  ? 380 TYR A CZ  1 
ATOM   443  O  OH  . TYR A 1 59  ? 7.271   -6.947  -8.755  1.00 55.49  ? 380 TYR A OH  1 
ATOM   444  N  N   . ASP A 1 60  ? 13.346  -6.962  -7.292  1.00 52.46  ? 381 ASP A N   1 
ATOM   445  C  CA  . ASP A 1 60  ? 13.331  -8.047  -6.323  1.00 51.96  ? 381 ASP A CA  1 
ATOM   446  C  C   . ASP A 1 60  ? 12.005  -8.806  -6.399  1.00 58.93  ? 381 ASP A C   1 
ATOM   447  O  O   . ASP A 1 60  ? 10.933  -8.201  -6.508  1.00 57.04  ? 381 ASP A O   1 
ATOM   448  C  CB  . ASP A 1 60  ? 13.532  -7.482  -4.916  1.00 48.01  ? 381 ASP A CB  1 
ATOM   449  C  CG  . ASP A 1 60  ? 13.943  -8.528  -3.916  1.00 53.73  ? 381 ASP A CG  1 
ATOM   450  O  OD1 . ASP A 1 60  ? 13.164  -9.484  -3.691  1.00 55.12  ? 381 ASP A OD1 1 
ATOM   451  O  OD2 . ASP A 1 60  ? 15.045  -8.380  -3.332  1.00 56.58  ? 381 ASP A OD2 1 
ATOM   452  N  N   . THR A 1 61  ? 12.091  -10.141 -6.306  1.00 58.85  ? 382 THR A N   1 
ATOM   453  C  CA  . THR A 1 61  ? 10.907  -10.987 -6.417  1.00 56.61  ? 382 THR A CA  1 
ATOM   454  C  C   . THR A 1 61  ? 9.886   -10.670 -5.336  1.00 58.81  ? 382 THR A C   1 
ATOM   455  O  O   . THR A 1 61  ? 8.680   -10.836 -5.552  1.00 56.14  ? 382 THR A O   1 
ATOM   456  C  CB  . THR A 1 61  ? 11.299  -12.460 -6.311  1.00 57.89  ? 382 THR A CB  1 
ATOM   457  O  OG1 . THR A 1 61  ? 12.403  -12.727 -7.177  1.00 69.29  ? 382 THR A OG1 1 
ATOM   458  C  CG2 . THR A 1 61  ? 10.133  -13.356 -6.702  1.00 63.79  ? 382 THR A CG2 1 
ATOM   459  N  N   . ARG A 1 62  ? 10.349  -10.239 -4.163  1.00 55.28  ? 383 ARG A N   1 
ATOM   460  C  CA  . ARG A 1 62  ? 9.432   -9.914  -3.082  1.00 55.95  ? 383 ARG A CA  1 
ATOM   461  C  C   . ARG A 1 62  ? 8.553   -8.722  -3.423  1.00 55.53  ? 383 ARG A C   1 
ATOM   462  O  O   . ARG A 1 62  ? 7.504   -8.552  -2.799  1.00 55.64  ? 383 ARG A O   1 
ATOM   463  C  CB  . ARG A 1 62  ? 10.213  -9.638  -1.800  1.00 53.68  ? 383 ARG A CB  1 
ATOM   464  C  CG  . ARG A 1 62  ? 10.948  -10.855 -1.248  1.00 56.05  ? 383 ARG A CG  1 
ATOM   465  C  CD  . ARG A 1 62  ? 11.911  -10.437 -0.158  1.00 56.74  ? 383 ARG A CD  1 
ATOM   466  N  NE  . ARG A 1 62  ? 13.014  -9.633  -0.681  1.00 49.21  ? 383 ARG A NE  1 
ATOM   467  C  CZ  . ARG A 1 62  ? 14.070  -9.283  0.046   1.00 53.42  ? 383 ARG A CZ  1 
ATOM   468  N  NH1 . ARG A 1 62  ? 14.138  -9.660  1.315   1.00 46.61  ? 383 ARG A NH1 1 
ATOM   469  N  NH2 . ARG A 1 62  ? 15.053  -8.559  -0.488  1.00 51.03  ? 383 ARG A NH2 1 
ATOM   470  N  N   . LEU A 1 63  ? 8.950   -7.900  -4.400  1.00 54.97  ? 384 LEU A N   1 
ATOM   471  C  CA  . LEU A 1 63  ? 8.146   -6.747  -4.781  1.00 54.90  ? 384 LEU A CA  1 
ATOM   472  C  C   . LEU A 1 63  ? 6.806   -7.144  -5.391  1.00 60.49  ? 384 LEU A C   1 
ATOM   473  O  O   . LEU A 1 63  ? 5.962   -6.269  -5.607  1.00 61.06  ? 384 LEU A O   1 
ATOM   474  C  CB  . LEU A 1 63  ? 8.917   -5.849  -5.756  1.00 53.85  ? 384 LEU A CB  1 
ATOM   475  C  CG  . LEU A 1 63  ? 10.167  -5.172  -5.165  1.00 54.83  ? 384 LEU A CG  1 
ATOM   476  C  CD1 . LEU A 1 63  ? 11.025  -4.519  -6.239  1.00 50.65  ? 384 LEU A CD1 1 
ATOM   477  C  CD2 . LEU A 1 63  ? 9.808   -4.150  -4.097  1.00 45.40  ? 384 LEU A CD2 1 
ATOM   478  N  N   . ASP A 1 64  ? 6.586   -8.432  -5.668  1.00 56.15  ? 385 ASP A N   1 
ATOM   479  C  CA  . ASP A 1 64  ? 5.272   -8.862  -6.118  1.00 60.04  ? 385 ASP A CA  1 
ATOM   480  C  C   . ASP A 1 64  ? 4.235   -8.717  -5.013  1.00 62.59  ? 385 ASP A C   1 
ATOM   481  O  O   . ASP A 1 64  ? 3.051   -8.515  -5.308  1.00 61.11  ? 385 ASP A O   1 
ATOM   482  C  CB  . ASP A 1 64  ? 5.339   -10.299 -6.613  1.00 62.76  ? 385 ASP A CB  1 
ATOM   483  C  CG  . ASP A 1 64  ? 6.227   -10.443 -7.822  1.00 65.59  ? 385 ASP A CG  1 
ATOM   484  O  OD1 . ASP A 1 64  ? 6.684   -9.407  -8.356  1.00 65.47  ? 385 ASP A OD1 1 
ATOM   485  O  OD2 . ASP A 1 64  ? 6.481   -11.590 -8.229  1.00 69.51  ? 385 ASP A OD2 1 
ATOM   486  N  N   . THR A 1 65  ? 4.663   -8.811  -3.746  1.00 57.51  ? 386 THR A N   1 
ATOM   487  C  CA  . THR A 1 65  ? 3.796   -8.478  -2.618  1.00 60.34  ? 386 THR A CA  1 
ATOM   488  C  C   . THR A 1 65  ? 3.148   -7.112  -2.797  1.00 60.88  ? 386 THR A C   1 
ATOM   489  O  O   . THR A 1 65  ? 1.974   -6.925  -2.465  1.00 61.12  ? 386 THR A O   1 
ATOM   490  C  CB  . THR A 1 65  ? 4.604   -8.508  -1.323  1.00 59.30  ? 386 THR A CB  1 
ATOM   491  O  OG1 . THR A 1 65  ? 5.356   -9.720  -1.274  1.00 63.87  ? 386 THR A OG1 1 
ATOM   492  C  CG2 . THR A 1 65  ? 3.693   -8.460  -0.120  1.00 62.54  ? 386 THR A CG2 1 
ATOM   493  N  N   . VAL A 1 66  ? 3.903   -6.145  -3.329  1.00 62.98  ? 387 VAL A N   1 
ATOM   494  C  CA  . VAL A 1 66  ? 3.354   -4.810  -3.538  1.00 60.61  ? 387 VAL A CA  1 
ATOM   495  C  C   . VAL A 1 66  ? 2.146   -4.873  -4.456  1.00 61.67  ? 387 VAL A C   1 
ATOM   496  O  O   . VAL A 1 66  ? 1.170   -4.139  -4.259  1.00 63.11  ? 387 VAL A O   1 
ATOM   497  C  CB  . VAL A 1 66  ? 4.443   -3.867  -4.087  1.00 51.48  ? 387 VAL A CB  1 
ATOM   498  C  CG1 . VAL A 1 66  ? 3.842   -2.542  -4.508  1.00 52.53  ? 387 VAL A CG1 1 
ATOM   499  C  CG2 . VAL A 1 66  ? 5.517   -3.665  -3.059  1.00 54.42  ? 387 VAL A CG2 1 
ATOM   500  N  N   . GLY A 1 67  ? 2.170   -5.774  -5.444  1.00 59.43  ? 388 GLY A N   1 
ATOM   501  C  CA  . GLY A 1 67  ? 1.042   -5.892  -6.359  1.00 60.67  ? 388 GLY A CA  1 
ATOM   502  C  C   . GLY A 1 67  ? -0.249  -6.295  -5.666  1.00 64.48  ? 388 GLY A C   1 
ATOM   503  O  O   . GLY A 1 67  ? -1.309  -5.714  -5.915  1.00 64.37  ? 388 GLY A O   1 
ATOM   504  N  N   . ALA A 1 68  ? -0.180  -7.304  -4.790  1.00 60.16  ? 389 ALA A N   1 
ATOM   505  C  CA  . ALA A 1 68  ? -1.377  -7.748  -4.080  1.00 65.29  ? 389 ALA A CA  1 
ATOM   506  C  C   . ALA A 1 68  ? -1.767  -6.800  -2.953  1.00 65.56  ? 389 ALA A C   1 
ATOM   507  O  O   . ALA A 1 68  ? -2.960  -6.653  -2.666  1.00 61.74  ? 389 ALA A O   1 
ATOM   508  C  CB  . ALA A 1 68  ? -1.175  -9.155  -3.515  1.00 66.47  ? 389 ALA A CB  1 
ATOM   509  N  N   . ALA A 1 69  ? -0.786  -6.163  -2.294  1.00 64.72  ? 390 ALA A N   1 
ATOM   510  C  CA  . ALA A 1 69  ? -1.121  -5.123  -1.326  1.00 60.25  ? 390 ALA A CA  1 
ATOM   511  C  C   . ALA A 1 69  ? -1.897  -3.995  -1.998  1.00 60.43  ? 390 ALA A C   1 
ATOM   512  O  O   . ALA A 1 69  ? -2.877  -3.484  -1.441  1.00 60.25  ? 390 ALA A O   1 
ATOM   513  C  CB  . ALA A 1 69  ? 0.148   -4.595  -0.656  1.00 52.73  ? 390 ALA A CB  1 
ATOM   514  N  N   . HIS A 1 70  ? -1.500  -3.626  -3.217  1.00 59.54  ? 391 HIS A N   1 
ATOM   515  C  CA  . HIS A 1 70  ? -2.214  -2.584  -3.951  1.00 61.61  ? 391 HIS A CA  1 
ATOM   516  C  C   . HIS A 1 70  ? -3.645  -3.001  -4.267  1.00 63.72  ? 391 HIS A C   1 
ATOM   517  O  O   . HIS A 1 70  ? -4.553  -2.160  -4.283  1.00 63.92  ? 391 HIS A O   1 
ATOM   518  C  CB  . HIS A 1 70  ? -1.475  -2.247  -5.241  1.00 54.43  ? 391 HIS A CB  1 
ATOM   519  C  CG  . HIS A 1 70  ? -2.194  -1.257  -6.106  1.00 60.39  ? 391 HIS A CG  1 
ATOM   520  N  ND1 . HIS A 1 70  ? -2.572  -0.009  -5.658  1.00 59.49  ? 391 HIS A ND1 1 
ATOM   521  C  CD2 . HIS A 1 70  ? -2.622  -1.338  -7.389  1.00 59.81  ? 391 HIS A CD2 1 
ATOM   522  C  CE1 . HIS A 1 70  ? -3.194  0.639   -6.628  1.00 58.28  ? 391 HIS A CE1 1 
ATOM   523  N  NE2 . HIS A 1 70  ? -3.239  -0.147  -7.689  1.00 60.43  ? 391 HIS A NE2 1 
ATOM   524  N  N   . GLN A 1 71  ? -3.870  -4.284  -4.554  1.00 63.31  ? 392 GLN A N   1 
ATOM   525  C  CA  . GLN A 1 71  ? -5.227  -4.699  -4.885  1.00 66.30  ? 392 GLN A CA  1 
ATOM   526  C  C   . GLN A 1 71  ? -6.113  -4.652  -3.651  1.00 65.36  ? 392 GLN A C   1 
ATOM   527  O  O   . GLN A 1 71  ? -7.266  -4.209  -3.723  1.00 66.08  ? 392 GLN A O   1 
ATOM   528  C  CB  . GLN A 1 71  ? -5.220  -6.097  -5.506  1.00 68.99  ? 392 GLN A CB  1 
ATOM   529  C  CG  . GLN A 1 71  ? -6.524  -6.457  -6.212  1.00 73.20  ? 392 GLN A CG  1 
ATOM   530  C  CD  . GLN A 1 71  ? -6.733  -5.685  -7.511  1.00 77.74  ? 392 GLN A CD  1 
ATOM   531  O  OE1 . GLN A 1 71  ? -5.772  -5.334  -8.202  1.00 81.92  ? 392 GLN A OE1 1 
ATOM   532  N  NE2 . GLN A 1 71  ? -7.994  -5.411  -7.842  1.00 76.92  ? 392 GLN A NE2 1 
ATOM   533  N  N   . PHE A 1 72  ? -5.577  -5.081  -2.503  1.00 63.25  ? 393 PHE A N   1 
ATOM   534  C  CA  . PHE A 1 72  ? -6.312  -4.988  -1.247  1.00 63.93  ? 393 PHE A CA  1 
ATOM   535  C  C   . PHE A 1 72  ? -6.664  -3.546  -0.904  1.00 64.74  ? 393 PHE A C   1 
ATOM   536  O  O   . PHE A 1 72  ? -7.718  -3.293  -0.304  1.00 63.64  ? 393 PHE A O   1 
ATOM   537  C  CB  . PHE A 1 72  ? -5.492  -5.611  -0.120  1.00 63.60  ? 393 PHE A CB  1 
ATOM   538  C  CG  . PHE A 1 72  ? -6.310  -6.007  1.067   1.00 67.33  ? 393 PHE A CG  1 
ATOM   539  C  CD1 . PHE A 1 72  ? -7.623  -6.418  0.909   1.00 70.61  ? 393 PHE A CD1 1 
ATOM   540  C  CD2 . PHE A 1 72  ? -5.775  -5.962  2.343   1.00 68.09  ? 393 PHE A CD2 1 
ATOM   541  C  CE1 . PHE A 1 72  ? -8.389  -6.786  2.004   1.00 72.34  ? 393 PHE A CE1 1 
ATOM   542  C  CE2 . PHE A 1 72  ? -6.533  -6.327  3.444   1.00 69.83  ? 393 PHE A CE2 1 
ATOM   543  C  CZ  . PHE A 1 72  ? -7.843  -6.737  3.276   1.00 73.79  ? 393 PHE A CZ  1 
ATOM   544  N  N   . SER A 1 73  ? -5.800  -2.589  -1.268  1.00 62.51  ? 394 SER A N   1 
ATOM   545  C  CA  . SER A 1 73  ? -6.133  -1.182  -1.054  1.00 61.84  ? 394 SER A CA  1 
ATOM   546  C  C   . SER A 1 73  ? -7.344  -0.789  -1.878  1.00 65.52  ? 394 SER A C   1 
ATOM   547  O  O   . SER A 1 73  ? -8.240  -0.091  -1.381  1.00 62.35  ? 394 SER A O   1 
ATOM   548  C  CB  . SER A 1 73  ? -4.956  -0.276  -1.399  1.00 55.05  ? 394 SER A CB  1 
ATOM   549  O  OG  . SER A 1 73  ? -3.905  -0.437  -0.466  1.00 59.00  ? 394 SER A OG  1 
ATOM   550  N  N   . LEU A 1 74  ? -7.389  -1.240  -3.136  1.00 62.06  ? 395 LEU A N   1 
ATOM   551  C  CA  . LEU A 1 74  ? -8.554  -0.997  -3.982  1.00 66.04  ? 395 LEU A CA  1 
ATOM   552  C  C   . LEU A 1 74  ? -9.820  -1.635  -3.398  1.00 64.33  ? 395 LEU A C   1 
ATOM   553  O  O   . LEU A 1 74  ? -10.894 -1.028  -3.421  1.00 61.78  ? 395 LEU A O   1 
ATOM   554  C  CB  . LEU A 1 74  ? -8.271  -1.507  -5.399  1.00 61.24  ? 395 LEU A CB  1 
ATOM   555  C  CG  . LEU A 1 74  ? -7.010  -0.930  -6.041  1.00 64.41  ? 395 LEU A CG  1 
ATOM   556  C  CD1 . LEU A 1 74  ? -6.647  -1.620  -7.336  1.00 64.06  ? 395 LEU A CD1 1 
ATOM   557  C  CD2 . LEU A 1 74  ? -7.215  0.539   -6.292  1.00 59.26  ? 395 LEU A CD2 1 
ATOM   558  N  N   . PHE A 1 75  ? -9.711  -2.856  -2.870  1.00 66.84  ? 396 PHE A N   1 
ATOM   559  C  CA  . PHE A 1 75  ? -10.842 -3.491  -2.190  1.00 73.45  ? 396 PHE A CA  1 
ATOM   560  C  C   . PHE A 1 75  ? -11.378 -2.607  -1.069  1.00 70.61  ? 396 PHE A C   1 
ATOM   561  O  O   . PHE A 1 75  ? -12.570 -2.295  -1.030  1.00 70.80  ? 396 PHE A O   1 
ATOM   562  C  CB  . PHE A 1 75  ? -10.414 -4.862  -1.652  1.00 70.84  ? 396 PHE A CB  1 
ATOM   563  C  CG  . PHE A 1 75  ? -11.511 -5.643  -0.952  1.00 80.32  ? 396 PHE A CG  1 
ATOM   564  C  CD1 . PHE A 1 75  ? -11.982 -5.269  0.311   1.00 84.62  ? 396 PHE A CD1 1 
ATOM   565  C  CD2 . PHE A 1 75  ? -12.055 -6.771  -1.556  1.00 81.98  ? 396 PHE A CD2 1 
ATOM   566  C  CE1 . PHE A 1 75  ? -12.976 -5.999  0.951   1.00 90.00  ? 396 PHE A CE1 1 
ATOM   567  C  CE2 . PHE A 1 75  ? -13.049 -7.503  -0.924  1.00 86.53  ? 396 PHE A CE2 1 
ATOM   568  C  CZ  . PHE A 1 75  ? -13.510 -7.114  0.332   1.00 90.99  ? 396 PHE A CZ  1 
ATOM   569  N  N   . LEU A 1 76  ? -10.502 -2.188  -0.151  1.00 67.80  ? 397 LEU A N   1 
ATOM   570  C  CA  . LEU A 1 76  ? -10.922 -1.372  0.980   1.00 65.01  ? 397 LEU A CA  1 
ATOM   571  C  C   . LEU A 1 76  ? -11.400 0.014   0.567   1.00 64.50  ? 397 LEU A C   1 
ATOM   572  O  O   . LEU A 1 76  ? -11.899 0.752   1.417   1.00 71.12  ? 397 LEU A O   1 
ATOM   573  C  CB  . LEU A 1 76  ? -9.781  -1.250  2.002   1.00 59.99  ? 397 LEU A CB  1 
ATOM   574  C  CG  . LEU A 1 76  ? -9.288  -2.542  2.673   1.00 64.70  ? 397 LEU A CG  1 
ATOM   575  C  CD1 . LEU A 1 76  ? -8.084  -2.279  3.559   1.00 55.83  ? 397 LEU A CD1 1 
ATOM   576  C  CD2 . LEU A 1 76  ? -10.386 -3.223  3.477   1.00 63.57  ? 397 LEU A CD2 1 
ATOM   577  N  N   . GLN A 1 77  ? -11.279 0.391   -0.697  1.00 62.75  ? 398 GLN A N   1 
ATOM   578  C  CA  . GLN A 1 77  ? -11.808 1.676   -1.128  1.00 66.40  ? 398 GLN A CA  1 
ATOM   579  C  C   . GLN A 1 77  ? -13.234 1.582   -1.648  1.00 72.63  ? 398 GLN A C   1 
ATOM   580  O  O   . GLN A 1 77  ? -13.887 2.621   -1.818  1.00 69.21  ? 398 GLN A O   1 
ATOM   581  C  CB  . GLN A 1 77  ? -10.901 2.287   -2.190  1.00 61.98  ? 398 GLN A CB  1 
ATOM   582  C  CG  . GLN A 1 77  ? -9.620  2.876   -1.617  1.00 60.28  ? 398 GLN A CG  1 
ATOM   583  C  CD  . GLN A 1 77  ? -8.655  3.278   -2.702  1.00 58.53  ? 398 GLN A CD  1 
ATOM   584  O  OE1 . GLN A 1 77  ? -7.560  2.711   -2.829  1.00 63.30  ? 398 GLN A OE1 1 
ATOM   585  N  NE2 . GLN A 1 77  ? -9.055  4.251   -3.510  1.00 54.75  ? 398 GLN A NE2 1 
ATOM   586  N  N   . SER A 1 78  ? -13.744 0.311   -1.917  1.00 75.16  ? 399 SER A N   1 
ATOM   587  C  CA  . SER A 1 78  ? -15.105 -0.089  -2.251  1.00 84.27  ? 399 SER A CA  1 
ATOM   588  C  C   . SER A 1 78  ? -15.902 -0.327  -0.973  1.00 90.85  ? 399 SER A C   1 
ATOM   589  O  O   . SER A 1 78  ? -15.394 -0.941  -0.022  1.00 87.89  ? 399 SER A O   1 
ATOM   590  C  CB  . SER A 1 78  ? -15.117 -1.366  -3.075  1.00 86.67  ? 399 SER A CB  1 
ATOM   591  O  OG  . SER A 1 78  ? -15.030 -2.505  -2.232  1.00 87.70  ? 399 SER A OG  1 
ATOM   592  N  N   . PRO A 1 79  ? -17.146 0.145   -0.951  1.00 96.81  ? 400 PRO A N   1 
ATOM   593  C  CA  . PRO A 1 79  ? -17.942 0.023   0.269   1.00 100.70 ? 400 PRO A CA  1 
ATOM   594  C  C   . PRO A 1 79  ? -18.364 -1.413  0.555   1.00 101.09 ? 400 PRO A C   1 
ATOM   595  O  O   . PRO A 1 79  ? -18.736 -1.705  1.694   1.00 102.26 ? 400 PRO A O   1 
ATOM   596  C  CB  . PRO A 1 79  ? -19.128 0.966   0.002   1.00 102.44 ? 400 PRO A CB  1 
ATOM   597  C  CG  . PRO A 1 79  ? -19.260 0.985   -1.486  1.00 102.22 ? 400 PRO A CG  1 
ATOM   598  C  CD  . PRO A 1 79  ? -17.874 0.807   -2.045  1.00 99.49  ? 400 PRO A CD  1 
ATOM   599  N  N   . GLN A 1 80  ? -18.248 -2.339  -0.409  1.00 100.64 ? 401 GLN A N   1 
ATOM   600  C  CA  . GLN A 1 80  ? -18.419 -3.767  -0.140  1.00 103.98 ? 401 GLN A CA  1 
ATOM   601  C  C   . GLN A 1 80  ? -17.268 -4.302  0.703   1.00 104.09 ? 401 GLN A C   1 
ATOM   602  O  O   . GLN A 1 80  ? -17.250 -5.489  1.053   1.00 107.74 ? 401 GLN A O   1 
ATOM   603  C  CB  . GLN A 1 80  ? -18.519 -4.602  -1.426  1.00 102.84 ? 401 GLN A CB  1 
ATOM   604  C  CG  . GLN A 1 80  ? -19.434 -4.065  -2.550  1.00 106.26 ? 401 GLN A CG  1 
ATOM   605  C  CD  . GLN A 1 80  ? -18.959 -2.775  -3.231  1.00 106.22 ? 401 GLN A CD  1 
ATOM   606  O  OE1 . GLN A 1 80  ? -17.805 -2.659  -3.615  1.00 106.85 ? 401 GLN A OE1 1 
ATOM   607  N  NE2 . GLN A 1 80  ? -19.869 -1.827  -3.420  1.00 111.22 ? 401 GLN A NE2 1 
ATOM   608  N  N   . GLY A 1 81  ? -16.312 -3.433  1.039   1.00 102.29 ? 402 GLY A N   1 
ATOM   609  C  CA  . GLY A 1 81  ? -15.248 -3.750  1.971   1.00 100.72 ? 402 GLY A CA  1 
ATOM   610  C  C   . GLY A 1 81  ? -15.744 -3.963  3.387   1.00 107.41 ? 402 GLY A C   1 
ATOM   611  O  O   . GLY A 1 81  ? -15.100 -3.528  4.347   1.00 104.72 ? 402 GLY A O   1 
ATOM   612  N  N   . GLN A 1 82  ? -16.903 -4.617  3.522   1.00 108.80 ? 403 GLN A N   1 
ATOM   613  C  CA  . GLN A 1 82  ? -17.462 -5.038  4.802   1.00 106.68 ? 403 GLN A CA  1 
ATOM   614  C  C   . GLN A 1 82  ? -17.033 -6.442  5.192   1.00 104.11 ? 403 GLN A C   1 
ATOM   615  O  O   . GLN A 1 82  ? -16.766 -6.690  6.372   1.00 103.79 ? 403 GLN A O   1 
ATOM   616  C  CB  . GLN A 1 82  ? -18.992 -4.994  4.754   1.00 108.37 ? 403 GLN A CB  1 
ATOM   617  C  CG  . GLN A 1 82  ? -19.542 -4.016  3.726   1.00 109.86 ? 403 GLN A CG  1 
ATOM   618  C  CD  . GLN A 1 82  ? -20.970 -3.586  4.003   1.00 119.42 ? 403 GLN A CD  1 
ATOM   619  O  OE1 . GLN A 1 82  ? -21.402 -3.519  5.151   1.00 125.59 ? 403 GLN A OE1 1 
ATOM   620  N  NE2 . GLN A 1 82  ? -21.714 -3.298  2.944   1.00 115.91 ? 403 GLN A NE2 1 
ATOM   621  N  N   . SER A 1 83  ? -16.946 -7.351  4.223   1.00 101.02 ? 404 SER A N   1 
ATOM   622  C  CA  . SER A 1 83  ? -16.499 -8.717  4.455   1.00 96.68  ? 404 SER A CA  1 
ATOM   623  C  C   . SER A 1 83  ? -15.053 -8.778  4.934   1.00 97.08  ? 404 SER A C   1 
ATOM   624  O  O   . SER A 1 83  ? -14.280 -7.842  4.721   1.00 101.67 ? 404 SER A O   1 
ATOM   625  C  CB  . SER A 1 83  ? -16.663 -9.546  3.178   1.00 87.37  ? 404 SER A CB  1 
ATOM   626  O  OG  . SER A 1 83  ? -16.462 -8.755  2.017   1.00 88.29  ? 404 SER A OG  1 
ATOM   627  N  N   . GLN A 1 122 ? 23.689  -19.664 -4.994  1.00 77.06  ? 443 GLN A N   1 
ATOM   628  C  CA  . GLN A 1 122 ? 23.525  -18.408 -5.714  1.00 74.81  ? 443 GLN A CA  1 
ATOM   629  C  C   . GLN A 1 122 ? 23.975  -17.216 -4.865  1.00 71.01  ? 443 GLN A C   1 
ATOM   630  O  O   . GLN A 1 122 ? 23.772  -17.183 -3.644  1.00 72.87  ? 443 GLN A O   1 
ATOM   631  C  CB  . GLN A 1 122 ? 22.065  -18.241 -6.155  1.00 70.79  ? 443 GLN A CB  1 
ATOM   632  C  CG  . GLN A 1 122 ? 21.611  -16.844 -6.705  1.00 68.59  ? 443 GLN A CG  1 
ATOM   633  C  CD  . GLN A 1 122 ? 22.438  -16.228 -7.862  1.00 73.02  ? 443 GLN A CD  1 
ATOM   634  O  OE1 . GLN A 1 122 ? 23.505  -16.723 -8.253  1.00 76.97  ? 443 GLN A OE1 1 
ATOM   635  N  NE2 . GLN A 1 122 ? 21.922  -15.131 -8.412  1.00 66.68  ? 443 GLN A NE2 1 
ATOM   636  N  N   . ASP A 1 123 ? 24.590  -16.248 -5.555  1.00 65.07  ? 444 ASP A N   1 
ATOM   637  C  CA  . ASP A 1 123 ? 25.189  -15.014 -5.060  1.00 59.43  ? 444 ASP A CA  1 
ATOM   638  C  C   . ASP A 1 123 ? 24.220  -14.204 -4.200  1.00 58.76  ? 444 ASP A C   1 
ATOM   639  O  O   . ASP A 1 123 ? 23.229  -13.663 -4.713  1.00 57.61  ? 444 ASP A O   1 
ATOM   640  C  CB  . ASP A 1 123 ? 25.666  -14.184 -6.252  1.00 50.32  ? 444 ASP A CB  1 
ATOM   641  C  CG  . ASP A 1 123 ? 26.675  -13.120 -5.860  1.00 53.69  ? 444 ASP A CG  1 
ATOM   642  O  OD1 . ASP A 1 123 ? 26.636  -12.640 -4.709  1.00 50.52  ? 444 ASP A OD1 1 
ATOM   643  O  OD2 . ASP A 1 123 ? 27.547  -12.788 -6.698  1.00 55.71  ? 444 ASP A OD2 1 
ATOM   644  N  N   . PRO A 1 124 ? 24.486  -14.078 -2.898  1.00 55.92  ? 445 PRO A N   1 
ATOM   645  C  CA  . PRO A 1 124 ? 23.558  -13.343 -2.023  1.00 50.52  ? 445 PRO A CA  1 
ATOM   646  C  C   . PRO A 1 124 ? 23.373  -11.901 -2.434  1.00 50.06  ? 445 PRO A C   1 
ATOM   647  O  O   . PRO A 1 124 ? 22.349  -11.297 -2.084  1.00 49.99  ? 445 PRO A O   1 
ATOM   648  C  CB  . PRO A 1 124 ? 24.218  -13.436 -0.641  1.00 50.71  ? 445 PRO A CB  1 
ATOM   649  C  CG  . PRO A 1 124 ? 25.277  -14.460 -0.756  1.00 49.36  ? 445 PRO A CG  1 
ATOM   650  C  CD  . PRO A 1 124 ? 25.703  -14.500 -2.187  1.00 51.63  ? 445 PRO A CD  1 
ATOM   651  N  N   . ARG A 1 125 ? 24.332  -11.320 -3.162  1.00 47.40  ? 446 ARG A N   1 
ATOM   652  C  CA  . ARG A 1 125 ? 24.194  -9.924  -3.552  1.00 47.98  ? 446 ARG A CA  1 
ATOM   653  C  C   . ARG A 1 125 ? 23.123  -9.732  -4.616  1.00 47.98  ? 446 ARG A C   1 
ATOM   654  O  O   . ARG A 1 125 ? 22.644  -8.607  -4.792  1.00 47.80  ? 446 ARG A O   1 
ATOM   655  C  CB  . ARG A 1 125 ? 25.530  -9.362  -4.054  1.00 41.61  ? 446 ARG A CB  1 
ATOM   656  C  CG  . ARG A 1 125 ? 26.646  -9.378  -3.011  1.00 43.97  ? 446 ARG A CG  1 
ATOM   657  C  CD  . ARG A 1 125 ? 28.040  -9.219  -3.660  1.00 43.18  ? 446 ARG A CD  1 
ATOM   658  N  NE  . ARG A 1 125 ? 28.327  -10.293 -4.614  1.00 40.03  ? 446 ARG A NE  1 
ATOM   659  C  CZ  . ARG A 1 125 ? 29.460  -10.395 -5.323  1.00 50.32  ? 446 ARG A CZ  1 
ATOM   660  N  NH1 . ARG A 1 125 ? 30.430  -9.478  -5.213  1.00 39.73  ? 446 ARG A NH1 1 
ATOM   661  N  NH2 . ARG A 1 125 ? 29.620  -11.416 -6.163  1.00 45.91  ? 446 ARG A NH2 1 
ATOM   662  N  N   . THR A 1 126 ? 22.759  -10.794 -5.344  1.00 48.20  ? 447 THR A N   1 
ATOM   663  C  CA  . THR A 1 126 ? 21.806  -10.697 -6.444  1.00 47.82  ? 447 THR A CA  1 
ATOM   664  C  C   . THR A 1 126 ? 20.696  -11.737 -6.363  1.00 49.56  ? 447 THR A C   1 
ATOM   665  O  O   . THR A 1 126 ? 19.935  -11.882 -7.325  1.00 52.50  ? 447 THR A O   1 
ATOM   666  C  CB  . THR A 1 126 ? 22.526  -10.850 -7.783  1.00 55.04  ? 447 THR A CB  1 
ATOM   667  O  OG1 . THR A 1 126 ? 23.064  -12.175 -7.866  1.00 53.74  ? 447 THR A OG1 1 
ATOM   668  C  CG2 . THR A 1 126 ? 23.653  -9.833  -7.914  1.00 47.56  ? 447 THR A CG2 1 
ATOM   669  N  N   . ALA A 1 127 ? 20.606  -12.492 -5.273  1.00 49.59  ? 448 ALA A N   1 
ATOM   670  C  CA  . ALA A 1 127 ? 19.605  -13.546 -5.178  1.00 55.49  ? 448 ALA A CA  1 
ATOM   671  C  C   . ALA A 1 127 ? 18.213  -12.937 -5.110  1.00 55.62  ? 448 ALA A C   1 
ATOM   672  O  O   . ALA A 1 127 ? 17.962  -12.024 -4.319  1.00 51.82  ? 448 ALA A O   1 
ATOM   673  C  CB  . ALA A 1 127 ? 19.854  -14.416 -3.944  1.00 58.33  ? 448 ALA A CB  1 
ATOM   674  N  N   . GLY A 1 128 ? 17.303  -13.457 -5.926  1.00 53.82  ? 449 GLY A N   1 
ATOM   675  C  CA  . GLY A 1 128 ? 15.984  -12.879 -6.029  1.00 54.88  ? 449 GLY A CA  1 
ATOM   676  C  C   . GLY A 1 128 ? 15.914  -11.663 -6.917  1.00 56.64  ? 449 GLY A C   1 
ATOM   677  O  O   . GLY A 1 128 ? 14.837  -11.073 -7.057  1.00 54.76  ? 449 GLY A O   1 
ATOM   678  N  N   . MET A 1 129 ? 17.024  -11.276 -7.534  1.00 52.43  ? 450 MET A N   1 
ATOM   679  C  CA  . MET A 1 129 ? 17.114  -10.029 -8.272  1.00 52.64  ? 450 MET A CA  1 
ATOM   680  C  C   . MET A 1 129 ? 17.020  -10.316 -9.761  1.00 56.18  ? 450 MET A C   1 
ATOM   681  O  O   . MET A 1 129 ? 17.573  -11.306 -10.246 1.00 67.50  ? 450 MET A O   1 
ATOM   682  C  CB  . MET A 1 129 ? 18.423  -9.311  -7.932  1.00 51.16  ? 450 MET A CB  1 
ATOM   683  C  CG  . MET A 1 129 ? 18.465  -7.846  -8.281  1.00 54.72  ? 450 MET A CG  1 
ATOM   684  S  SD  . MET A 1 129 ? 20.103  -7.111  -8.043  1.00 46.17  ? 450 MET A SD  1 
ATOM   685  C  CE  . MET A 1 129 ? 20.287  -7.095  -6.262  1.00 46.61  ? 450 MET A CE  1 
ATOM   686  N  N   . CYS A 1 130 ? 16.304  -9.461  -10.484 1.00 57.92  ? 451 CYS A N   1 
ATOM   687  C  CA  . CYS A 1 130 ? 16.134  -9.625  -11.920 1.00 56.81  ? 451 CYS A CA  1 
ATOM   688  C  C   . CYS A 1 130 ? 17.295  -8.956  -12.629 1.00 59.41  ? 451 CYS A C   1 
ATOM   689  O  O   . CYS A 1 130 ? 17.482  -7.740  -12.499 1.00 60.66  ? 451 CYS A O   1 
ATOM   690  C  CB  . CYS A 1 130 ? 14.824  -9.022  -12.399 1.00 61.12  ? 451 CYS A CB  1 
ATOM   691  S  SG  . CYS A 1 130 ? 14.740  -8.880  -14.184 1.00 62.67  ? 451 CYS A SG  1 
ATOM   692  N  N   . LEU A 1 131 ? 18.066  -9.745  -13.379 1.00 63.93  ? 452 LEU A N   1 
ATOM   693  C  CA  . LEU A 1 131 ? 19.287  -9.252  -14.006 1.00 67.01  ? 452 LEU A CA  1 
ATOM   694  C  C   . LEU A 1 131 ? 19.094  -8.890  -15.479 1.00 68.44  ? 452 LEU A C   1 
ATOM   695  O  O   . LEU A 1 131 ? 20.084  -8.704  -16.197 1.00 61.55  ? 452 LEU A O   1 
ATOM   696  C  CB  . LEU A 1 131 ? 20.426  -10.272 -13.856 1.00 62.13  ? 452 LEU A CB  1 
ATOM   697  C  CG  . LEU A 1 131 ? 21.049  -10.514 -12.476 1.00 62.40  ? 452 LEU A CG  1 
ATOM   698  C  CD1 . LEU A 1 131 ? 21.169  -9.209  -11.668 1.00 57.39  ? 452 LEU A CD1 1 
ATOM   699  C  CD2 . LEU A 1 131 ? 20.267  -11.580 -11.707 1.00 65.07  ? 452 LEU A CD2 1 
ATOM   700  N  N   . ARG A 1 132 ? 17.851  -8.767  -15.945 1.00 65.88  ? 453 ARG A N   1 
ATOM   701  C  CA  . ARG A 1 132 ? 17.649  -8.344  -17.322 1.00 66.03  ? 453 ARG A CA  1 
ATOM   702  C  C   . ARG A 1 132 ? 18.180  -6.924  -17.506 1.00 66.81  ? 453 ARG A C   1 
ATOM   703  O  O   . ARG A 1 132 ? 18.050  -6.081  -16.618 1.00 64.14  ? 453 ARG A O   1 
ATOM   704  C  CB  . ARG A 1 132 ? 16.169  -8.443  -17.699 1.00 70.23  ? 453 ARG A CB  1 
ATOM   705  C  CG  . ARG A 1 132 ? 15.864  -8.199  -19.181 1.00 77.32  ? 453 ARG A CG  1 
ATOM   706  C  CD  . ARG A 1 132 ? 16.107  -9.436  -20.075 1.00 80.08  ? 453 ARG A CD  1 
ATOM   707  N  NE  . ARG A 1 132 ? 17.478  -9.951  -19.993 1.00 79.61  ? 453 ARG A NE  1 
ATOM   708  C  CZ  . ARG A 1 132 ? 18.519  -9.437  -20.645 1.00 75.75  ? 453 ARG A CZ  1 
ATOM   709  N  NH1 . ARG A 1 132 ? 18.353  -8.388  -21.437 1.00 76.20  ? 453 ARG A NH1 1 
ATOM   710  N  NH2 . ARG A 1 132 ? 19.730  -9.963  -20.503 1.00 79.86  ? 453 ARG A NH2 1 
ATOM   711  N  N   . LYS A 1 133 ? 18.840  -6.676  -18.639 1.00 67.80  ? 454 LYS A N   1 
ATOM   712  C  CA  . LYS A 1 133 ? 19.293  -5.328  -18.973 1.00 69.39  ? 454 LYS A CA  1 
ATOM   713  C  C   . LYS A 1 133 ? 18.227  -4.632  -19.809 1.00 71.15  ? 454 LYS A C   1 
ATOM   714  O  O   . LYS A 1 133 ? 17.575  -5.260  -20.648 1.00 75.01  ? 454 LYS A O   1 
ATOM   715  C  CB  . LYS A 1 133 ? 20.627  -5.345  -19.730 1.00 73.03  ? 454 LYS A CB  1 
ATOM   716  C  CG  . LYS A 1 133 ? 21.868  -5.692  -18.879 1.00 72.52  ? 454 LYS A CG  1 
ATOM   717  C  CD  . LYS A 1 133 ? 23.181  -5.400  -19.629 1.00 72.13  ? 454 LYS A CD  1 
ATOM   718  C  CE  . LYS A 1 133 ? 24.406  -5.960  -18.897 1.00 73.62  ? 454 LYS A CE  1 
ATOM   719  N  NZ  . LYS A 1 133 ? 24.244  -7.386  -18.476 1.00 73.66  ? 454 LYS A NZ  1 
ATOM   720  N  N   . LYS A 1 134 ? 18.060  -3.330  -19.579 1.00 70.59  ? 455 LYS A N   1 
ATOM   721  C  CA  . LYS A 1 134 ? 16.955  -2.560  -20.155 1.00 76.86  ? 455 LYS A CA  1 
ATOM   722  C  C   . LYS A 1 134 ? 15.641  -3.342  -20.057 1.00 77.47  ? 455 LYS A C   1 
ATOM   723  O  O   . LYS A 1 134 ? 14.991  -3.664  -21.053 1.00 79.23  ? 455 LYS A O   1 
ATOM   724  C  CB  . LYS A 1 134 ? 17.258  -2.165  -21.601 1.00 79.78  ? 455 LYS A CB  1 
ATOM   725  C  CG  . LYS A 1 134 ? 18.388  -1.155  -21.771 1.00 78.66  ? 455 LYS A CG  1 
ATOM   726  C  CD  . LYS A 1 134 ? 19.751  -1.827  -21.754 1.00 78.45  ? 455 LYS A CD  1 
ATOM   727  C  CE  . LYS A 1 134 ? 20.835  -0.900  -22.289 1.00 83.35  ? 455 LYS A CE  1 
ATOM   728  N  NZ  . LYS A 1 134 ? 20.786  0.442   -21.637 1.00 84.86  ? 455 LYS A NZ  1 
ATOM   729  N  N   . CYS A 1 135 ? 15.271  -3.672  -18.824 1.00 75.84  ? 456 CYS A N   1 
ATOM   730  C  CA  . CYS A 1 135 ? 14.124  -4.540  -18.608 1.00 75.23  ? 456 CYS A CA  1 
ATOM   731  C  C   . CYS A 1 135 ? 12.823  -3.785  -18.845 1.00 75.24  ? 456 CYS A C   1 
ATOM   732  O  O   . CYS A 1 135 ? 12.731  -2.574  -18.622 1.00 75.57  ? 456 CYS A O   1 
ATOM   733  C  CB  . CYS A 1 135 ? 14.144  -5.103  -17.200 1.00 69.70  ? 456 CYS A CB  1 
ATOM   734  S  SG  . CYS A 1 135 ? 12.750  -6.124  -16.873 1.00 70.52  ? 456 CYS A SG  1 
ATOM   735  N  N   . LYS A 1 136 ? 11.809  -4.522  -19.312 1.00 71.99  ? 457 LYS A N   1 
ATOM   736  C  CA  . LYS A 1 136 ? 10.545  -3.924  -19.735 1.00 75.22  ? 457 LYS A CA  1 
ATOM   737  C  C   . LYS A 1 136 ? 9.349   -4.468  -18.954 1.00 73.95  ? 457 LYS A C   1 
ATOM   738  O  O   . LYS A 1 136 ? 8.409   -3.709  -18.684 1.00 70.52  ? 457 LYS A O   1 
ATOM   739  C  CB  . LYS A 1 136 ? 10.338  -4.119  -21.242 1.00 76.35  ? 457 LYS A CB  1 
ATOM   740  C  CG  . LYS A 1 136 ? 11.279  -3.281  -22.116 1.00 80.56  ? 457 LYS A CG  1 
ATOM   741  C  CD  . LYS A 1 136 ? 11.557  -1.917  -21.493 1.00 80.30  ? 457 LYS A CD  1 
ATOM   742  C  CE  . LYS A 1 136 ? 12.030  -0.910  -22.522 1.00 82.09  ? 457 LYS A CE  1 
ATOM   743  N  NZ  . LYS A 1 136 ? 12.129  0.445   -21.919 1.00 83.24  ? 457 LYS A NZ  1 
ATOM   744  N  N   . PRO A 1 137 ? 9.318   -5.758  -18.594 1.00 72.37  ? 458 PRO A N   1 
ATOM   745  C  CA  . PRO A 1 137 ? 8.307   -6.208  -17.619 1.00 71.73  ? 458 PRO A CA  1 
ATOM   746  C  C   . PRO A 1 137 ? 8.357   -5.465  -16.289 1.00 74.60  ? 458 PRO A C   1 
ATOM   747  O  O   . PRO A 1 137 ? 7.318   -5.317  -15.627 1.00 71.43  ? 458 PRO A O   1 
ATOM   748  C  CB  . PRO A 1 137 ? 8.637   -7.696  -17.441 1.00 69.63  ? 458 PRO A CB  1 
ATOM   749  C  CG  . PRO A 1 137 ? 9.241   -8.093  -18.736 1.00 70.64  ? 458 PRO A CG  1 
ATOM   750  C  CD  . PRO A 1 137 ? 9.987   -6.899  -19.251 1.00 71.83  ? 458 PRO A CD  1 
ATOM   751  N  N   . HIS A 1 138 ? 9.545   -5.007  -15.873 1.00 72.84  ? 459 HIS A N   1 
ATOM   752  C  CA  . HIS A 1 138 ? 9.728   -4.253  -14.638 1.00 69.06  ? 459 HIS A CA  1 
ATOM   753  C  C   . HIS A 1 138 ? 10.179  -2.824  -14.910 1.00 65.91  ? 459 HIS A C   1 
ATOM   754  O  O   . HIS A 1 138 ? 10.716  -2.165  -14.016 1.00 61.61  ? 459 HIS A O   1 
ATOM   755  C  CB  . HIS A 1 138 ? 10.740  -4.951  -13.720 1.00 61.73  ? 459 HIS A CB  1 
ATOM   756  C  CG  . HIS A 1 138 ? 10.479  -6.409  -13.509 1.00 63.11  ? 459 HIS A CG  1 
ATOM   757  N  ND1 . HIS A 1 138 ? 11.491  -7.340  -13.436 1.00 71.63  ? 459 HIS A ND1 1 
ATOM   758  C  CD2 . HIS A 1 138 ? 9.325   -7.096  -13.334 1.00 70.72  ? 459 HIS A CD2 1 
ATOM   759  C  CE1 . HIS A 1 138 ? 10.974  -8.539  -13.238 1.00 67.45  ? 459 HIS A CE1 1 
ATOM   760  N  NE2 . HIS A 1 138 ? 9.662   -8.418  -13.171 1.00 68.11  ? 459 HIS A NE2 1 
ATOM   761  N  N   . ASN A 1 139 ? 9.990   -2.349  -16.136 1.00 66.47  ? 460 ASN A N   1 
ATOM   762  C  CA  . ASN A 1 139 ? 10.449  -1.030  -16.553 1.00 66.57  ? 460 ASN A CA  1 
ATOM   763  C  C   . ASN A 1 139 ? 10.034  0.053   -15.564 1.00 67.49  ? 460 ASN A C   1 
ATOM   764  O  O   . ASN A 1 139 ? 8.843   0.246   -15.302 1.00 67.00  ? 460 ASN A O   1 
ATOM   765  C  CB  . ASN A 1 139 ? 9.879   -0.730  -17.938 1.00 71.70  ? 460 ASN A CB  1 
ATOM   766  C  CG  . ASN A 1 139 ? 10.386  0.573   -18.509 1.00 74.65  ? 460 ASN A CG  1 
ATOM   767  O  OD1 . ASN A 1 139 ? 11.589  0.849   -18.490 1.00 78.65  ? 460 ASN A OD1 1 
ATOM   768  N  ND2 . ASN A 1 139 ? 9.465   1.400   -19.000 1.00 73.81  ? 460 ASN A ND2 1 
ATOM   769  N  N   . GLY A 1 140 ? 11.024  0.753   -15.014 1.00 64.72  ? 461 GLY A N   1 
ATOM   770  C  CA  . GLY A 1 140 ? 10.772  1.853   -14.089 1.00 58.34  ? 461 GLY A CA  1 
ATOM   771  C  C   . GLY A 1 140 ? 10.104  1.461   -12.785 1.00 58.28  ? 461 GLY A C   1 
ATOM   772  O  O   . GLY A 1 140 ? 9.287   2.227   -12.258 1.00 56.11  ? 461 GLY A O   1 
ATOM   773  N  N   . TRP A 1 141 ? 10.440  0.294   -12.236 1.00 54.54  ? 462 TRP A N   1 
ATOM   774  C  CA  . TRP A 1 141 ? 9.694   -0.197  -11.083 1.00 54.46  ? 462 TRP A CA  1 
ATOM   775  C  C   . TRP A 1 141 ? 9.895   0.693   -9.859  1.00 54.33  ? 462 TRP A C   1 
ATOM   776  O  O   . TRP A 1 141 ? 8.946   0.928   -9.098  1.00 52.16  ? 462 TRP A O   1 
ATOM   777  C  CB  . TRP A 1 141 ? 10.077  -1.644  -10.769 1.00 55.13  ? 462 TRP A CB  1 
ATOM   778  C  CG  . TRP A 1 141 ? 11.556  -1.908  -10.506 1.00 58.65  ? 462 TRP A CG  1 
ATOM   779  C  CD1 . TRP A 1 141 ? 12.492  -2.328  -11.417 1.00 53.62  ? 462 TRP A CD1 1 
ATOM   780  C  CD2 . TRP A 1 141 ? 12.243  -1.815  -9.243  1.00 54.54  ? 462 TRP A CD2 1 
ATOM   781  N  NE1 . TRP A 1 141 ? 13.711  -2.485  -10.802 1.00 55.72  ? 462 TRP A NE1 1 
ATOM   782  C  CE2 . TRP A 1 141 ? 13.586  -2.176  -9.471  1.00 52.30  ? 462 TRP A CE2 1 
ATOM   783  C  CE3 . TRP A 1 141 ? 11.847  -1.462  -7.945  1.00 51.53  ? 462 TRP A CE3 1 
ATOM   784  C  CZ2 . TRP A 1 141 ? 14.540  -2.189  -8.455  1.00 48.60  ? 462 TRP A CZ2 1 
ATOM   785  C  CZ3 . TRP A 1 141 ? 12.792  -1.471  -6.937  1.00 52.01  ? 462 TRP A CZ3 1 
ATOM   786  C  CH2 . TRP A 1 141 ? 14.131  -1.835  -7.198  1.00 51.33  ? 462 TRP A CH2 1 
ATOM   787  N  N   . GLY A 1 142 ? 11.115  1.191   -9.657  1.00 49.18  ? 463 GLY A N   1 
ATOM   788  C  CA  . GLY A 1 142 ? 11.402  1.990   -8.476  1.00 48.12  ? 463 GLY A CA  1 
ATOM   789  C  C   . GLY A 1 142 ? 10.457  3.163   -8.317  1.00 55.94  ? 463 GLY A C   1 
ATOM   790  O  O   . GLY A 1 142 ? 9.778   3.298   -7.295  1.00 49.35  ? 463 GLY A O   1 
ATOM   791  N  N   . ALA A 1 143 ? 10.387  4.023   -9.332  1.00 56.14  ? 464 ALA A N   1 
ATOM   792  C  CA  . ALA A 1 143 ? 9.551   5.210   -9.220  1.00 51.78  ? 464 ALA A CA  1 
ATOM   793  C  C   . ALA A 1 143 ? 8.069   4.889   -9.345  1.00 52.82  ? 464 ALA A C   1 
ATOM   794  O  O   . ALA A 1 143 ? 7.242   5.546   -8.698  1.00 55.21  ? 464 ALA A O   1 
ATOM   795  C  CB  . ALA A 1 143 ? 9.959   6.240   -10.271 1.00 48.72  ? 464 ALA A CB  1 
ATOM   796  N  N   . LEU A 1 144 ? 7.705   3.885   -10.139 1.00 48.45  ? 465 LEU A N   1 
ATOM   797  C  CA  . LEU A 1 144 ? 6.289   3.620   -10.323 1.00 51.29  ? 465 LEU A CA  1 
ATOM   798  C  C   . LEU A 1 144 ? 5.663   2.951   -9.100  1.00 54.86  ? 465 LEU A C   1 
ATOM   799  O  O   . LEU A 1 144 ? 4.585   3.359   -8.661  1.00 53.08  ? 465 LEU A O   1 
ATOM   800  C  CB  . LEU A 1 144 ? 6.073   2.791   -11.583 1.00 53.62  ? 465 LEU A CB  1 
ATOM   801  C  CG  . LEU A 1 144 ? 6.489   3.561   -12.844 1.00 67.50  ? 465 LEU A CG  1 
ATOM   802  C  CD1 . LEU A 1 144 ? 5.979   2.888   -14.110 1.00 72.92  ? 465 LEU A CD1 1 
ATOM   803  C  CD2 . LEU A 1 144 ? 6.011   5.003   -12.791 1.00 60.11  ? 465 LEU A CD2 1 
ATOM   804  N  N   . LEU A 1 145 ? 6.317   1.927   -8.541  1.00 52.71  ? 466 LEU A N   1 
ATOM   805  C  CA  . LEU A 1 145 ? 5.818   1.278   -7.330  1.00 49.65  ? 466 LEU A CA  1 
ATOM   806  C  C   . LEU A 1 145 ? 5.787   2.245   -6.152  1.00 50.37  ? 466 LEU A C   1 
ATOM   807  O  O   . LEU A 1 145 ? 4.866   2.194   -5.324  1.00 44.54  ? 466 LEU A O   1 
ATOM   808  C  CB  . LEU A 1 145 ? 6.688   0.071   -6.974  1.00 50.33  ? 466 LEU A CB  1 
ATOM   809  C  CG  . LEU A 1 145 ? 6.766   -1.198  -7.827  1.00 51.96  ? 466 LEU A CG  1 
ATOM   810  C  CD1 . LEU A 1 145 ? 7.519   -2.295  -7.066  1.00 49.05  ? 466 LEU A CD1 1 
ATOM   811  C  CD2 . LEU A 1 145 ? 5.377   -1.664  -8.206  1.00 53.85  ? 466 LEU A CD2 1 
ATOM   812  N  N   . THR A 1 146 ? 6.814   3.098   -6.028  1.00 44.94  ? 467 THR A N   1 
ATOM   813  C  CA  . THR A 1 146 ? 6.771   4.158   -5.027  1.00 48.92  ? 467 THR A CA  1 
ATOM   814  C  C   . THR A 1 146 ? 5.527   5.025   -5.206  1.00 52.05  ? 467 THR A C   1 
ATOM   815  O  O   . THR A 1 146 ? 4.822   5.331   -4.236  1.00 50.21  ? 467 THR A O   1 
ATOM   816  C  CB  . THR A 1 146 ? 8.031   5.018   -5.108  1.00 48.41  ? 467 THR A CB  1 
ATOM   817  O  OG1 . THR A 1 146 ? 9.151   4.290   -4.590  1.00 47.54  ? 467 THR A OG1 1 
ATOM   818  C  CG2 . THR A 1 146 ? 7.854   6.326   -4.326  1.00 46.69  ? 467 THR A CG2 1 
ATOM   819  N  N   . LYS A 1 147 ? 5.238   5.408   -6.450  1.00 48.14  ? 468 LYS A N   1 
ATOM   820  C  CA  . LYS A 1 147 ? 4.106   6.279   -6.745  1.00 47.79  ? 468 LYS A CA  1 
ATOM   821  C  C   . LYS A 1 147 ? 2.780   5.593   -6.437  1.00 51.45  ? 468 LYS A C   1 
ATOM   822  O  O   . LYS A 1 147 ? 1.866   6.215   -5.876  1.00 44.63  ? 468 LYS A O   1 
ATOM   823  C  CB  . LYS A 1 147 ? 4.173   6.711   -8.215  1.00 53.80  ? 468 LYS A CB  1 
ATOM   824  C  CG  . LYS A 1 147 ? 2.995   7.530   -8.721  1.00 53.71  ? 468 LYS A CG  1 
ATOM   825  C  CD  . LYS A 1 147 ? 3.220   8.063   -10.142 1.00 59.19  ? 468 LYS A CD  1 
ATOM   826  C  CE  . LYS A 1 147 ? 2.008   7.784   -11.040 1.00 70.50  ? 468 LYS A CE  1 
ATOM   827  N  NZ  . LYS A 1 147 ? 0.694   7.964   -10.318 1.00 67.57  ? 468 LYS A NZ  1 
ATOM   828  N  N   . THR A 1 148 ? 2.653   4.308   -6.782  1.00 45.87  ? 469 THR A N   1 
ATOM   829  C  CA  . THR A 1 148 ? 1.415   3.602   -6.469  1.00 50.40  ? 469 THR A CA  1 
ATOM   830  C  C   . THR A 1 148 ? 1.165   3.563   -4.968  1.00 50.01  ? 469 THR A C   1 
ATOM   831  O  O   . THR A 1 148 ? 0.062   3.881   -4.503  1.00 50.88  ? 469 THR A O   1 
ATOM   832  C  CB  . THR A 1 148 ? 1.461   2.179   -7.009  1.00 50.39  ? 469 THR A CB  1 
ATOM   833  O  OG1 . THR A 1 148 ? 1.769   2.211   -8.404  1.00 52.57  ? 469 THR A OG1 1 
ATOM   834  C  CG2 . THR A 1 148 ? 0.112   1.511   -6.794  1.00 47.25  ? 469 THR A CG2 1 
ATOM   835  N  N   . VAL A 1 149 ? 2.181   3.162   -4.193  1.00 45.82  ? 470 VAL A N   1 
ATOM   836  C  CA  . VAL A 1 149 ? 1.982   2.923   -2.769  1.00 48.81  ? 470 VAL A CA  1 
ATOM   837  C  C   . VAL A 1 149 ? 1.726   4.236   -2.043  1.00 47.85  ? 470 VAL A C   1 
ATOM   838  O  O   . VAL A 1 149 ? 0.784   4.343   -1.250  1.00 44.72  ? 470 VAL A O   1 
ATOM   839  C  CB  . VAL A 1 149 ? 3.175   2.155   -2.173  1.00 43.46  ? 470 VAL A CB  1 
ATOM   840  C  CG1 . VAL A 1 149 ? 2.997   1.993   -0.676  1.00 44.70  ? 470 VAL A CG1 1 
ATOM   841  C  CG2 . VAL A 1 149 ? 3.280   0.780   -2.829  1.00 40.66  ? 470 VAL A CG2 1 
ATOM   842  N  N   . ARG A 1 150 ? 2.535   5.262   -2.319  1.00 46.11  ? 471 ARG A N   1 
ATOM   843  C  CA  . ARG A 1 150 ? 2.234   6.579   -1.764  1.00 49.78  ? 471 ARG A CA  1 
ATOM   844  C  C   . ARG A 1 150 ? 0.835   7.041   -2.159  1.00 46.07  ? 471 ARG A C   1 
ATOM   845  O  O   . ARG A 1 150 ? 0.157   7.724   -1.382  1.00 40.27  ? 471 ARG A O   1 
ATOM   846  C  CB  . ARG A 1 150 ? 3.274   7.606   -2.207  1.00 46.08  ? 471 ARG A CB  1 
ATOM   847  C  CG  . ARG A 1 150 ? 4.589   7.487   -1.465  1.00 53.09  ? 471 ARG A CG  1 
ATOM   848  C  CD  . ARG A 1 150 ? 5.600   8.526   -1.915  1.00 53.22  ? 471 ARG A CD  1 
ATOM   849  N  NE  . ARG A 1 150 ? 5.131   9.891   -1.692  1.00 65.33  ? 471 ARG A NE  1 
ATOM   850  C  CZ  . ARG A 1 150 ? 5.253   10.539  -0.535  1.00 70.43  ? 471 ARG A CZ  1 
ATOM   851  N  NH1 . ARG A 1 150 ? 5.824   9.933   0.497   1.00 68.43  ? 471 ARG A NH1 1 
ATOM   852  N  NH2 . ARG A 1 150 ? 4.801   11.783  -0.403  1.00 68.07  ? 471 ARG A NH2 1 
ATOM   853  N  N   . HIS A 1 151 ? 0.390   6.696   -3.371  1.00 43.98  ? 472 HIS A N   1 
ATOM   854  C  CA  . HIS A 1 151 ? -0.939  7.121   -3.788  1.00 45.58  ? 472 HIS A CA  1 
ATOM   855  C  C   . HIS A 1 151 ? -2.007  6.396   -2.976  1.00 45.78  ? 472 HIS A C   1 
ATOM   856  O  O   . HIS A 1 151 ? -3.007  7.002   -2.574  1.00 41.91  ? 472 HIS A O   1 
ATOM   857  C  CB  . HIS A 1 151 ? -1.140  6.888   -5.290  1.00 40.84  ? 472 HIS A CB  1 
ATOM   858  C  CG  . HIS A 1 151 ? -2.488  7.315   -5.789  1.00 50.18  ? 472 HIS A CG  1 
ATOM   859  N  ND1 . HIS A 1 151 ? -2.866  8.642   -5.870  1.00 48.80  ? 472 HIS A ND1 1 
ATOM   860  C  CD2 . HIS A 1 151 ? -3.560  6.593   -6.202  1.00 49.08  ? 472 HIS A CD2 1 
ATOM   861  C  CE1 . HIS A 1 151 ? -4.105  8.717   -6.331  1.00 46.98  ? 472 HIS A CE1 1 
ATOM   862  N  NE2 . HIS A 1 151 ? -4.546  7.488   -6.542  1.00 46.39  ? 472 HIS A NE2 1 
ATOM   863  N  N   . ASP A 1 152 ? -1.789  5.104   -2.705  1.00 43.57  ? 473 ASP A N   1 
ATOM   864  C  CA  . ASP A 1 152 ? -2.742  4.331   -1.927  1.00 44.10  ? 473 ASP A CA  1 
ATOM   865  C  C   . ASP A 1 152 ? -2.850  4.850   -0.499  1.00 44.56  ? 473 ASP A C   1 
ATOM   866  O  O   . ASP A 1 152 ? -3.952  4.860   0.080   1.00 36.99  ? 473 ASP A O   1 
ATOM   867  C  CB  . ASP A 1 152 ? -2.351  2.855   -1.947  1.00 44.32  ? 473 ASP A CB  1 
ATOM   868  C  CG  . ASP A 1 152 ? -2.532  2.213   -3.336  1.00 53.90  ? 473 ASP A CG  1 
ATOM   869  O  OD1 . ASP A 1 152 ? -3.211  2.808   -4.207  1.00 52.90  ? 473 ASP A OD1 1 
ATOM   870  O  OD2 . ASP A 1 152 ? -1.997  1.101   -3.550  1.00 54.01  ? 473 ASP A OD2 1 
ATOM   871  N  N   . ILE A 1 153 ? -1.743  5.329   0.067   1.00 37.40  ? 474 ILE A N   1 
ATOM   872  C  CA  . ILE A 1 153 ? -1.822  5.901   1.403   1.00 41.21  ? 474 ILE A CA  1 
ATOM   873  C  C   . ILE A 1 153 ? -2.755  7.099   1.398   1.00 40.50  ? 474 ILE A C   1 
ATOM   874  O  O   . ILE A 1 153 ? -3.625  7.223   2.261   1.00 38.16  ? 474 ILE A O   1 
ATOM   875  C  CB  . ILE A 1 153 ? -0.418  6.251   1.928   1.00 41.81  ? 474 ILE A CB  1 
ATOM   876  C  CG1 . ILE A 1 153 ? 0.409   4.972   2.025   1.00 40.98  ? 474 ILE A CG1 1 
ATOM   877  C  CG2 . ILE A 1 153 ? -0.497  6.889   3.301   1.00 42.05  ? 474 ILE A CG2 1 
ATOM   878  C  CD1 . ILE A 1 153 ? 1.781   5.167   2.647   1.00 41.68  ? 474 ILE A CD1 1 
ATOM   879  N  N   . ARG A 1 154 ? -2.629  7.974   0.396   1.00 43.44  ? 475 ARG A N   1 
ATOM   880  C  CA  . ARG A 1 154 ? -3.480  9.160   0.349   1.00 43.67  ? 475 ARG A CA  1 
ATOM   881  C  C   . ARG A 1 154 ? -4.945  8.787   0.135   1.00 44.62  ? 475 ARG A C   1 
ATOM   882  O  O   . ARG A 1 154 ? -5.846  9.394   0.738   1.00 33.68  ? 475 ARG A O   1 
ATOM   883  C  CB  . ARG A 1 154 ? -3.006  10.098  -0.758  1.00 45.35  ? 475 ARG A CB  1 
ATOM   884  C  CG  . ARG A 1 154 ? -1.657  10.762  -0.539  1.00 42.32  ? 475 ARG A CG  1 
ATOM   885  C  CD  . ARG A 1 154 ? -1.258  11.481  -1.840  1.00 47.38  ? 475 ARG A CD  1 
ATOM   886  N  NE  . ARG A 1 154 ? -0.386  12.643  -1.657  1.00 46.88  ? 475 ARG A NE  1 
ATOM   887  C  CZ  . ARG A 1 154 ? 0.923   12.611  -1.876  1.00 52.89  ? 475 ARG A CZ  1 
ATOM   888  N  NH1 . ARG A 1 154 ? 1.483   11.465  -2.264  1.00 58.40  ? 475 ARG A NH1 1 
ATOM   889  N  NH2 . ARG A 1 154 ? 1.670   13.708  -1.714  1.00 54.66  ? 475 ARG A NH2 1 
ATOM   890  N  N   . GLU A 1 155 ? -5.201  7.797   -0.727  1.00 39.10  ? 476 GLU A N   1 
ATOM   891  C  CA  . GLU A 1 155 ? -6.571  7.359   -0.947  1.00 40.81  ? 476 GLU A CA  1 
ATOM   892  C  C   . GLU A 1 155 ? -7.171  6.737   0.320   1.00 40.90  ? 476 GLU A C   1 
ATOM   893  O  O   . GLU A 1 155 ? -8.293  7.074   0.717   1.00 39.19  ? 476 GLU A O   1 
ATOM   894  C  CB  . GLU A 1 155 ? -6.607  6.379   -2.114  1.00 42.81  ? 476 GLU A CB  1 
ATOM   895  C  CG  . GLU A 1 155 ? -6.260  7.002   -3.452  1.00 43.05  ? 476 GLU A CG  1 
ATOM   896  C  CD  . GLU A 1 155 ? -7.293  8.037   -3.911  1.00 47.86  ? 476 GLU A CD  1 
ATOM   897  O  OE1 . GLU A 1 155 ? -8.410  8.095   -3.338  1.00 50.31  ? 476 GLU A OE1 1 
ATOM   898  O  OE2 . GLU A 1 155 ? -7.004  8.767   -4.881  1.00 49.80  ? 476 GLU A OE2 1 
ATOM   899  N  N   . LEU A 1 156 ? -6.418  5.849   0.981   1.00 39.84  ? 477 LEU A N   1 
ATOM   900  C  CA  . LEU A 1 156 ? -6.879  5.232   2.217   1.00 39.71  ? 477 LEU A CA  1 
ATOM   901  C  C   . LEU A 1 156 ? -7.129  6.272   3.302   1.00 40.08  ? 477 LEU A C   1 
ATOM   902  O  O   . LEU A 1 156 ? -8.088  6.148   4.067   1.00 34.67  ? 477 LEU A O   1 
ATOM   903  C  CB  . LEU A 1 156 ? -5.853  4.207   2.701   1.00 42.72  ? 477 LEU A CB  1 
ATOM   904  C  CG  . LEU A 1 156 ? -5.631  2.987   1.812   1.00 46.28  ? 477 LEU A CG  1 
ATOM   905  C  CD1 . LEU A 1 156 ? -4.252  2.339   2.102   1.00 44.49  ? 477 LEU A CD1 1 
ATOM   906  C  CD2 . LEU A 1 156 ? -6.752  1.996   1.967   1.00 39.85  ? 477 LEU A CD2 1 
ATOM   907  N  N   . ALA A 1 157 ? -6.256  7.289   3.409   1.00 35.72  ? 478 ALA A N   1 
ATOM   908  C  CA  . ALA A 1 157 ? -6.478  8.337   4.404   1.00 37.32  ? 478 ALA A CA  1 
ATOM   909  C  C   . ALA A 1 157 ? -7.710  9.168   4.063   1.00 39.18  ? 478 ALA A C   1 
ATOM   910  O  O   . ALA A 1 157 ? -8.456  9.567   4.961   1.00 40.32  ? 478 ALA A O   1 
ATOM   911  C  CB  . ALA A 1 157 ? -5.242  9.237   4.539   1.00 34.17  ? 478 ALA A CB  1 
ATOM   912  N  N   . LEU A 1 158 ? -7.930  9.450   2.776   1.00 37.23  ? 479 LEU A N   1 
ATOM   913  C  CA  . LEU A 1 158 ? -9.165  10.097  2.343   1.00 40.95  ? 479 LEU A CA  1 
ATOM   914  C  C   . LEU A 1 158 ? -10.389 9.297   2.783   1.00 42.85  ? 479 LEU A C   1 
ATOM   915  O  O   . LEU A 1 158 ? -11.343 9.855   3.340   1.00 42.85  ? 479 LEU A O   1 
ATOM   916  C  CB  . LEU A 1 158 ? -9.156  10.254  0.826   1.00 41.13  ? 479 LEU A CB  1 
ATOM   917  C  CG  . LEU A 1 158 ? -10.301 10.969  0.109   1.00 44.46  ? 479 LEU A CG  1 
ATOM   918  C  CD1 . LEU A 1 158 ? -9.718  11.655  -1.118  1.00 40.33  ? 479 LEU A CD1 1 
ATOM   919  C  CD2 . LEU A 1 158 ? -11.430 10.003  -0.294  1.00 45.26  ? 479 LEU A CD2 1 
ATOM   920  N  N   . GLN A 1 159 ? -10.377 7.983   2.532   1.00 40.68  ? 480 GLN A N   1 
ATOM   921  C  CA  . GLN A 1 159 ? -11.467 7.120   2.980   1.00 45.45  ? 480 GLN A CA  1 
ATOM   922  C  C   . GLN A 1 159 ? -11.704 7.242   4.483   1.00 43.72  ? 480 GLN A C   1 
ATOM   923  O  O   . GLN A 1 159 ? -12.851 7.306   4.929   1.00 35.08  ? 480 GLN A O   1 
ATOM   924  C  CB  . GLN A 1 159 ? -11.181 5.666   2.608   1.00 44.66  ? 480 GLN A CB  1 
ATOM   925  C  CG  . GLN A 1 159 ? -11.139 5.404   1.106   1.00 52.90  ? 480 GLN A CG  1 
ATOM   926  C  CD  . GLN A 1 159 ? -12.527 5.422   0.458   1.00 59.81  ? 480 GLN A CD  1 
ATOM   927  O  OE1 . GLN A 1 159 ? -13.203 4.393   0.381   1.00 62.47  ? 480 GLN A OE1 1 
ATOM   928  N  NE2 . GLN A 1 159 ? -12.949 6.593   -0.015  1.00 54.61  ? 480 GLN A NE2 1 
ATOM   929  N  N   . ILE A 1 160 ? -10.636 7.283   5.286   1.00 38.60  ? 481 ILE A N   1 
ATOM   930  C  CA  . ILE A 1 160 ? -10.847 7.436   6.723   1.00 42.26  ? 481 ILE A CA  1 
ATOM   931  C  C   . ILE A 1 160 ? -11.589 8.737   7.011   1.00 43.82  ? 481 ILE A C   1 
ATOM   932  O  O   . ILE A 1 160 ? -12.531 8.770   7.818   1.00 40.56  ? 481 ILE A O   1 
ATOM   933  C  CB  . ILE A 1 160 ? -9.510  7.355   7.484   1.00 35.78  ? 481 ILE A CB  1 
ATOM   934  C  CG1 . ILE A 1 160 ? -9.055  5.900   7.637   1.00 40.29  ? 481 ILE A CG1 1 
ATOM   935  C  CG2 . ILE A 1 160 ? -9.622  8.022   8.855   1.00 35.39  ? 481 ILE A CG2 1 
ATOM   936  C  CD1 . ILE A 1 160 ? -7.514  5.747   7.981   1.00 33.66  ? 481 ILE A CD1 1 
ATOM   937  N  N   . ARG A 1 161 ? -11.201 9.824   6.334   1.00 41.89  ? 482 ARG A N   1 
ATOM   938  C  CA  . ARG A 1 161 ? -11.848 11.109  6.580   1.00 43.57  ? 482 ARG A CA  1 
ATOM   939  C  C   . ARG A 1 161 ? -13.315 11.083  6.175   1.00 43.44  ? 482 ARG A C   1 
ATOM   940  O  O   . ARG A 1 161 ? -14.161 11.676  6.853   1.00 40.65  ? 482 ARG A O   1 
ATOM   941  C  CB  . ARG A 1 161 ? -11.122 12.225  5.836   1.00 41.76  ? 482 ARG A CB  1 
ATOM   942  C  CG  . ARG A 1 161 ? -9.756  12.562  6.412   1.00 41.58  ? 482 ARG A CG  1 
ATOM   943  C  CD  . ARG A 1 161 ? -9.274  13.903  5.849   1.00 43.49  ? 482 ARG A CD  1 
ATOM   944  N  NE  . ARG A 1 161 ? -9.000  13.815  4.419   1.00 45.17  ? 482 ARG A NE  1 
ATOM   945  C  CZ  . ARG A 1 161 ? -7.853  13.336  3.941   1.00 44.23  ? 482 ARG A CZ  1 
ATOM   946  N  NH1 . ARG A 1 161 ? -6.940  12.914  4.800   1.00 40.51  ? 482 ARG A NH1 1 
ATOM   947  N  NH2 . ARG A 1 161 ? -7.628  13.262  2.625   1.00 40.30  ? 482 ARG A NH2 1 
ATOM   948  N  N   . GLU A 1 162 ? -13.640 10.425  5.061   1.00 42.07  ? 483 GLU A N   1 
ATOM   949  C  CA  . GLU A 1 162 ? -15.042 10.325  4.690   1.00 40.67  ? 483 GLU A CA  1 
ATOM   950  C  C   . GLU A 1 162 ? -15.820 9.572   5.756   1.00 42.00  ? 483 GLU A C   1 
ATOM   951  O  O   . GLU A 1 162 ? -16.950 9.955   6.095   1.00 44.08  ? 483 GLU A O   1 
ATOM   952  C  CB  . GLU A 1 162 ? -15.190 9.661   3.323   1.00 40.39  ? 483 GLU A CB  1 
ATOM   953  C  CG  . GLU A 1 162 ? -14.698 10.531  2.163   1.00 47.99  ? 483 GLU A CG  1 
ATOM   954  C  CD  . GLU A 1 162 ? -14.879 9.873   0.802   1.00 49.00  ? 483 GLU A CD  1 
ATOM   955  O  OE1 . GLU A 1 162 ? -15.109 10.597  -0.199  1.00 46.72  ? 483 GLU A OE1 1 
ATOM   956  O  OE2 . GLU A 1 162 ? -14.785 8.628   0.740   1.00 52.48  ? 483 GLU A OE2 1 
ATOM   957  N  N   . LEU A 1 163 ? -15.219 8.522   6.325   1.00 38.25  ? 484 LEU A N   1 
ATOM   958  C  CA  . LEU A 1 163 ? -15.896 7.773   7.383   1.00 39.68  ? 484 LEU A CA  1 
ATOM   959  C  C   . LEU A 1 163 ? -16.070 8.607   8.645   1.00 43.46  ? 484 LEU A C   1 
ATOM   960  O  O   . LEU A 1 163 ? -17.116 8.524   9.306   1.00 43.52  ? 484 LEU A O   1 
ATOM   961  C  CB  . LEU A 1 163 ? -15.147 6.482   7.689   1.00 36.93  ? 484 LEU A CB  1 
ATOM   962  C  CG  . LEU A 1 163 ? -15.132 5.516   6.508   1.00 42.92  ? 484 LEU A CG  1 
ATOM   963  C  CD1 . LEU A 1 163 ? -14.172 4.403   6.776   1.00 44.75  ? 484 LEU A CD1 1 
ATOM   964  C  CD2 . LEU A 1 163 ? -16.521 4.980   6.232   1.00 34.95  ? 484 LEU A CD2 1 
ATOM   965  N  N   . LEU A 1 164 ? -15.067 9.413   9.007   1.00 39.65  ? 485 LEU A N   1 
ATOM   966  C  CA  . LEU A 1 164 ? -15.240 10.293  10.164  1.00 45.80  ? 485 LEU A CA  1 
ATOM   967  C  C   . LEU A 1 164 ? -16.329 11.327  9.901   1.00 50.93  ? 485 LEU A C   1 
ATOM   968  O  O   . LEU A 1 164 ? -17.126 11.651  10.792  1.00 47.70  ? 485 LEU A O   1 
ATOM   969  C  CB  . LEU A 1 164 ? -13.920 10.981  10.520  1.00 40.63  ? 485 LEU A CB  1 
ATOM   970  C  CG  . LEU A 1 164 ? -12.846 10.062  11.139  1.00 43.62  ? 485 LEU A CG  1 
ATOM   971  C  CD1 . LEU A 1 164 ? -11.475 10.691  10.988  1.00 36.52  ? 485 LEU A CD1 1 
ATOM   972  C  CD2 . LEU A 1 164 ? -13.138 9.739   12.626  1.00 37.88  ? 485 LEU A CD2 1 
ATOM   973  N  N   . GLU A 1 165 ? -16.386 11.845  8.675   1.00 44.09  ? 486 GLU A N   1 
ATOM   974  C  CA  . GLU A 1 165 ? -17.455 12.762  8.344   1.00 50.84  ? 486 GLU A CA  1 
ATOM   975  C  C   . GLU A 1 165 ? -18.824 12.086  8.461   1.00 56.38  ? 486 GLU A C   1 
ATOM   976  O  O   . GLU A 1 165 ? -19.737 12.651  9.078   1.00 49.50  ? 486 GLU A O   1 
ATOM   977  C  CB  . GLU A 1 165 ? -17.205 13.338  6.955   1.00 45.39  ? 486 GLU A CB  1 
ATOM   978  C  CG  . GLU A 1 165 ? -18.453 13.755  6.219   1.00 63.31  ? 486 GLU A CG  1 
ATOM   979  C  CD  . GLU A 1 165 ? -18.941 15.149  6.572   1.00 76.31  ? 486 GLU A CD  1 
ATOM   980  O  OE1 . GLU A 1 165 ? -19.913 15.595  5.914   1.00 83.83  ? 486 GLU A OE1 1 
ATOM   981  O  OE2 . GLU A 1 165 ? -18.361 15.772  7.491   1.00 81.38  ? 486 GLU A OE2 1 
ATOM   982  N  N   . ALA A 1 166 ? -18.961 10.864  7.938   1.00 51.54  ? 487 ALA A N   1 
ATOM   983  C  CA  . ALA A 1 166 ? -20.232 10.157  8.024   1.00 50.43  ? 487 ALA A CA  1 
ATOM   984  C  C   . ALA A 1 166 ? -20.598 9.840   9.476   1.00 54.42  ? 487 ALA A C   1 
ATOM   985  O  O   . ALA A 1 166 ? -21.770 9.941   9.866   1.00 59.03  ? 487 ALA A O   1 
ATOM   986  C  CB  . ALA A 1 166 ? -20.164 8.884   7.185   1.00 45.15  ? 487 ALA A CB  1 
ATOM   987  N  N   . GLU A 1 167 ? -19.612 9.449   10.290  1.00 51.69  ? 488 GLU A N   1 
ATOM   988  C  CA  . GLU A 1 167 ? -19.875 9.241   11.710  1.00 53.18  ? 488 GLU A CA  1 
ATOM   989  C  C   . GLU A 1 167 ? -20.433 10.501  12.346  1.00 57.58  ? 488 GLU A C   1 
ATOM   990  O  O   . GLU A 1 167 ? -21.438 10.450  13.062  1.00 55.81  ? 488 GLU A O   1 
ATOM   991  C  CB  . GLU A 1 167 ? -18.608 8.793   12.439  1.00 44.73  ? 488 GLU A CB  1 
ATOM   992  C  CG  . GLU A 1 167 ? -18.245 7.381   12.127  1.00 46.50  ? 488 GLU A CG  1 
ATOM   993  C  CD  . GLU A 1 167 ? -16.821 7.032   12.497  1.00 46.41  ? 488 GLU A CD  1 
ATOM   994  O  OE1 . GLU A 1 167 ? -16.269 6.155   11.819  1.00 42.46  ? 488 GLU A OE1 1 
ATOM   995  O  OE2 . GLU A 1 167 ? -16.251 7.611   13.457  1.00 51.36  ? 488 GLU A OE2 1 
ATOM   996  N  N   . GLN A 1 168 ? -19.789 11.649  12.095  1.00 56.90  ? 489 GLN A N   1 
ATOM   997  C  CA  . GLN A 1 168 ? -20.314 12.902  12.622  1.00 61.61  ? 489 GLN A CA  1 
ATOM   998  C  C   . GLN A 1 168 ? -21.720 13.182  12.102  1.00 68.34  ? 489 GLN A C   1 
ATOM   999  O  O   . GLN A 1 168 ? -22.547 13.744  12.832  1.00 65.25  ? 489 GLN A O   1 
ATOM   1000 C  CB  . GLN A 1 168 ? -19.374 14.064  12.304  1.00 60.71  ? 489 GLN A CB  1 
ATOM   1001 C  CG  . GLN A 1 168 ? -19.983 15.453  12.504  1.00 70.96  ? 489 GLN A CG  1 
ATOM   1002 C  CD  . GLN A 1 168 ? -20.327 15.790  13.962  1.00 78.79  ? 489 GLN A CD  1 
ATOM   1003 O  OE1 . GLN A 1 168 ? -20.257 14.945  14.857  1.00 80.29  ? 489 GLN A OE1 1 
ATOM   1004 N  NE2 . GLN A 1 168 ? -20.720 17.041  14.193  1.00 86.21  ? 489 GLN A NE2 1 
ATOM   1005 N  N   . ARG A 1 169 ? -22.028 12.761  10.868  1.00 64.94  ? 490 ARG A N   1 
ATOM   1006 C  CA  . ARG A 1 169 ? -23.366 12.986  10.331  1.00 62.11  ? 490 ARG A CA  1 
ATOM   1007 C  C   . ARG A 1 169 ? -24.405 12.132  11.046  1.00 66.12  ? 490 ARG A C   1 
ATOM   1008 O  O   . ARG A 1 169 ? -25.493 12.622  11.375  1.00 69.22  ? 490 ARG A O   1 
ATOM   1009 C  CB  . ARG A 1 169 ? -23.390 12.722  8.827   1.00 61.91  ? 490 ARG A CB  1 
ATOM   1010 C  CG  . ARG A 1 169 ? -23.325 13.997  7.980   1.00 67.15  ? 490 ARG A CG  1 
ATOM   1011 C  CD  . ARG A 1 169 ? -22.789 13.707  6.602   1.00 68.12  ? 490 ARG A CD  1 
ATOM   1012 N  NE  . ARG A 1 169 ? -23.273 12.417  6.120   1.00 73.80  ? 490 ARG A NE  1 
ATOM   1013 C  CZ  . ARG A 1 169 ? -22.567 11.603  5.339   1.00 70.72  ? 490 ARG A CZ  1 
ATOM   1014 N  NH1 . ARG A 1 169 ? -21.339 11.944  4.969   1.00 64.48  ? 490 ARG A NH1 1 
ATOM   1015 N  NH2 . ARG A 1 169 ? -23.081 10.440  4.949   1.00 75.00  ? 490 ARG A NH2 1 
ATOM   1016 N  N   . VAL A 1 170 ? -24.101 10.858  11.299  1.00 60.13  ? 491 VAL A N   1 
ATOM   1017 C  CA  . VAL A 1 170 ? -25.037 10.013  12.034  1.00 57.89  ? 491 VAL A CA  1 
ATOM   1018 C  C   . VAL A 1 170 ? -25.297 10.585  13.428  1.00 65.70  ? 491 VAL A C   1 
ATOM   1019 O  O   . VAL A 1 170 ? -26.454 10.768  13.838  1.00 69.10  ? 491 VAL A O   1 
ATOM   1020 C  CB  . VAL A 1 170 ? -24.528 8.567   12.094  1.00 55.11  ? 491 VAL A CB  1 
ATOM   1021 C  CG1 . VAL A 1 170 ? -25.284 7.782   13.150  1.00 52.11  ? 491 VAL A CG1 1 
ATOM   1022 C  CG2 . VAL A 1 170 ? -24.666 7.906   10.722  1.00 53.30  ? 491 VAL A CG2 1 
ATOM   1023 N  N   . ARG A 1 171 ? -24.230 10.902  14.167  1.00 59.49  ? 492 ARG A N   1 
ATOM   1024 C  CA  . ARG A 1 171 ? -24.408 11.503  15.487  1.00 63.47  ? 492 ARG A CA  1 
ATOM   1025 C  C   . ARG A 1 171 ? -25.179 12.819  15.405  1.00 74.93  ? 492 ARG A C   1 
ATOM   1026 O  O   . ARG A 1 171 ? -25.976 13.129  16.301  1.00 77.91  ? 492 ARG A O   1 
ATOM   1027 C  CB  . ARG A 1 171 ? -23.063 11.725  16.170  1.00 59.68  ? 492 ARG A CB  1 
ATOM   1028 C  CG  . ARG A 1 171 ? -22.312 10.460  16.559  1.00 54.32  ? 492 ARG A CG  1 
ATOM   1029 C  CD  . ARG A 1 171 ? -21.116 10.837  17.395  1.00 53.93  ? 492 ARG A CD  1 
ATOM   1030 N  NE  . ARG A 1 171 ? -20.315 11.871  16.734  1.00 59.96  ? 492 ARG A NE  1 
ATOM   1031 C  CZ  . ARG A 1 171 ? -19.201 11.627  16.037  1.00 62.18  ? 492 ARG A CZ  1 
ATOM   1032 N  NH1 . ARG A 1 171 ? -18.768 10.376  15.905  1.00 49.95  ? 492 ARG A NH1 1 
ATOM   1033 N  NH2 . ARG A 1 171 ? -18.527 12.628  15.463  1.00 56.48  ? 492 ARG A NH2 1 
ATOM   1034 N  N   . ASP A 1 172 ? -24.951 13.609  14.345  1.00 67.81  ? 493 ASP A N   1 
ATOM   1035 C  CA  . ASP A 1 172 ? -25.752 14.815  14.130  1.00 75.08  ? 493 ASP A CA  1 
ATOM   1036 C  C   . ASP A 1 172 ? -27.231 14.479  13.940  1.00 83.15  ? 493 ASP A C   1 
ATOM   1037 O  O   . ASP A 1 172 ? -28.104 15.188  14.455  1.00 89.94  ? 493 ASP A O   1 
ATOM   1038 C  CB  . ASP A 1 172 ? -25.241 15.598  12.920  1.00 74.54  ? 493 ASP A CB  1 
ATOM   1039 C  CG  . ASP A 1 172 ? -23.964 16.372  13.209  1.00 80.20  ? 493 ASP A CG  1 
ATOM   1040 O  OD1 . ASP A 1 172 ? -23.666 16.624  14.401  1.00 82.12  ? 493 ASP A OD1 1 
ATOM   1041 O  OD2 . ASP A 1 172 ? -23.264 16.735  12.233  1.00 78.98  ? 493 ASP A OD2 1 
ATOM   1042 N  N   . GLY A 1 173 ? -27.535 13.414  13.191  1.00 80.96  ? 494 GLY A N   1 
ATOM   1043 C  CA  . GLY A 1 173 ? -28.927 13.042  12.981  1.00 82.81  ? 494 GLY A CA  1 
ATOM   1044 C  C   . GLY A 1 173 ? -29.620 12.628  14.266  1.00 91.71  ? 494 GLY A C   1 
ATOM   1045 O  O   . GLY A 1 173 ? -30.772 12.999  14.511  1.00 95.74  ? 494 GLY A O   1 
ATOM   1046 N  N   . ALA A 1 174 ? -28.917 11.869  15.112  1.00 87.57  ? 495 ALA A N   1 
ATOM   1047 C  CA  . ALA A 1 174 ? -29.478 11.420  16.380  1.00 90.44  ? 495 ALA A CA  1 
ATOM   1048 C  C   . ALA A 1 174 ? -29.626 12.562  17.382  1.00 100.08 ? 495 ALA A C   1 
ATOM   1049 O  O   . ALA A 1 174 ? -30.549 12.540  18.206  1.00 106.39 ? 495 ALA A O   1 
ATOM   1050 C  CB  . ALA A 1 174 ? -28.609 10.306  16.961  1.00 79.35  ? 495 ALA A CB  1 
ATOM   1051 N  N   . ALA A 1 175 ? -28.735 13.558  17.343  1.00 96.96  ? 496 ALA A N   1 
ATOM   1052 C  CA  . ALA A 1 175 ? -28.908 14.727  18.203  1.00 101.76 ? 496 ALA A CA  1 
ATOM   1053 C  C   . ALA A 1 175 ? -30.076 15.589  17.740  1.00 108.81 ? 496 ALA A C   1 
ATOM   1054 O  O   . ALA A 1 175 ? -30.765 16.193  18.570  1.00 113.00 ? 496 ALA A O   1 
ATOM   1055 C  CB  . ALA A 1 175 ? -27.622 15.551  18.255  1.00 95.94  ? 496 ALA A CB  1 
ATOM   1056 N  N   . GLY A 1 176 ? -30.314 15.654  16.426  1.00 108.44 ? 497 GLY A N   1 
ATOM   1057 C  CA  . GLY A 1 176 ? -31.463 16.391  15.925  1.00 113.42 ? 497 GLY A CA  1 
ATOM   1058 C  C   . GLY A 1 176 ? -32.777 15.732  16.294  1.00 117.86 ? 497 GLY A C   1 
ATOM   1059 O  O   . GLY A 1 176 ? -33.771 16.414  16.568  1.00 123.24 ? 497 GLY A O   1 
ATOM   1060 N  N   . ARG A 1 177 ? -32.800 14.396  16.309  1.00 115.42 ? 498 ARG A N   1 
ATOM   1061 C  CA  . ARG A 1 177 ? -33.980 13.673  16.768  1.00 118.63 ? 498 ARG A CA  1 
ATOM   1062 C  C   . ARG A 1 177 ? -34.124 13.727  18.285  1.00 119.63 ? 498 ARG A C   1 
ATOM   1063 O  O   . ARG A 1 177 ? -35.236 13.565  18.795  1.00 123.21 ? 498 ARG A O   1 
ATOM   1064 C  CB  . ARG A 1 177 ? -33.920 12.223  16.281  1.00 115.39 ? 498 ARG A CB  1 
ATOM   1065 C  CG  . ARG A 1 177 ? -35.259 11.524  16.188  1.00 118.52 ? 498 ARG A CG  1 
ATOM   1066 C  CD  . ARG A 1 177 ? -35.141 10.239  15.386  1.00 121.36 ? 498 ARG A CD  1 
ATOM   1067 N  NE  . ARG A 1 177 ? -36.027 9.198   15.900  1.00 128.64 ? 498 ARG A NE  1 
ATOM   1068 C  CZ  . ARG A 1 177 ? -36.100 7.964   15.411  1.00 125.44 ? 498 ARG A CZ  1 
ATOM   1069 N  NH1 . ARG A 1 177 ? -36.936 7.083   15.948  1.00 125.52 ? 498 ARG A NH1 1 
ATOM   1070 N  NH2 . ARG A 1 177 ? -35.340 7.612   14.383  1.00 125.10 ? 498 ARG A NH2 1 
ATOM   1071 N  N   . PHE A 1 178 ? -33.033 13.972  19.010  1.00 116.25 ? 499 PHE A N   1 
ATOM   1072 C  CA  . PHE A 1 178 ? -33.079 14.110  20.463  1.00 116.35 ? 499 PHE A CA  1 
ATOM   1073 C  C   . PHE A 1 178 ? -33.639 15.474  20.868  1.00 118.10 ? 499 PHE A C   1 
ATOM   1074 O  O   . PHE A 1 178 ? -33.957 16.310  20.019  1.00 116.68 ? 499 PHE A O   1 
ATOM   1075 C  CB  . PHE A 1 178 ? -31.685 13.913  21.066  1.00 109.77 ? 499 PHE A CB  1 
HETATM 1076 ZN ZN  . ZN  B 2 .   ? 13.186  -6.843  -14.677 1.00 75.64  ? 601 ZN  A ZN  1 
HETATM 1077 O  O   . HOH C 3 .   ? 28.531  -5.109  -10.385 1.00 49.67  ? 701 HOH A O   1 
HETATM 1078 O  O   . HOH C 3 .   ? 17.416  -7.725  -4.137  1.00 47.00  ? 702 HOH A O   1 
HETATM 1079 O  O   . HOH C 3 .   ? -5.689  3.421   -4.816  1.00 53.24  ? 703 HOH A O   1 
HETATM 1080 O  O   . HOH C 3 .   ? 17.049  -5.449  -5.645  1.00 46.91  ? 704 HOH A O   1 
HETATM 1081 O  O   . HOH C 3 .   ? -5.399  12.141  1.571   1.00 37.34  ? 705 HOH A O   1 
HETATM 1082 O  O   . HOH C 3 .   ? -8.058  3.962   12.660  1.00 31.95  ? 706 HOH A O   1 
HETATM 1083 O  O   . HOH C 3 .   ? -16.027 9.965   14.866  1.00 47.36  ? 707 HOH A O   1 
HETATM 1084 O  O   . HOH C 3 .   ? -18.697 11.160  4.339   1.00 59.93  ? 708 HOH A O   1 
HETATM 1085 O  O   . HOH C 3 .   ? -11.731 -7.238  5.576   1.00 69.04  ? 709 HOH A O   1 
HETATM 1086 O  O   . HOH C 3 .   ? 30.832  -6.189  -16.070 1.00 46.88  ? 710 HOH A O   1 
HETATM 1087 O  O   . HOH C 3 .   ? -22.463 -1.681  18.461  1.00 39.20  ? 711 HOH A O   1 
HETATM 1088 O  O   . HOH C 3 .   ? 23.013  -6.397  -3.061  1.00 37.30  ? 712 HOH A O   1 
HETATM 1089 O  O   . HOH C 3 .   ? 21.451  2.672   -12.051 1.00 54.43  ? 713 HOH A O   1 
HETATM 1090 O  O   . HOH C 3 .   ? 12.792  -11.682 2.857   1.00 52.22  ? 714 HOH A O   1 
HETATM 1091 O  O   . HOH C 3 .   ? -9.181  6.653   12.372  1.00 26.80  ? 715 HOH A O   1 
HETATM 1092 O  O   . HOH C 3 .   ? -0.989  -0.481  -1.335  1.00 55.37  ? 716 HOH A O   1 
HETATM 1093 O  O   . HOH C 3 .   ? 32.949  -9.391  -6.747  1.00 48.02  ? 717 HOH A O   1 
HETATM 1094 O  O   . HOH C 3 .   ? 30.072  -2.177  -11.861 1.00 62.27  ? 718 HOH A O   1 
HETATM 1095 O  O   . HOH C 3 .   ? 30.716  -7.426  -2.880  1.00 40.51  ? 719 HOH A O   1 
HETATM 1096 O  O   . HOH C 3 .   ? 12.834  3.917   -11.399 1.00 49.67  ? 720 HOH A O   1 
HETATM 1097 O  O   . HOH C 3 .   ? -10.605 15.042  1.732   1.00 35.73  ? 721 HOH A O   1 
# 
